data_6TGW
#
_entry.id   6TGW
#
_cell.length_a   81.030
_cell.length_b   158.475
_cell.length_c   168.646
_cell.angle_alpha   90.000
_cell.angle_beta   90.000
_cell.angle_gamma   90.000
#
_symmetry.space_group_name_H-M   'P 21 21 21'
#
loop_
_entity.id
_entity.type
_entity.pdbx_description
1 polymer 'Aldehyde dehydrogenase family 1 member A3'
2 non-polymer NICOTINAMIDE-ADENINE-DINUCLEOTIDE
3 non-polymer 'methyl 5-(1,3-benzodioxol-5-yl)-2-phenyl-pyrazolo[1,5-a]pyrimidine-7-carboxylate'
4 water water
#
_entity_poly.entity_id   1
_entity_poly.type   'polypeptide(L)'
_entity_poly.pdbx_seq_one_letter_code
;MATANGAVENGQPDRKPPALPRPIRNLEVKFTKIFINNEWHESKSGKKFATCNPSTREQICEVEEGDKPDVDKAVEAAQV
AFQRGSPWRRLDALSRGRLLHQLADLVERDRATLAALETMDTGKPFLHAFFIDLEGCIRTLRYFAGWADKIQGKTIPTDD
NVVCFTRHEPIGVCGAITPWNFPLLMLVWKLAPALCCGNTMVLKPAEQTPLTALYLGSLIKEAGFPPGVVNIVPGFGPTV
GAAISSHPQINKIAFTGSTEVGKLVKEAASRSNLKRVTLELGGKNPCIVCADADLDLAVECAHQGVFFNQGQCCTAASRV
FVEEQVYSEFVRRSVEYAKKRPVGDPFDVKTEQGPQIDQKQFDKILELIESGKKEGAKLECGGSAMEDKGLFIKPTVFSE
VTDNMRIAKEEIFGPVQPILKFKSIEEVIKRANSTDYGLTAAVFTKNLDKALKLASALESGTVWINCYNALYAQAPFGGF
KMSGNGRELGEYALAEYTEVKTVTIKLGDKNP
;
_entity_poly.pdbx_strand_id   A,B,C,D
#
# COMPACT_ATOMS: atom_id res chain seq x y z
N LEU A 27 3.69 20.02 44.60
CA LEU A 27 2.83 19.05 43.90
C LEU A 27 3.02 17.64 44.42
N GLU A 28 1.93 16.98 44.83
CA GLU A 28 2.05 15.73 45.55
C GLU A 28 1.72 14.53 44.67
N VAL A 29 2.62 13.54 44.70
CA VAL A 29 2.44 12.28 43.98
C VAL A 29 1.29 11.49 44.57
N LYS A 30 0.39 11.01 43.71
CA LYS A 30 -0.75 10.22 44.15
C LYS A 30 -0.64 8.73 43.80
N PHE A 31 0.14 8.36 42.80
CA PHE A 31 0.11 7.01 42.26
C PHE A 31 1.47 6.35 42.45
N THR A 32 1.50 5.32 43.29
CA THR A 32 2.71 4.69 43.79
C THR A 32 2.75 3.19 43.63
N LYS A 33 1.63 2.54 43.32
CA LYS A 33 1.49 1.10 43.42
C LYS A 33 1.43 0.44 42.03
N ILE A 34 1.28 -0.91 42.06
CA ILE A 34 1.27 -1.75 40.86
C ILE A 34 -0.14 -1.82 40.27
N PHE A 35 -0.21 -1.75 38.94
CA PHE A 35 -1.44 -1.51 38.20
C PHE A 35 -1.75 -2.74 37.37
N ILE A 36 -2.82 -3.45 37.72
CA ILE A 36 -3.12 -4.75 37.12
C ILE A 36 -4.63 -4.95 37.19
N ASN A 37 -5.26 -5.21 36.05
CA ASN A 37 -6.72 -5.31 35.98
C ASN A 37 -7.38 -4.04 36.50
N ASN A 38 -6.78 -2.90 36.21
CA ASN A 38 -7.36 -1.60 36.53
C ASN A 38 -7.47 -1.38 38.01
N GLU A 39 -6.71 -2.11 38.80
CA GLU A 39 -6.70 -1.98 40.25
C GLU A 39 -5.27 -1.78 40.73
N TRP A 40 -5.13 -1.03 41.81
CA TRP A 40 -3.82 -0.74 42.40
C TRP A 40 -3.45 -1.82 43.40
N HIS A 41 -2.17 -2.19 43.42
CA HIS A 41 -1.72 -3.36 44.16
C HIS A 41 -0.37 -3.08 44.81
N GLU A 42 -0.18 -3.64 46.02
CA GLU A 42 1.13 -3.70 46.66
C GLU A 42 1.97 -4.84 46.09
N SER A 43 3.29 -4.68 46.16
CA SER A 43 4.18 -5.75 45.72
C SER A 43 3.95 -7.03 46.52
N LYS A 44 3.97 -8.17 45.83
CA LYS A 44 3.90 -9.47 46.52
C LYS A 44 4.92 -9.55 47.66
N SER A 45 6.09 -8.95 47.48
CA SER A 45 7.13 -9.04 48.49
C SER A 45 6.94 -8.06 49.63
N GLY A 46 6.20 -6.97 49.41
CA GLY A 46 6.14 -5.86 50.33
C GLY A 46 7.22 -4.81 50.12
N LYS A 47 8.31 -5.16 49.44
CA LYS A 47 9.39 -4.22 49.18
C LYS A 47 8.91 -2.99 48.39
N LYS A 48 9.67 -1.89 48.51
CA LYS A 48 9.48 -0.69 47.71
C LYS A 48 10.82 -0.03 47.45
N PHE A 49 10.89 0.78 46.41
CA PHE A 49 12.09 1.54 46.12
C PHE A 49 11.76 3.03 46.03
N ALA A 50 12.74 3.86 46.34
CA ALA A 50 12.56 5.31 46.33
C ALA A 50 12.93 5.87 44.97
N THR A 51 12.34 7.02 44.62
CA THR A 51 12.70 7.78 43.43
C THR A 51 13.02 9.19 43.86
N CYS A 52 14.06 9.77 43.27
CA CYS A 52 14.62 11.03 43.76
C CYS A 52 14.65 12.11 42.68
N ASN A 53 14.65 13.35 43.15
CA ASN A 53 14.57 14.53 42.30
C ASN A 53 15.97 15.01 41.98
N PRO A 54 16.46 14.84 40.75
CA PRO A 54 17.81 15.31 40.44
C PRO A 54 18.00 16.78 40.69
N SER A 55 16.93 17.58 40.58
CA SER A 55 17.05 19.01 40.80
C SER A 55 17.48 19.31 42.23
N THR A 56 17.13 18.43 43.17
CA THR A 56 17.38 18.63 44.58
C THR A 56 18.35 17.62 45.21
N ARG A 57 18.48 16.40 44.62
CA ARG A 57 19.25 15.24 45.08
C ARG A 57 18.45 14.45 46.11
N GLU A 58 17.24 14.91 46.43
CA GLU A 58 16.43 14.45 47.56
C GLU A 58 15.37 13.54 47.14
N GLN A 59 14.83 12.86 48.12
CA GLN A 59 13.89 11.80 47.82
C GLN A 59 12.50 12.35 47.50
N ILE A 60 11.86 11.83 46.45
CA ILE A 60 10.51 12.28 46.12
C ILE A 60 9.45 11.42 46.81
N CYS A 61 9.52 10.10 46.67
CA CYS A 61 8.58 9.24 47.37
C CYS A 61 9.04 7.78 47.20
N GLU A 62 8.24 6.87 47.76
CA GLU A 62 8.45 5.43 47.63
C GLU A 62 7.45 4.83 46.65
N VAL A 63 7.91 3.81 45.92
CA VAL A 63 7.16 3.15 44.86
C VAL A 63 7.20 1.65 45.13
N GLU A 64 6.05 0.99 44.98
CA GLU A 64 6.01 -0.46 45.10
C GLU A 64 6.96 -1.09 44.10
N GLU A 65 7.82 -1.99 44.58
CA GLU A 65 8.84 -2.62 43.76
C GLU A 65 8.40 -4.03 43.44
N GLY A 66 8.08 -4.28 42.18
CA GLY A 66 7.60 -5.58 41.78
C GLY A 66 8.72 -6.58 41.50
N ASP A 67 8.31 -7.80 41.22
CA ASP A 67 9.25 -8.85 40.86
C ASP A 67 8.48 -9.90 40.06
N LYS A 68 9.22 -10.91 39.61
CA LYS A 68 8.68 -12.04 38.86
C LYS A 68 7.31 -12.47 39.37
N PRO A 69 7.08 -12.55 40.68
CA PRO A 69 5.70 -12.83 41.15
C PRO A 69 4.67 -11.84 40.63
N ASP A 70 4.95 -10.54 40.73
CA ASP A 70 4.01 -9.54 40.23
C ASP A 70 3.94 -9.55 38.71
N VAL A 71 5.07 -9.77 38.04
CA VAL A 71 5.07 -9.92 36.60
C VAL A 71 4.11 -11.02 36.17
N ASP A 72 4.22 -12.19 36.80
CA ASP A 72 3.39 -13.31 36.42
C ASP A 72 1.92 -12.93 36.50
N LYS A 73 1.57 -12.19 37.56
CA LYS A 73 0.18 -11.78 37.72
C LYS A 73 -0.26 -10.83 36.61
N ALA A 74 0.61 -9.88 36.22
CA ALA A 74 0.29 -8.98 35.13
C ALA A 74 0.08 -9.73 33.82
N VAL A 75 0.96 -10.69 33.51
CA VAL A 75 0.85 -11.41 32.24
C VAL A 75 -0.47 -12.17 32.16
N GLU A 76 -0.92 -12.74 33.28
CA GLU A 76 -2.20 -13.43 33.28
C GLU A 76 -3.33 -12.47 32.96
N ALA A 77 -3.33 -11.30 33.60
CA ALA A 77 -4.32 -10.28 33.28
C ALA A 77 -4.34 -9.99 31.79
N ALA A 78 -3.17 -9.71 31.20
CA ALA A 78 -3.13 -9.42 29.77
C ALA A 78 -3.63 -10.60 28.95
N GLN A 79 -3.29 -11.83 29.37
CA GLN A 79 -3.76 -13.02 28.66
C GLN A 79 -5.29 -13.09 28.67
N VAL A 80 -5.89 -12.94 29.84
CA VAL A 80 -7.34 -13.10 29.95
C VAL A 80 -8.05 -12.01 29.17
N ALA A 81 -7.54 -10.78 29.23
CA ALA A 81 -8.15 -9.71 28.47
C ALA A 81 -7.93 -9.89 26.97
N PHE A 82 -6.83 -10.54 26.57
CA PHE A 82 -6.66 -10.85 25.16
C PHE A 82 -7.37 -12.11 24.74
N GLN A 83 -7.90 -12.89 25.67
CA GLN A 83 -8.60 -14.13 25.35
C GLN A 83 -9.72 -13.88 24.36
N ARG A 84 -9.90 -14.82 23.43
CA ARG A 84 -11.01 -14.74 22.49
C ARG A 84 -12.32 -14.60 23.24
N GLY A 85 -13.20 -13.75 22.74
CA GLY A 85 -14.46 -13.49 23.40
C GLY A 85 -14.42 -12.47 24.51
N SER A 86 -13.23 -12.03 24.93
CA SER A 86 -13.13 -10.97 25.90
C SER A 86 -13.69 -9.67 25.35
N PRO A 87 -14.18 -8.79 26.22
CA PRO A 87 -14.64 -7.47 25.76
C PRO A 87 -13.65 -6.77 24.84
N TRP A 88 -12.37 -6.72 25.21
CA TRP A 88 -11.39 -6.02 24.39
C TRP A 88 -11.34 -6.60 22.97
N ARG A 89 -11.45 -7.91 22.84
CA ARG A 89 -11.40 -8.50 21.52
C ARG A 89 -12.70 -8.34 20.79
N ARG A 90 -13.79 -8.23 21.52
CA ARG A 90 -15.09 -8.08 20.90
C ARG A 90 -15.32 -6.66 20.35
N LEU A 91 -14.51 -5.69 20.77
CA LEU A 91 -14.67 -4.34 20.27
C LEU A 91 -14.42 -4.30 18.77
N ASP A 92 -15.19 -3.46 18.09
CA ASP A 92 -14.86 -3.19 16.70
C ASP A 92 -13.68 -2.24 16.61
N ALA A 93 -13.01 -2.29 15.46
CA ALA A 93 -11.76 -1.57 15.28
C ALA A 93 -11.92 -0.08 15.56
N LEU A 94 -13.04 0.52 15.10
CA LEU A 94 -13.15 1.96 15.26
C LEU A 94 -13.29 2.37 16.74
N SER A 95 -13.78 1.46 17.57
CA SER A 95 -13.87 1.76 19.00
C SER A 95 -12.50 1.75 19.67
N ARG A 96 -11.57 0.91 19.20
CA ARG A 96 -10.19 1.04 19.65
C ARG A 96 -9.66 2.45 19.40
N GLY A 97 -10.01 3.01 18.24
CA GLY A 97 -9.67 4.39 17.97
C GLY A 97 -10.28 5.39 18.93
N ARG A 98 -11.60 5.27 19.20
CA ARG A 98 -12.25 6.18 20.14
C ARG A 98 -11.56 6.16 21.50
N LEU A 99 -11.25 4.96 22.00
CA LEU A 99 -10.60 4.84 23.30
C LEU A 99 -9.23 5.51 23.32
N LEU A 100 -8.52 5.49 22.20
CA LEU A 100 -7.25 6.19 22.15
C LEU A 100 -7.46 7.69 22.08
N HIS A 101 -8.49 8.15 21.34
CA HIS A 101 -8.78 9.57 21.32
C HIS A 101 -9.21 10.06 22.70
N GLN A 102 -9.92 9.22 23.44
CA GLN A 102 -10.37 9.60 24.76
C GLN A 102 -9.18 9.73 25.72
N LEU A 103 -8.24 8.77 25.65
CA LEU A 103 -7.05 8.84 26.50
C LEU A 103 -6.22 10.08 26.20
N ALA A 104 -6.04 10.40 24.91
CA ALA A 104 -5.28 11.59 24.55
C ALA A 104 -5.92 12.83 25.13
N ASP A 105 -7.25 12.89 25.06
CA ASP A 105 -7.99 13.98 25.67
C ASP A 105 -7.68 14.12 27.15
N LEU A 106 -7.61 12.99 27.85
CA LEU A 106 -7.26 13.00 29.27
C LEU A 106 -5.84 13.51 29.48
N VAL A 107 -4.89 13.07 28.64
CA VAL A 107 -3.52 13.55 28.82
C VAL A 107 -3.44 15.05 28.56
N GLU A 108 -4.22 15.55 27.59
CA GLU A 108 -4.25 17.00 27.36
C GLU A 108 -4.91 17.73 28.52
N ARG A 109 -5.95 17.13 29.10
CA ARG A 109 -6.60 17.75 30.26
C ARG A 109 -5.62 17.94 31.42
N ASP A 110 -4.84 16.90 31.73
CA ASP A 110 -3.87 16.93 32.82
C ASP A 110 -2.47 17.12 32.29
N ARG A 111 -2.30 17.92 31.24
CA ARG A 111 -1.01 18.15 30.61
C ARG A 111 0.03 18.69 31.60
N ALA A 112 -0.31 19.75 32.32
CA ALA A 112 0.70 20.39 33.17
C ALA A 112 1.14 19.51 34.34
N THR A 113 0.24 18.66 34.85
CA THR A 113 0.56 17.75 35.94
C THR A 113 1.55 16.68 35.50
N LEU A 114 1.29 16.06 34.33
CA LEU A 114 2.20 15.04 33.82
C LEU A 114 3.55 15.64 33.52
N ALA A 115 3.55 16.83 32.91
CA ALA A 115 4.78 17.57 32.64
C ALA A 115 5.57 17.82 33.92
N ALA A 116 4.87 18.10 35.02
CA ALA A 116 5.52 18.41 36.28
C ALA A 116 6.09 17.17 36.95
N LEU A 117 5.27 16.12 37.03
CA LEU A 117 5.76 14.82 37.50
C LEU A 117 7.02 14.40 36.77
N GLU A 118 7.06 14.67 35.47
CA GLU A 118 8.21 14.25 34.69
C GLU A 118 9.41 15.12 35.02
N THR A 119 9.19 16.42 35.22
CA THR A 119 10.28 17.31 35.60
C THR A 119 10.84 16.94 36.98
N MET A 120 9.96 16.63 37.93
CA MET A 120 10.42 16.18 39.25
C MET A 120 11.31 14.96 39.16
N ASP A 121 11.08 14.09 38.20
CA ASP A 121 11.75 12.81 38.19
C ASP A 121 13.00 12.78 37.33
N THR A 122 13.15 13.75 36.42
CA THR A 122 14.21 13.71 35.42
C THR A 122 15.08 14.94 35.44
N GLY A 123 14.64 16.03 36.08
CA GLY A 123 15.41 17.25 36.11
C GLY A 123 15.28 18.13 34.88
N LYS A 124 14.36 17.80 34.01
CA LYS A 124 14.03 18.40 32.73
C LYS A 124 13.33 19.74 32.94
N PRO A 125 13.63 20.75 32.13
CA PRO A 125 12.86 22.00 32.19
C PRO A 125 11.36 21.77 32.04
N PHE A 126 10.58 22.38 32.94
CA PHE A 126 9.14 22.20 32.86
C PHE A 126 8.60 22.48 31.46
N LEU A 127 8.98 23.63 30.89
CA LEU A 127 8.46 24.01 29.58
C LEU A 127 8.80 22.97 28.52
N HIS A 128 9.99 22.40 28.60
CA HIS A 128 10.35 21.32 27.70
C HIS A 128 9.50 20.09 27.95
N ALA A 129 9.22 19.79 29.23
CA ALA A 129 8.31 18.72 29.55
C ALA A 129 6.92 19.04 29.01
N PHE A 130 6.55 20.31 29.06
CA PHE A 130 5.18 20.70 28.71
C PHE A 130 4.99 20.84 27.21
N PHE A 131 5.95 21.43 26.50
CA PHE A 131 5.76 21.73 25.08
C PHE A 131 6.38 20.69 24.16
N ILE A 132 7.23 19.81 24.68
CA ILE A 132 7.83 18.81 23.82
C ILE A 132 7.32 17.44 24.24
N ASP A 133 7.86 16.89 25.34
CA ASP A 133 7.46 15.56 25.79
C ASP A 133 5.96 15.33 25.69
N LEU A 134 5.18 16.25 26.26
CA LEU A 134 3.75 16.02 26.37
C LEU A 134 3.08 16.20 25.02
N GLU A 135 3.55 17.18 24.25
CA GLU A 135 3.02 17.38 22.91
C GLU A 135 3.27 16.16 22.04
N GLY A 136 4.43 15.52 22.24
CA GLY A 136 4.72 14.30 21.52
C GLY A 136 3.82 13.18 21.97
N CYS A 137 3.44 13.18 23.25
CA CYS A 137 2.55 12.11 23.71
C CYS A 137 1.16 12.27 23.12
N ILE A 138 0.69 13.52 23.00
CA ILE A 138 -0.66 13.77 22.53
C ILE A 138 -0.73 13.56 21.02
N ARG A 139 0.32 13.92 20.31
CA ARG A 139 0.30 13.70 18.87
C ARG A 139 0.40 12.21 18.55
N THR A 140 1.14 11.46 19.35
CA THR A 140 1.28 10.03 19.09
C THR A 140 -0.03 9.31 19.35
N LEU A 141 -0.61 9.53 20.54
CA LEU A 141 -1.91 8.94 20.86
C LEU A 141 -2.95 9.26 19.78
N ARG A 142 -3.00 10.51 19.32
CA ARG A 142 -4.00 10.85 18.30
C ARG A 142 -3.66 10.21 16.97
N TYR A 143 -2.39 10.22 16.56
CA TYR A 143 -2.02 9.64 15.27
C TYR A 143 -2.38 8.17 15.20
N PHE A 144 -2.00 7.40 16.21
CA PHE A 144 -2.32 5.98 16.17
C PHE A 144 -3.79 5.70 16.48
N ALA A 145 -4.53 6.67 16.99
CA ALA A 145 -5.98 6.46 17.07
C ALA A 145 -6.55 6.33 15.68
N GLY A 146 -5.98 7.07 14.73
CA GLY A 146 -6.44 7.08 13.36
C GLY A 146 -6.11 5.82 12.60
N TRP A 147 -5.21 4.99 13.09
CA TRP A 147 -4.86 3.77 12.38
C TRP A 147 -5.80 2.61 12.68
N ALA A 148 -6.60 2.71 13.75
CA ALA A 148 -7.23 1.53 14.33
C ALA A 148 -8.18 0.82 13.36
N ASP A 149 -9.04 1.59 12.68
CA ASP A 149 -9.91 0.99 11.66
C ASP A 149 -9.30 1.08 10.25
N LYS A 150 -7.96 1.16 10.15
CA LYS A 150 -7.30 1.29 8.85
C LYS A 150 -6.13 0.31 8.70
N ILE A 151 -6.06 -0.73 9.53
CA ILE A 151 -5.03 -1.77 9.41
C ILE A 151 -5.55 -2.82 8.43
N GLN A 152 -5.01 -2.83 7.21
CA GLN A 152 -5.58 -3.65 6.15
C GLN A 152 -4.57 -4.71 5.70
N GLY A 153 -5.06 -5.93 5.54
CA GLY A 153 -4.32 -6.98 4.88
C GLY A 153 -4.57 -6.94 3.39
N LYS A 154 -4.36 -8.07 2.72
CA LYS A 154 -4.39 -8.08 1.28
C LYS A 154 -5.25 -9.21 0.75
N THR A 155 -5.81 -9.00 -0.44
CA THR A 155 -6.40 -10.05 -1.24
C THR A 155 -5.43 -10.33 -2.37
N ILE A 156 -5.05 -11.59 -2.55
CA ILE A 156 -3.93 -11.97 -3.41
C ILE A 156 -4.47 -12.79 -4.58
N PRO A 157 -4.18 -12.41 -5.81
CA PRO A 157 -4.62 -13.21 -6.97
C PRO A 157 -3.71 -14.40 -7.17
N THR A 158 -4.32 -15.58 -7.31
CA THR A 158 -3.55 -16.78 -7.61
C THR A 158 -4.15 -17.51 -8.81
N ASP A 159 -5.01 -18.46 -8.53
CA ASP A 159 -5.59 -19.31 -9.54
C ASP A 159 -7.09 -19.00 -9.64
N ASP A 160 -7.69 -19.57 -10.69
CA ASP A 160 -9.08 -19.26 -11.05
C ASP A 160 -10.04 -19.60 -9.92
N ASN A 161 -9.80 -20.73 -9.25
CA ASN A 161 -10.74 -21.29 -8.28
C ASN A 161 -10.29 -21.10 -6.83
N VAL A 162 -9.37 -20.17 -6.56
CA VAL A 162 -8.80 -20.00 -5.23
C VAL A 162 -9.02 -18.58 -4.73
N VAL A 163 -9.44 -18.48 -3.46
CA VAL A 163 -9.48 -17.23 -2.72
C VAL A 163 -8.32 -17.26 -1.72
N CYS A 164 -7.44 -16.30 -1.82
CA CYS A 164 -6.34 -16.21 -0.87
C CYS A 164 -6.26 -14.77 -0.38
N PHE A 165 -6.16 -14.60 0.93
CA PHE A 165 -6.03 -13.26 1.49
C PHE A 165 -5.22 -13.33 2.77
N THR A 166 -4.86 -12.15 3.30
CA THR A 166 -4.07 -12.07 4.53
C THR A 166 -4.74 -11.17 5.57
N ARG A 167 -4.43 -11.49 6.82
CA ARG A 167 -4.92 -10.78 8.00
C ARG A 167 -3.73 -10.27 8.77
N HIS A 168 -3.80 -9.01 9.18
CA HIS A 168 -2.82 -8.47 10.11
C HIS A 168 -3.47 -8.61 11.48
N GLU A 169 -3.26 -9.75 12.10
CA GLU A 169 -3.88 -10.03 13.39
C GLU A 169 -3.05 -9.44 14.53
N PRO A 170 -3.63 -9.29 15.71
CA PRO A 170 -2.85 -8.80 16.85
C PRO A 170 -1.87 -9.86 17.35
N ILE A 171 -0.67 -9.41 17.75
CA ILE A 171 0.38 -10.33 18.16
C ILE A 171 0.05 -11.00 19.48
N GLY A 172 -0.58 -10.27 20.41
CA GLY A 172 -0.96 -10.85 21.67
C GLY A 172 -0.56 -10.00 22.88
N VAL A 173 0.06 -10.64 23.87
CA VAL A 173 0.58 -9.92 25.02
C VAL A 173 1.93 -9.32 24.65
N CYS A 174 2.01 -7.99 24.69
CA CYS A 174 3.24 -7.26 24.37
C CYS A 174 3.81 -6.65 25.64
N GLY A 175 5.07 -6.94 25.93
CA GLY A 175 5.79 -6.24 26.98
C GLY A 175 6.54 -5.03 26.45
N ALA A 176 6.74 -4.04 27.32
CA ALA A 176 7.35 -2.78 26.92
C ALA A 176 8.26 -2.28 28.03
N ILE A 177 9.50 -1.92 27.68
CA ILE A 177 10.51 -1.52 28.64
C ILE A 177 11.14 -0.23 28.15
N THR A 178 11.06 0.83 28.96
CA THR A 178 11.47 2.19 28.60
C THR A 178 12.62 2.72 29.46
N PRO A 179 13.36 3.76 28.98
CA PRO A 179 14.46 4.34 29.77
C PRO A 179 14.03 5.59 30.54
N TRP A 180 14.99 6.22 31.24
CA TRP A 180 14.68 7.30 32.17
C TRP A 180 14.70 8.68 31.53
N ASN A 181 15.20 8.80 30.30
CA ASN A 181 15.42 10.12 29.71
C ASN A 181 14.19 10.71 29.03
N PHE A 182 13.18 9.91 28.70
CA PHE A 182 11.93 10.40 28.15
C PHE A 182 10.81 9.46 28.59
N PRO A 183 10.60 9.36 29.90
CA PRO A 183 9.75 8.31 30.47
C PRO A 183 8.38 8.13 29.83
N LEU A 184 7.57 9.18 29.86
CA LEU A 184 6.24 9.10 29.27
C LEU A 184 6.32 8.91 27.76
N LEU A 185 7.15 9.70 27.10
CA LEU A 185 7.21 9.68 25.64
C LEU A 185 7.53 8.28 25.10
N MET A 186 8.56 7.64 25.63
CA MET A 186 8.94 6.34 25.07
C MET A 186 7.91 5.26 25.40
N LEU A 187 7.21 5.39 26.52
CA LEU A 187 6.14 4.46 26.80
C LEU A 187 5.04 4.60 25.74
N VAL A 188 4.66 5.84 25.43
CA VAL A 188 3.58 6.10 24.48
C VAL A 188 3.94 5.59 23.11
N TRP A 189 5.21 5.75 22.70
CA TRP A 189 5.65 5.27 21.40
C TRP A 189 5.41 3.78 21.20
N LYS A 190 5.33 2.99 22.27
CA LYS A 190 4.96 1.59 22.15
C LYS A 190 3.48 1.34 22.41
N LEU A 191 2.89 2.00 23.42
CA LEU A 191 1.52 1.68 23.80
C LEU A 191 0.52 2.16 22.75
N ALA A 192 0.74 3.33 22.15
CA ALA A 192 -0.20 3.79 21.15
C ALA A 192 -0.34 2.83 19.98
N PRO A 193 0.73 2.39 19.31
CA PRO A 193 0.53 1.38 18.25
C PRO A 193 0.08 0.03 18.78
N ALA A 194 0.49 -0.35 19.98
CA ALA A 194 0.13 -1.66 20.50
C ALA A 194 -1.38 -1.77 20.76
N LEU A 195 -1.97 -0.76 21.38
CA LEU A 195 -3.40 -0.79 21.64
C LEU A 195 -4.21 -0.59 20.36
N CYS A 196 -3.76 0.34 19.53
CA CYS A 196 -4.33 0.57 18.22
C CYS A 196 -4.60 -0.73 17.46
N CYS A 197 -3.64 -1.67 17.48
CA CYS A 197 -3.80 -2.94 16.78
C CYS A 197 -4.51 -3.99 17.61
N GLY A 198 -4.90 -3.67 18.85
CA GLY A 198 -5.66 -4.61 19.66
C GLY A 198 -4.86 -5.60 20.47
N ASN A 199 -3.64 -5.26 20.87
CA ASN A 199 -2.90 -6.14 21.76
C ASN A 199 -3.26 -5.83 23.21
N THR A 200 -2.61 -6.52 24.14
CA THR A 200 -2.60 -6.13 25.55
C THR A 200 -1.14 -6.09 26.01
N MET A 201 -0.88 -5.40 27.10
CA MET A 201 0.50 -5.01 27.39
C MET A 201 0.84 -5.16 28.87
N VAL A 202 2.12 -5.41 29.13
CA VAL A 202 2.72 -5.26 30.44
C VAL A 202 3.84 -4.23 30.31
N LEU A 203 3.78 -3.15 31.09
CA LEU A 203 4.75 -2.07 30.96
C LEU A 203 5.74 -2.06 32.12
N LYS A 204 6.94 -1.62 31.84
CA LYS A 204 7.89 -1.39 32.91
C LYS A 204 8.64 -0.08 32.71
N PRO A 205 8.44 0.92 33.57
CA PRO A 205 9.29 2.13 33.55
C PRO A 205 10.71 1.81 33.99
N ALA A 206 11.58 2.78 33.80
CA ALA A 206 12.90 2.71 34.44
C ALA A 206 12.76 2.88 35.94
N GLU A 207 13.70 2.30 36.71
CA GLU A 207 13.64 2.45 38.16
C GLU A 207 13.83 3.91 38.57
N GLN A 208 14.54 4.69 37.77
CA GLN A 208 14.79 6.09 38.10
C GLN A 208 13.59 7.00 37.88
N THR A 209 12.62 6.63 37.04
CA THR A 209 11.48 7.49 36.72
C THR A 209 10.24 6.63 36.56
N PRO A 210 9.60 6.24 37.66
CA PRO A 210 8.33 5.49 37.55
C PRO A 210 7.09 6.35 37.55
N LEU A 211 7.21 7.65 37.85
CA LEU A 211 6.06 8.39 38.34
C LEU A 211 5.02 8.60 37.25
N THR A 212 5.48 9.01 36.08
CA THR A 212 4.54 9.39 35.03
C THR A 212 3.89 8.18 34.38
N ALA A 213 4.66 7.13 34.09
CA ALA A 213 4.05 5.86 33.70
C ALA A 213 2.87 5.51 34.60
N LEU A 214 3.05 5.65 35.92
CA LEU A 214 2.00 5.21 36.82
C LEU A 214 0.82 6.16 36.79
N TYR A 215 1.09 7.46 36.70
CA TYR A 215 -0.03 8.39 36.58
C TYR A 215 -0.82 8.09 35.32
N LEU A 216 -0.13 7.84 34.21
CA LEU A 216 -0.83 7.48 32.98
C LEU A 216 -1.83 6.36 33.21
N GLY A 217 -1.43 5.34 33.98
CA GLY A 217 -2.31 4.20 34.20
C GLY A 217 -3.65 4.61 34.79
N SER A 218 -3.65 5.62 35.67
CA SER A 218 -4.92 6.10 36.21
C SER A 218 -5.79 6.70 35.11
N LEU A 219 -5.19 7.42 34.15
CA LEU A 219 -5.95 7.92 33.01
C LEU A 219 -6.47 6.79 32.14
N ILE A 220 -5.71 5.70 32.04
CA ILE A 220 -6.15 4.56 31.25
C ILE A 220 -7.44 3.98 31.82
N LYS A 221 -7.53 3.88 33.16
CA LYS A 221 -8.79 3.47 33.78
C LYS A 221 -9.90 4.45 33.44
N GLU A 222 -9.61 5.75 33.51
CA GLU A 222 -10.64 6.76 33.34
C GLU A 222 -11.14 6.85 31.90
N ALA A 223 -10.35 6.41 30.92
CA ALA A 223 -10.82 6.46 29.55
C ALA A 223 -11.79 5.35 29.22
N GLY A 224 -11.73 4.22 29.93
CA GLY A 224 -12.61 3.11 29.69
C GLY A 224 -12.01 1.85 29.10
N PHE A 225 -10.68 1.71 29.13
CA PHE A 225 -10.07 0.48 28.63
C PHE A 225 -10.44 -0.71 29.51
N PRO A 226 -10.84 -1.84 28.93
CA PRO A 226 -11.20 -2.99 29.74
C PRO A 226 -10.05 -3.44 30.63
N PRO A 227 -10.36 -3.97 31.82
CA PRO A 227 -9.32 -4.44 32.73
C PRO A 227 -8.41 -5.46 32.08
N GLY A 228 -7.12 -5.34 32.34
CA GLY A 228 -6.13 -6.24 31.79
C GLY A 228 -5.53 -5.79 30.48
N VAL A 229 -6.11 -4.80 29.81
CA VAL A 229 -5.57 -4.39 28.52
C VAL A 229 -4.19 -3.76 28.70
N VAL A 230 -4.03 -2.95 29.76
CA VAL A 230 -2.72 -2.42 30.13
C VAL A 230 -2.47 -2.69 31.61
N ASN A 231 -1.26 -3.17 31.91
CA ASN A 231 -0.78 -3.41 33.26
C ASN A 231 0.63 -2.85 33.41
N ILE A 232 0.95 -2.35 34.60
CA ILE A 232 2.23 -1.70 34.85
C ILE A 232 2.88 -2.32 36.06
N VAL A 233 4.14 -2.73 35.93
CA VAL A 233 4.88 -3.29 37.05
C VAL A 233 6.23 -2.61 37.19
N PRO A 234 6.34 -1.54 37.97
CA PRO A 234 7.64 -0.89 38.17
C PRO A 234 8.61 -1.77 38.95
N GLY A 235 9.89 -1.48 38.77
CA GLY A 235 10.94 -2.29 39.35
C GLY A 235 12.25 -2.13 38.59
N PHE A 236 13.18 -3.04 38.87
CA PHE A 236 14.53 -2.92 38.36
C PHE A 236 14.76 -3.82 37.14
N GLY A 237 15.78 -3.46 36.37
CA GLY A 237 16.11 -4.18 35.17
C GLY A 237 16.27 -5.68 35.36
N PRO A 238 17.34 -6.11 36.02
CA PRO A 238 17.61 -7.55 36.15
C PRO A 238 16.51 -8.31 36.86
N THR A 239 15.53 -7.63 37.44
CA THR A 239 14.54 -8.31 38.23
C THR A 239 13.21 -8.30 37.48
N VAL A 240 12.54 -7.16 37.37
CA VAL A 240 11.26 -7.13 36.68
C VAL A 240 11.45 -7.19 35.18
N GLY A 241 12.50 -6.53 34.70
CA GLY A 241 12.72 -6.47 33.26
C GLY A 241 13.10 -7.81 32.69
N ALA A 242 13.92 -8.57 33.40
CA ALA A 242 14.28 -9.89 32.90
C ALA A 242 13.08 -10.85 32.96
N ALA A 243 12.23 -10.72 33.98
CA ALA A 243 11.04 -11.56 34.03
C ALA A 243 10.16 -11.32 32.80
N ILE A 244 10.14 -10.10 32.29
CA ILE A 244 9.32 -9.83 31.11
C ILE A 244 9.97 -10.45 29.88
N SER A 245 11.24 -10.11 29.65
CA SER A 245 11.93 -10.61 28.47
C SER A 245 11.95 -12.13 28.40
N SER A 246 11.92 -12.81 29.54
CA SER A 246 12.00 -14.25 29.61
C SER A 246 10.66 -14.94 29.64
N HIS A 247 9.56 -14.19 29.72
CA HIS A 247 8.28 -14.78 30.10
C HIS A 247 7.74 -15.71 29.02
N PRO A 248 7.38 -16.94 29.38
CA PRO A 248 6.85 -17.90 28.38
C PRO A 248 5.49 -17.55 27.79
N GLN A 249 4.81 -16.51 28.29
CA GLN A 249 3.48 -16.16 27.78
C GLN A 249 3.37 -14.71 27.34
N ILE A 250 4.50 -14.01 27.17
CA ILE A 250 4.55 -12.73 26.51
C ILE A 250 4.97 -12.99 25.08
N ASN A 251 4.25 -12.38 24.13
CA ASN A 251 4.45 -12.68 22.71
C ASN A 251 5.38 -11.72 22.00
N LYS A 252 5.59 -10.54 22.56
CA LYS A 252 6.38 -9.52 21.88
C LYS A 252 6.96 -8.61 22.93
N ILE A 253 8.19 -8.18 22.74
CA ILE A 253 8.83 -7.22 23.63
C ILE A 253 9.32 -6.04 22.80
N ALA A 254 9.14 -4.84 23.34
CA ALA A 254 9.63 -3.61 22.73
C ALA A 254 10.44 -2.84 23.77
N PHE A 255 11.72 -2.61 23.47
CA PHE A 255 12.69 -2.11 24.42
C PHE A 255 13.32 -0.82 23.91
N THR A 256 13.43 0.20 24.76
CA THR A 256 14.23 1.36 24.40
C THR A 256 15.27 1.58 25.50
N GLY A 257 16.52 1.79 25.10
CA GLY A 257 17.58 1.96 26.07
C GLY A 257 18.96 1.71 25.52
N SER A 258 19.80 1.08 26.32
CA SER A 258 21.21 0.92 26.03
C SER A 258 21.47 -0.27 25.12
N THR A 259 22.52 -0.17 24.31
CA THR A 259 22.91 -1.29 23.48
C THR A 259 23.17 -2.54 24.33
N GLU A 260 23.93 -2.39 25.42
CA GLU A 260 24.24 -3.56 26.25
C GLU A 260 22.96 -4.23 26.74
N VAL A 261 22.02 -3.46 27.29
CA VAL A 261 20.80 -4.09 27.80
C VAL A 261 19.94 -4.60 26.66
N GLY A 262 19.92 -3.87 25.54
CA GLY A 262 19.17 -4.35 24.39
C GLY A 262 19.65 -5.70 23.88
N LYS A 263 20.96 -5.91 23.88
CA LYS A 263 21.53 -7.20 23.49
C LYS A 263 21.02 -8.31 24.39
N LEU A 264 21.00 -8.08 25.70
CA LEU A 264 20.53 -9.09 26.64
C LEU A 264 19.06 -9.38 26.43
N VAL A 265 18.25 -8.34 26.18
CA VAL A 265 16.82 -8.55 26.05
C VAL A 265 16.52 -9.44 24.85
N LYS A 266 17.15 -9.14 23.70
CA LYS A 266 16.94 -9.97 22.52
C LYS A 266 17.35 -11.41 22.79
N GLU A 267 18.46 -11.62 23.47
CA GLU A 267 18.94 -12.97 23.74
C GLU A 267 18.02 -13.71 24.71
N ALA A 268 17.51 -13.04 25.75
CA ALA A 268 16.58 -13.71 26.64
C ALA A 268 15.30 -14.07 25.91
N ALA A 269 14.83 -13.16 25.06
CA ALA A 269 13.63 -13.41 24.29
C ALA A 269 13.80 -14.64 23.41
N SER A 270 14.97 -14.81 22.82
CA SER A 270 15.20 -15.97 21.97
C SER A 270 15.32 -17.25 22.79
N ARG A 271 15.97 -17.19 23.95
CA ARG A 271 16.22 -18.45 24.65
C ARG A 271 14.93 -19.00 25.25
N SER A 272 13.96 -18.12 25.48
CA SER A 272 12.71 -18.48 26.15
C SER A 272 11.65 -19.00 25.17
N ASN A 273 10.87 -18.10 24.59
CA ASN A 273 9.73 -18.52 23.78
C ASN A 273 9.78 -17.98 22.35
N LEU A 274 10.90 -17.39 21.92
CA LEU A 274 11.11 -16.81 20.59
C LEU A 274 10.14 -15.66 20.30
N LYS A 275 9.79 -14.90 21.32
CA LYS A 275 8.93 -13.74 21.14
C LYS A 275 9.56 -12.71 20.20
N ARG A 276 8.71 -11.91 19.56
CA ARG A 276 9.18 -10.87 18.66
C ARG A 276 9.77 -9.71 19.45
N VAL A 277 10.67 -8.97 18.80
CA VAL A 277 11.53 -8.00 19.47
C VAL A 277 11.63 -6.71 18.67
N THR A 278 11.49 -5.57 19.35
CA THR A 278 11.81 -4.27 18.81
C THR A 278 12.87 -3.62 19.68
N LEU A 279 13.85 -2.96 19.07
CA LEU A 279 14.88 -2.25 19.82
C LEU A 279 15.10 -0.86 19.24
N GLU A 280 15.16 0.12 20.13
CA GLU A 280 15.67 1.45 19.76
C GLU A 280 16.78 1.76 20.75
N LEU A 281 18.02 1.80 20.27
CA LEU A 281 19.20 1.96 21.11
C LEU A 281 19.82 3.36 20.93
N GLY A 282 21.11 3.49 21.22
CA GLY A 282 21.77 4.79 21.17
C GLY A 282 22.53 4.96 19.87
N GLY A 283 23.35 6.01 19.83
CA GLY A 283 24.16 6.21 18.65
C GLY A 283 25.16 7.32 18.83
N LYS A 284 26.09 7.38 17.88
CA LYS A 284 27.04 8.48 17.74
C LYS A 284 26.67 9.20 16.46
N ASN A 285 25.75 10.09 16.57
CA ASN A 285 25.09 10.56 15.36
C ASN A 285 25.84 11.73 14.73
N PRO A 286 26.18 11.64 13.45
CA PRO A 286 26.96 12.70 12.80
C PRO A 286 26.09 13.89 12.40
N CYS A 287 26.75 15.02 12.27
CA CYS A 287 26.08 16.28 11.97
C CYS A 287 27.02 17.02 11.02
N ILE A 288 26.72 16.98 9.72
CA ILE A 288 27.66 17.31 8.65
C ILE A 288 27.36 18.72 8.14
N VAL A 289 28.37 19.59 8.18
CA VAL A 289 28.21 20.99 7.79
C VAL A 289 29.07 21.27 6.58
N CYS A 290 28.43 21.67 5.48
CA CYS A 290 29.10 22.02 4.23
C CYS A 290 29.48 23.50 4.24
N ALA A 291 30.40 23.85 3.35
CA ALA A 291 30.79 25.26 3.24
C ALA A 291 29.60 26.13 2.85
N ASP A 292 28.80 25.68 1.88
CA ASP A 292 27.65 26.43 1.38
C ASP A 292 26.45 26.38 2.31
N ALA A 293 26.60 25.84 3.52
CA ALA A 293 25.50 25.85 4.47
C ALA A 293 25.18 27.27 4.95
N ASP A 294 23.93 27.45 5.37
CA ASP A 294 23.51 28.64 6.11
C ASP A 294 24.05 28.49 7.53
N LEU A 295 25.20 29.13 7.80
CA LEU A 295 25.98 28.82 9.00
C LEU A 295 25.19 29.06 10.28
N ASP A 296 24.48 30.19 10.36
CA ASP A 296 23.75 30.48 11.58
C ASP A 296 22.71 29.41 11.88
N LEU A 297 21.97 28.97 10.86
CA LEU A 297 21.09 27.83 11.03
C LEU A 297 21.85 26.59 11.48
N ALA A 298 22.97 26.28 10.79
CA ALA A 298 23.76 25.09 11.09
C ALA A 298 24.39 25.17 12.48
N VAL A 299 24.88 26.35 12.86
CA VAL A 299 25.34 26.51 14.24
C VAL A 299 24.17 26.31 15.19
N GLU A 300 23.03 26.94 14.88
CA GLU A 300 21.88 26.87 15.79
C GLU A 300 21.44 25.43 16.04
N CYS A 301 21.32 24.64 14.97
CA CYS A 301 20.76 23.30 15.15
C CYS A 301 21.78 22.32 15.69
N ALA A 302 23.06 22.48 15.35
CA ALA A 302 24.06 21.57 15.89
C ALA A 302 24.27 21.83 17.37
N HIS A 303 24.09 23.07 17.82
CA HIS A 303 24.15 23.35 19.25
C HIS A 303 22.93 22.76 19.97
N GLN A 304 21.74 23.11 19.48
CA GLN A 304 20.51 22.60 20.07
C GLN A 304 20.46 21.08 20.04
N GLY A 305 20.95 20.49 18.95
CA GLY A 305 20.98 19.04 18.82
C GLY A 305 21.98 18.36 19.71
N VAL A 306 22.94 19.09 20.26
CA VAL A 306 23.87 18.51 21.21
C VAL A 306 23.35 18.63 22.64
N PHE A 307 22.80 19.80 22.98
CA PHE A 307 22.53 20.17 24.36
C PHE A 307 21.09 19.92 24.79
N PHE A 308 20.25 19.40 23.90
CA PHE A 308 18.86 19.16 24.29
C PHE A 308 18.78 18.02 25.30
N ASN A 309 17.89 18.21 26.29
CA ASN A 309 17.70 17.27 27.39
C ASN A 309 19.01 17.01 28.14
N GLN A 310 19.77 18.08 28.31
CA GLN A 310 21.06 18.02 29.00
C GLN A 310 22.04 17.15 28.24
N GLY A 311 21.87 17.08 26.93
CA GLY A 311 22.60 16.15 26.09
C GLY A 311 22.20 14.71 26.26
N GLN A 312 21.20 14.42 27.10
CA GLN A 312 20.90 13.05 27.50
C GLN A 312 19.82 12.49 26.58
N CYS A 313 20.22 12.28 25.33
CA CYS A 313 19.24 12.05 24.29
C CYS A 313 19.78 11.06 23.26
N CYS A 314 18.98 10.04 22.99
CA CYS A 314 19.32 9.10 21.94
C CYS A 314 19.66 9.79 20.61
N THR A 315 18.99 10.89 20.25
CA THR A 315 19.20 11.54 18.96
C THR A 315 20.36 12.54 18.94
N ALA A 316 21.15 12.62 20.00
CA ALA A 316 22.08 13.72 20.20
C ALA A 316 23.17 13.77 19.12
N ALA A 317 23.59 14.99 18.78
CA ALA A 317 24.51 15.23 17.67
C ALA A 317 25.95 15.24 18.18
N SER A 318 26.38 14.06 18.63
CA SER A 318 27.68 13.92 19.27
C SER A 318 28.85 13.81 18.30
N ARG A 319 28.70 14.22 17.03
CA ARG A 319 29.80 14.18 16.05
C ARG A 319 29.51 15.21 14.97
N VAL A 320 30.14 16.38 15.06
CA VAL A 320 29.84 17.52 14.19
C VAL A 320 30.98 17.71 13.20
N PHE A 321 30.82 17.20 11.98
CA PHE A 321 31.80 17.41 10.92
C PHE A 321 31.59 18.77 10.25
N VAL A 322 32.67 19.53 10.05
CA VAL A 322 32.61 20.84 9.43
C VAL A 322 33.69 20.91 8.36
N GLU A 323 33.34 21.50 7.21
CA GLU A 323 34.31 21.74 6.14
C GLU A 323 35.30 22.82 6.55
N GLU A 324 36.59 22.58 6.34
CA GLU A 324 37.59 23.51 6.85
C GLU A 324 37.70 24.74 5.95
N GLN A 325 36.59 25.44 5.82
CA GLN A 325 36.55 26.77 5.24
C GLN A 325 35.74 27.63 6.18
N VAL A 326 34.82 26.96 6.88
CA VAL A 326 33.93 27.58 7.83
C VAL A 326 34.24 27.11 9.25
N TYR A 327 35.28 26.31 9.43
CA TYR A 327 35.48 25.55 10.67
C TYR A 327 35.62 26.48 11.87
N SER A 328 36.69 27.29 11.88
CA SER A 328 36.91 28.16 13.03
C SER A 328 35.73 29.10 13.23
N GLU A 329 35.16 29.61 12.14
CA GLU A 329 33.95 30.42 12.29
C GLU A 329 32.81 29.61 12.86
N PHE A 330 32.77 28.30 12.59
CA PHE A 330 31.77 27.47 13.23
C PHE A 330 32.07 27.29 14.72
N VAL A 331 33.31 26.92 15.03
CA VAL A 331 33.71 26.71 16.43
C VAL A 331 33.37 27.94 17.25
N ARG A 332 33.76 29.13 16.76
CA ARG A 332 33.50 30.41 17.39
C ARG A 332 32.03 30.58 17.81
N ARG A 333 31.14 30.72 16.80
CA ARG A 333 29.73 30.98 17.08
C ARG A 333 29.13 29.90 17.94
N SER A 334 29.58 28.67 17.76
CA SER A 334 29.15 27.58 18.63
C SER A 334 29.41 27.92 20.08
N VAL A 335 30.61 28.48 20.37
CA VAL A 335 30.97 28.76 21.76
C VAL A 335 30.09 29.87 22.34
N GLU A 336 29.80 30.89 21.54
CA GLU A 336 28.86 31.92 21.98
C GLU A 336 27.53 31.28 22.42
N TYR A 337 27.02 30.33 21.63
CA TYR A 337 25.76 29.70 22.01
C TYR A 337 25.90 28.93 23.32
N ALA A 338 27.03 28.26 23.52
CA ALA A 338 27.24 27.44 24.71
C ALA A 338 27.51 28.30 25.95
N LYS A 339 28.21 29.42 25.78
CA LYS A 339 28.55 30.29 26.90
C LYS A 339 27.32 30.98 27.51
N LYS A 340 26.18 31.04 26.81
CA LYS A 340 25.02 31.78 27.29
C LYS A 340 23.74 30.97 27.45
N ARG A 341 23.76 29.68 27.16
CA ARG A 341 22.58 28.85 27.42
C ARG A 341 22.31 28.79 28.92
N PRO A 342 21.19 29.34 29.40
CA PRO A 342 20.98 29.49 30.85
C PRO A 342 20.73 28.17 31.54
N VAL A 343 21.48 27.91 32.61
CA VAL A 343 21.39 26.68 33.39
C VAL A 343 20.86 27.03 34.79
N GLY A 344 19.86 26.29 35.25
CA GLY A 344 19.27 26.51 36.57
C GLY A 344 18.10 25.62 36.95
N ASP A 345 17.17 26.17 37.71
CA ASP A 345 16.01 25.40 38.19
C ASP A 345 15.06 25.08 37.05
N PRO A 346 14.80 23.79 36.76
CA PRO A 346 13.92 23.42 35.64
C PRO A 346 12.56 24.12 35.69
N PHE A 347 12.15 24.53 36.89
CA PHE A 347 10.90 25.24 37.08
C PHE A 347 11.01 26.73 36.80
N ASP A 348 12.21 27.30 36.73
CA ASP A 348 12.32 28.67 36.24
C ASP A 348 12.02 28.71 34.74
N VAL A 349 11.26 29.73 34.32
CA VAL A 349 10.82 29.86 32.93
C VAL A 349 12.00 29.78 31.95
N LYS A 350 13.03 30.59 32.19
CA LYS A 350 14.14 30.72 31.26
C LYS A 350 15.19 29.63 31.39
N THR A 351 15.02 28.67 32.30
CA THR A 351 15.95 27.55 32.39
C THR A 351 15.84 26.68 31.15
N GLU A 352 16.92 26.57 30.39
CA GLU A 352 16.96 25.71 29.22
C GLU A 352 17.79 24.46 29.42
N GLN A 353 18.47 24.33 30.56
CA GLN A 353 19.25 23.15 30.90
C GLN A 353 19.09 22.88 32.39
N GLY A 354 18.59 21.70 32.74
CA GLY A 354 18.48 21.27 34.12
C GLY A 354 19.65 20.41 34.54
N PRO A 355 19.52 19.67 35.64
CA PRO A 355 20.61 18.80 36.07
C PRO A 355 20.60 17.47 35.35
N GLN A 356 21.75 16.81 35.36
CA GLN A 356 21.83 15.43 34.89
C GLN A 356 21.02 14.52 35.81
N ILE A 357 20.65 13.34 35.27
CA ILE A 357 19.66 12.48 35.90
C ILE A 357 20.06 12.09 37.33
N ASP A 358 21.34 11.83 37.56
CA ASP A 358 21.83 11.65 38.92
C ASP A 358 23.36 11.73 38.88
N GLN A 359 23.99 11.32 40.00
CA GLN A 359 25.45 11.48 40.16
C GLN A 359 26.18 10.46 39.32
N LYS A 360 25.58 9.29 39.17
CA LYS A 360 26.20 8.29 38.33
C LYS A 360 26.39 8.79 36.90
N GLN A 361 25.37 9.41 36.33
CA GLN A 361 25.54 9.98 35.01
C GLN A 361 26.52 11.13 35.02
N PHE A 362 26.46 11.94 36.07
CA PHE A 362 27.33 13.11 36.28
C PHE A 362 28.82 12.75 36.19
N ASP A 363 29.22 11.66 36.84
CA ASP A 363 30.62 11.28 36.87
C ASP A 363 31.08 10.63 35.57
N LYS A 364 30.15 10.03 34.81
CA LYS A 364 30.47 9.45 33.51
C LYS A 364 30.95 10.54 32.54
N ILE A 365 30.17 11.63 32.49
CA ILE A 365 30.46 12.68 31.51
C ILE A 365 31.81 13.32 31.78
N LEU A 366 32.10 13.64 33.06
CA LEU A 366 33.28 14.45 33.32
C LEU A 366 34.57 13.62 33.29
N GLU A 367 34.47 12.32 33.57
CA GLU A 367 35.57 11.43 33.21
C GLU A 367 35.83 11.47 31.71
N LEU A 368 34.74 11.44 30.91
CA LEU A 368 34.87 11.43 29.47
C LEU A 368 35.47 12.72 28.95
N ILE A 369 35.17 13.83 29.61
CA ILE A 369 35.84 15.09 29.27
C ILE A 369 37.34 14.94 29.44
N GLU A 370 37.76 14.46 30.63
CA GLU A 370 39.18 14.21 30.91
C GLU A 370 39.85 13.45 29.78
N SER A 371 39.22 12.35 29.34
CA SER A 371 39.67 11.57 28.20
C SER A 371 40.14 12.44 27.04
N GLY A 372 39.25 13.33 26.58
CA GLY A 372 39.59 14.18 25.45
C GLY A 372 40.71 15.15 25.73
N LYS A 373 40.82 15.62 26.98
CA LYS A 373 41.93 16.48 27.37
C LYS A 373 43.26 15.77 27.17
N LYS A 374 43.41 14.60 27.80
CA LYS A 374 44.61 13.78 27.61
C LYS A 374 44.90 13.58 26.13
N GLU A 375 43.87 13.28 25.35
CA GLU A 375 44.03 12.81 23.97
C GLU A 375 44.30 13.92 22.95
N GLY A 376 44.36 15.19 23.37
CA GLY A 376 44.79 16.27 22.50
C GLY A 376 43.70 17.18 21.97
N ALA A 377 42.46 17.01 22.39
CA ALA A 377 41.40 17.88 21.93
C ALA A 377 41.50 19.24 22.61
N LYS A 378 41.02 20.26 21.92
CA LYS A 378 41.16 21.63 22.41
C LYS A 378 39.88 22.03 23.11
N LEU A 379 39.93 22.10 24.43
CA LEU A 379 38.81 22.69 25.15
C LEU A 379 38.63 24.13 24.69
N GLU A 380 37.40 24.48 24.29
CA GLU A 380 37.06 25.84 23.93
C GLU A 380 36.20 26.53 24.98
N CYS A 381 35.50 25.77 25.81
CA CYS A 381 34.75 26.33 26.94
C CYS A 381 34.26 25.16 27.78
N GLY A 382 33.88 25.46 29.03
CA GLY A 382 33.43 24.42 29.95
C GLY A 382 34.56 23.54 30.49
N GLY A 383 34.23 22.26 30.72
CA GLY A 383 35.19 21.29 31.20
C GLY A 383 35.10 21.00 32.69
N SER A 384 34.09 21.51 33.36
CA SER A 384 34.04 21.51 34.81
C SER A 384 32.58 21.37 35.24
N ALA A 385 32.38 21.25 36.55
CA ALA A 385 31.03 21.19 37.07
C ALA A 385 30.62 22.55 37.61
N MET A 386 29.61 22.59 38.48
CA MET A 386 29.23 23.77 39.23
C MET A 386 28.87 23.38 40.68
N GLY A 390 25.57 21.26 43.41
CA GLY A 390 24.51 20.81 42.52
C GLY A 390 24.97 19.77 41.51
N LEU A 391 24.03 19.25 40.71
CA LEU A 391 24.29 18.20 39.71
C LEU A 391 24.36 18.73 38.28
N PHE A 392 25.03 19.87 38.05
CA PHE A 392 24.99 20.57 36.77
C PHE A 392 26.38 20.57 36.15
N ILE A 393 26.43 20.49 34.82
CA ILE A 393 27.67 20.52 34.06
C ILE A 393 27.61 21.67 33.08
N LYS A 394 28.67 22.46 32.99
CA LYS A 394 28.36 23.56 32.09
C LYS A 394 28.77 23.22 30.67
N PRO A 395 28.05 23.80 29.68
CA PRO A 395 28.33 23.55 28.26
C PRO A 395 29.80 23.45 27.92
N THR A 396 30.19 22.34 27.31
CA THR A 396 31.60 22.06 27.04
C THR A 396 31.75 21.78 25.56
N VAL A 397 32.59 22.55 24.89
CA VAL A 397 32.85 22.40 23.47
C VAL A 397 34.30 21.99 23.28
N PHE A 398 34.52 20.94 22.49
CA PHE A 398 35.85 20.48 22.15
C PHE A 398 36.12 20.77 20.68
N SER A 399 37.26 21.35 20.39
CA SER A 399 37.71 21.58 19.04
C SER A 399 38.82 20.59 18.69
N GLU A 400 39.26 20.65 17.44
CA GLU A 400 40.40 19.89 16.95
C GLU A 400 40.28 18.41 17.30
N VAL A 401 39.12 17.84 17.03
CA VAL A 401 38.80 16.47 17.42
C VAL A 401 38.99 15.54 16.23
N THR A 402 39.47 14.32 16.53
CA THR A 402 39.88 13.29 15.58
C THR A 402 38.95 12.10 15.67
N ASP A 403 39.00 11.23 14.66
CA ASP A 403 38.12 10.05 14.66
C ASP A 403 38.43 9.12 15.83
N ASN A 404 39.71 8.97 16.18
CA ASN A 404 40.17 7.97 17.15
C ASN A 404 40.01 8.42 18.60
N MET A 405 39.70 9.68 18.85
CA MET A 405 39.45 10.12 20.22
C MET A 405 38.29 9.35 20.83
N ARG A 406 38.31 9.32 22.15
CA ARG A 406 37.22 8.72 22.90
C ARG A 406 35.91 9.45 22.69
N ILE A 407 35.93 10.77 22.73
CA ILE A 407 34.73 11.59 22.71
C ILE A 407 34.16 11.65 21.29
N ALA A 408 34.81 10.94 20.37
CA ALA A 408 34.36 10.78 19.00
C ALA A 408 33.88 9.37 18.71
N LYS A 409 34.03 8.45 19.66
CA LYS A 409 33.52 7.10 19.47
C LYS A 409 32.55 6.68 20.54
N GLU A 410 32.73 7.14 21.78
CA GLU A 410 31.87 6.77 22.89
C GLU A 410 30.73 7.77 23.03
N GLU A 411 29.53 7.25 23.24
CA GLU A 411 28.37 8.08 23.49
C GLU A 411 28.55 8.85 24.79
N ILE A 412 28.58 10.18 24.69
CA ILE A 412 28.82 11.04 25.84
C ILE A 412 27.59 11.09 26.74
N PHE A 413 26.43 11.27 26.14
CA PHE A 413 25.18 11.33 26.89
C PHE A 413 25.21 12.43 27.95
N GLY A 414 25.76 13.58 27.58
CA GLY A 414 25.79 14.76 28.42
C GLY A 414 26.31 15.96 27.66
N PRO A 415 26.20 17.16 28.24
CA PRO A 415 26.44 18.38 27.45
C PRO A 415 27.89 18.58 27.02
N VAL A 416 28.28 17.89 25.96
CA VAL A 416 29.64 17.89 25.43
C VAL A 416 29.55 17.93 23.91
N GLN A 417 29.85 19.09 23.31
CA GLN A 417 29.82 19.20 21.86
C GLN A 417 31.22 19.06 21.27
N PRO A 418 31.59 17.93 20.68
CA PRO A 418 32.87 17.84 19.97
C PRO A 418 32.71 18.27 18.52
N ILE A 419 33.76 18.87 17.97
CA ILE A 419 33.72 19.40 16.61
C ILE A 419 34.91 18.87 15.81
N LEU A 420 34.62 18.15 14.74
CA LEU A 420 35.59 17.60 13.81
C LEU A 420 35.65 18.43 12.54
N LYS A 421 36.49 17.99 11.60
CA LYS A 421 36.94 18.76 10.44
C LYS A 421 37.06 17.82 9.25
N PHE A 422 36.68 18.28 8.06
CA PHE A 422 36.77 17.39 6.91
C PHE A 422 36.96 18.22 5.64
N LYS A 423 37.42 17.56 4.58
CA LYS A 423 37.68 18.21 3.29
C LYS A 423 36.73 17.80 2.17
N SER A 424 36.44 16.51 2.04
CA SER A 424 35.69 15.99 0.91
C SER A 424 34.30 15.52 1.33
N ILE A 425 33.39 15.50 0.36
CA ILE A 425 32.12 14.83 0.60
C ILE A 425 32.37 13.34 0.82
N GLU A 426 33.12 12.70 -0.09
CA GLU A 426 33.28 11.26 -0.01
C GLU A 426 34.06 10.85 1.22
N GLU A 427 34.93 11.74 1.69
CA GLU A 427 35.64 11.51 2.93
C GLU A 427 34.67 11.49 4.11
N VAL A 428 33.91 12.57 4.27
CA VAL A 428 32.94 12.63 5.37
C VAL A 428 31.98 11.45 5.33
N ILE A 429 31.68 10.91 4.15
CA ILE A 429 30.75 9.79 4.06
C ILE A 429 31.34 8.56 4.72
N LYS A 430 32.56 8.17 4.32
CA LYS A 430 33.19 7.03 4.98
C LYS A 430 33.31 7.28 6.48
N ARG A 431 33.69 8.50 6.87
CA ARG A 431 33.95 8.78 8.28
C ARG A 431 32.67 8.71 9.11
N ALA A 432 31.56 9.20 8.57
CA ALA A 432 30.31 9.16 9.33
C ALA A 432 29.78 7.74 9.42
N ASN A 433 29.93 6.95 8.37
CA ASN A 433 29.44 5.59 8.43
C ASN A 433 30.38 4.67 9.22
N SER A 434 31.47 5.21 9.76
CA SER A 434 32.55 4.46 10.36
C SER A 434 32.17 3.79 11.68
N THR A 435 30.98 4.06 12.21
CA THR A 435 30.51 3.48 13.47
C THR A 435 29.89 2.10 13.25
N ASP A 436 29.55 1.44 14.36
CA ASP A 436 28.60 0.34 14.33
C ASP A 436 27.17 0.80 14.53
N TYR A 437 26.98 2.09 14.78
CA TYR A 437 25.67 2.64 15.07
C TYR A 437 25.16 3.44 13.87
N GLY A 438 23.84 3.67 13.87
CA GLY A 438 23.25 4.40 12.79
C GLY A 438 21.83 4.85 13.06
N LEU A 439 21.63 5.65 14.11
CA LEU A 439 20.30 6.10 14.49
C LEU A 439 19.86 7.34 13.71
N THR A 440 20.64 8.42 13.75
CA THR A 440 20.26 9.66 13.10
C THR A 440 21.47 10.29 12.42
N ALA A 441 21.18 11.23 11.51
CA ALA A 441 22.19 12.09 10.90
C ALA A 441 21.51 13.38 10.44
N ALA A 442 22.30 14.45 10.36
CA ALA A 442 21.83 15.74 9.87
C ALA A 442 22.84 16.33 8.92
N VAL A 443 22.34 17.09 7.96
CA VAL A 443 23.15 17.59 6.85
C VAL A 443 22.75 19.04 6.63
N PHE A 444 23.74 19.90 6.42
CA PHE A 444 23.49 21.31 6.21
C PHE A 444 24.18 21.77 4.94
N THR A 445 23.39 22.22 3.96
CA THR A 445 23.88 22.70 2.67
C THR A 445 22.72 23.31 1.90
N LYS A 446 23.03 24.30 1.08
CA LYS A 446 22.07 24.83 0.13
C LYS A 446 22.02 24.02 -1.17
N ASN A 447 22.92 23.04 -1.33
CA ASN A 447 23.18 22.41 -2.61
C ASN A 447 22.31 21.18 -2.80
N LEU A 448 21.43 21.22 -3.81
CA LEU A 448 20.49 20.14 -4.03
C LEU A 448 21.20 18.81 -4.15
N ASP A 449 22.30 18.76 -4.90
CA ASP A 449 22.93 17.48 -5.17
C ASP A 449 23.72 16.96 -3.98
N LYS A 450 24.25 17.88 -3.14
CA LYS A 450 24.98 17.46 -1.95
C LYS A 450 24.03 16.91 -0.90
N ALA A 451 22.95 17.65 -0.63
CA ALA A 451 21.89 17.17 0.25
C ALA A 451 21.52 15.73 -0.09
N LEU A 452 20.99 15.52 -1.29
CA LEU A 452 20.48 14.21 -1.65
C LEU A 452 21.57 13.13 -1.67
N LYS A 453 22.76 13.46 -2.16
CA LYS A 453 23.82 12.46 -2.17
C LYS A 453 24.13 11.98 -0.76
N LEU A 454 24.33 12.94 0.16
CA LEU A 454 24.51 12.57 1.55
C LEU A 454 23.31 11.80 2.10
N ALA A 455 22.09 12.24 1.75
CA ALA A 455 20.90 11.56 2.25
C ALA A 455 20.86 10.10 1.81
N SER A 456 21.31 9.80 0.59
CA SER A 456 21.25 8.42 0.12
C SER A 456 22.38 7.58 0.69
N ALA A 457 23.49 8.20 1.04
CA ALA A 457 24.71 7.50 1.40
C ALA A 457 24.88 7.30 2.91
N LEU A 458 24.25 8.12 3.74
CA LEU A 458 24.42 7.98 5.17
C LEU A 458 23.64 6.78 5.67
N GLU A 459 24.31 5.90 6.40
CA GLU A 459 23.70 4.68 6.94
C GLU A 459 23.03 4.99 8.27
N SER A 460 21.91 5.70 8.18
CA SER A 460 21.20 6.17 9.36
C SER A 460 19.71 6.00 9.17
N GLY A 461 19.03 5.71 10.28
CA GLY A 461 17.60 5.49 10.24
C GLY A 461 16.82 6.75 9.94
N THR A 462 17.35 7.89 10.35
CA THR A 462 16.79 9.19 10.00
C THR A 462 17.91 10.13 9.58
N VAL A 463 17.71 10.82 8.46
CA VAL A 463 18.64 11.85 8.01
C VAL A 463 17.87 13.18 7.93
N TRP A 464 18.27 14.13 8.75
CA TRP A 464 17.71 15.48 8.71
C TRP A 464 18.49 16.38 7.73
N ILE A 465 17.78 17.31 7.09
CA ILE A 465 18.42 18.24 6.18
C ILE A 465 18.05 19.66 6.58
N ASN A 466 19.07 20.44 6.96
CA ASN A 466 18.89 21.82 7.39
C ASN A 466 17.87 21.90 8.52
N CYS A 467 17.91 20.91 9.41
CA CYS A 467 17.08 20.88 10.60
C CYS A 467 17.64 19.81 11.54
N TYR A 468 17.17 19.83 12.79
CA TYR A 468 17.52 18.79 13.73
C TYR A 468 16.37 18.49 14.68
N ASN A 469 16.19 17.21 15.02
CA ASN A 469 15.20 16.77 15.99
C ASN A 469 13.79 17.10 15.53
N ALA A 470 13.58 16.96 14.23
CA ALA A 470 12.27 17.09 13.60
C ALA A 470 11.62 15.71 13.59
N LEU A 471 10.75 15.46 14.57
CA LEU A 471 10.04 14.20 14.70
C LEU A 471 8.55 14.42 14.47
N TYR A 472 7.90 13.44 13.83
CA TYR A 472 6.47 13.44 13.62
C TYR A 472 5.88 12.08 13.94
N ALA A 473 4.68 12.08 14.53
CA ALA A 473 3.96 10.83 14.75
C ALA A 473 3.89 10.00 13.48
N GLN A 474 3.87 10.65 12.31
CA GLN A 474 3.67 9.96 11.05
C GLN A 474 4.96 9.57 10.37
N ALA A 475 6.11 10.01 10.89
CA ALA A 475 7.38 9.66 10.29
C ALA A 475 8.10 8.62 11.14
N PRO A 476 8.45 7.46 10.59
CA PRO A 476 9.08 6.41 11.38
C PRO A 476 10.43 6.85 11.94
N PHE A 477 10.88 6.13 12.97
CA PHE A 477 12.12 6.44 13.68
C PHE A 477 12.80 5.16 14.14
N GLY A 478 14.12 5.13 14.06
CA GLY A 478 14.80 3.87 14.37
C GLY A 478 16.20 3.80 13.78
N GLY A 479 16.83 2.65 14.02
CA GLY A 479 18.27 2.51 13.85
C GLY A 479 18.67 1.58 12.71
N PHE A 480 19.77 1.94 12.03
CA PHE A 480 20.57 1.01 11.28
C PHE A 480 21.55 0.27 12.21
N LYS A 481 22.00 -0.89 11.75
CA LYS A 481 23.15 -1.58 12.33
C LYS A 481 22.86 -1.82 13.82
N MET A 482 23.72 -1.39 14.74
CA MET A 482 23.53 -1.64 16.15
C MET A 482 22.69 -0.57 16.84
N SER A 483 22.12 0.36 16.10
CA SER A 483 21.32 1.36 16.76
C SER A 483 19.87 0.92 17.02
N GLY A 484 19.45 -0.24 16.55
CA GLY A 484 18.10 -0.70 16.77
C GLY A 484 17.66 -1.74 15.77
N ASN A 485 16.40 -2.17 15.91
CA ASN A 485 15.86 -3.23 15.06
C ASN A 485 14.64 -2.81 14.25
N GLY A 486 13.46 -2.79 14.85
CA GLY A 486 12.27 -2.41 14.10
C GLY A 486 12.22 -0.91 13.90
N ARG A 487 11.01 -0.39 13.67
CA ARG A 487 10.79 1.05 13.61
C ARG A 487 9.66 1.48 14.54
N GLU A 488 9.72 2.71 15.03
CA GLU A 488 8.63 3.27 15.82
C GLU A 488 8.06 4.50 15.11
N LEU A 489 6.78 4.75 15.34
CA LEU A 489 6.03 5.81 14.68
C LEU A 489 5.74 5.49 13.21
N GLY A 490 4.89 6.31 12.59
CA GLY A 490 4.48 6.10 11.22
C GLY A 490 3.67 4.84 11.01
N GLU A 491 3.19 4.63 9.79
CA GLU A 491 2.56 3.35 9.47
C GLU A 491 3.50 2.18 9.80
N TYR A 492 4.82 2.41 9.78
CA TYR A 492 5.75 1.31 9.90
C TYR A 492 5.72 0.66 11.27
N ALA A 493 5.26 1.37 12.30
CA ALA A 493 5.16 0.77 13.63
C ALA A 493 4.14 -0.36 13.65
N LEU A 494 3.09 -0.27 12.83
CA LEU A 494 2.04 -1.29 12.88
C LEU A 494 2.58 -2.67 12.54
N ALA A 495 3.61 -2.75 11.70
CA ALA A 495 4.18 -4.05 11.39
C ALA A 495 4.71 -4.74 12.64
N GLU A 496 5.19 -3.98 13.61
CA GLU A 496 5.76 -4.58 14.80
C GLU A 496 4.70 -5.05 15.77
N TYR A 497 3.45 -4.65 15.59
CA TYR A 497 2.41 -5.04 16.52
C TYR A 497 1.34 -5.93 15.89
N THR A 498 1.61 -6.50 14.71
CA THR A 498 0.68 -7.41 14.04
C THR A 498 1.41 -8.68 13.60
N GLU A 499 0.65 -9.74 13.40
CA GLU A 499 1.16 -11.01 12.90
C GLU A 499 0.41 -11.37 11.63
N VAL A 500 1.14 -11.79 10.61
CA VAL A 500 0.54 -12.01 9.29
C VAL A 500 0.07 -13.46 9.16
N LYS A 501 -1.19 -13.61 8.74
CA LYS A 501 -1.82 -14.91 8.50
C LYS A 501 -2.34 -14.98 7.06
N THR A 502 -1.91 -16.00 6.33
CA THR A 502 -2.47 -16.33 5.02
C THR A 502 -3.66 -17.29 5.18
N VAL A 503 -4.80 -16.90 4.63
CA VAL A 503 -5.93 -17.81 4.46
C VAL A 503 -6.06 -18.14 2.98
N THR A 504 -6.12 -19.43 2.67
CA THR A 504 -6.21 -19.88 1.29
C THR A 504 -7.35 -20.88 1.14
N ILE A 505 -8.30 -20.56 0.26
CA ILE A 505 -9.50 -21.37 0.06
C ILE A 505 -9.58 -21.81 -1.37
N LYS A 506 -9.91 -23.09 -1.58
CA LYS A 506 -10.04 -23.69 -2.89
C LYS A 506 -11.49 -24.10 -3.13
N LEU A 507 -11.92 -23.95 -4.37
CA LEU A 507 -13.32 -24.14 -4.72
C LEU A 507 -13.49 -25.35 -5.62
N LEU B 27 12.25 -2.31 -47.44
CA LEU B 27 11.44 -2.97 -46.41
C LEU B 27 9.97 -3.07 -46.78
N GLU B 28 9.38 -4.25 -46.66
CA GLU B 28 8.03 -4.51 -47.15
C GLU B 28 7.01 -4.71 -46.02
N VAL B 29 5.78 -4.27 -46.26
CA VAL B 29 4.75 -4.16 -45.23
C VAL B 29 3.84 -5.39 -45.34
N LYS B 30 4.02 -6.34 -44.42
CA LYS B 30 3.22 -7.56 -44.44
C LYS B 30 1.76 -7.27 -44.08
N PHE B 31 1.52 -6.57 -42.98
CA PHE B 31 0.22 -6.63 -42.29
C PHE B 31 -0.59 -5.36 -42.50
N THR B 32 -1.72 -5.50 -43.22
CA THR B 32 -2.51 -4.35 -43.63
C THR B 32 -3.99 -4.53 -43.39
N LYS B 33 -4.41 -5.61 -42.77
CA LYS B 33 -5.82 -5.93 -42.64
C LYS B 33 -6.31 -5.69 -41.21
N ILE B 34 -7.57 -6.08 -40.94
CA ILE B 34 -8.21 -5.94 -39.64
C ILE B 34 -8.02 -7.22 -38.84
N PHE B 35 -7.82 -7.08 -37.53
CA PHE B 35 -7.32 -8.12 -36.65
C PHE B 35 -8.34 -8.44 -35.59
N ILE B 36 -8.90 -9.66 -35.64
CA ILE B 36 -10.00 -10.06 -34.78
C ILE B 36 -9.97 -11.58 -34.66
N ASN B 37 -10.10 -12.08 -33.43
CA ASN B 37 -9.98 -13.51 -33.17
C ASN B 37 -8.69 -14.08 -33.77
N ASN B 38 -7.63 -13.28 -33.71
CA ASN B 38 -6.31 -13.66 -34.21
C ASN B 38 -6.34 -14.05 -35.68
N GLU B 39 -7.33 -13.59 -36.42
CA GLU B 39 -7.38 -13.78 -37.86
C GLU B 39 -7.39 -12.42 -38.54
N TRP B 40 -6.91 -12.37 -39.78
CA TRP B 40 -6.88 -11.13 -40.54
C TRP B 40 -8.11 -11.02 -41.41
N HIS B 41 -8.88 -9.96 -41.21
CA HIS B 41 -10.09 -9.74 -41.99
C HIS B 41 -9.92 -8.50 -42.85
N GLU B 42 -10.57 -8.47 -44.00
CA GLU B 42 -10.68 -7.23 -44.74
C GLU B 42 -11.95 -6.48 -44.33
N SER B 43 -12.05 -5.21 -44.73
CA SER B 43 -13.14 -4.37 -44.22
C SER B 43 -14.47 -4.78 -44.79
N LYS B 44 -15.51 -4.70 -43.97
CA LYS B 44 -16.87 -5.04 -44.41
C LYS B 44 -17.27 -4.22 -45.62
N SER B 45 -17.04 -2.90 -45.56
CA SER B 45 -17.37 -1.98 -46.66
C SER B 45 -16.58 -2.28 -47.91
N GLY B 46 -15.45 -2.98 -47.78
CA GLY B 46 -14.49 -3.12 -48.85
C GLY B 46 -13.53 -1.96 -48.97
N LYS B 47 -13.74 -0.84 -48.29
CA LYS B 47 -12.91 0.35 -48.48
C LYS B 47 -11.52 0.19 -47.86
N LYS B 48 -10.59 1.01 -48.36
CA LYS B 48 -9.20 1.05 -47.93
C LYS B 48 -8.72 2.49 -47.97
N PHE B 49 -7.71 2.81 -47.16
CA PHE B 49 -7.11 4.14 -47.17
C PHE B 49 -5.59 4.01 -47.25
N ALA B 50 -4.96 5.09 -47.64
CA ALA B 50 -3.52 5.05 -47.88
C ALA B 50 -2.76 5.66 -46.70
N THR B 51 -1.50 5.24 -46.57
CA THR B 51 -0.57 5.84 -45.62
C THR B 51 0.70 6.19 -46.37
N CYS B 52 1.25 7.37 -46.05
CA CYS B 52 2.33 7.96 -46.82
C CYS B 52 3.56 8.17 -45.96
N ASN B 53 4.71 8.17 -46.63
CA ASN B 53 6.00 8.35 -45.98
C ASN B 53 6.33 9.84 -45.94
N PRO B 54 6.28 10.49 -44.78
CA PRO B 54 6.51 11.95 -44.75
C PRO B 54 7.88 12.35 -45.26
N SER B 55 8.82 11.41 -45.35
CA SER B 55 10.18 11.72 -45.80
C SER B 55 10.27 11.81 -47.32
N THR B 56 9.37 11.12 -48.02
CA THR B 56 9.29 11.18 -49.47
C THR B 56 8.01 11.80 -49.99
N ARG B 57 6.98 11.89 -49.15
CA ARG B 57 5.62 12.35 -49.46
C ARG B 57 4.86 11.27 -50.24
N GLU B 58 5.56 10.21 -50.65
CA GLU B 58 4.96 9.18 -51.48
C GLU B 58 4.19 8.15 -50.66
N GLN B 59 3.31 7.43 -51.34
CA GLN B 59 2.42 6.45 -50.72
C GLN B 59 3.18 5.18 -50.33
N ILE B 60 2.77 4.58 -49.21
CA ILE B 60 3.42 3.37 -48.72
C ILE B 60 2.61 2.13 -49.07
N CYS B 61 1.36 2.09 -48.63
CA CYS B 61 0.49 0.95 -48.91
C CYS B 61 -0.95 1.37 -48.71
N GLU B 62 -1.86 0.41 -48.91
CA GLU B 62 -3.27 0.59 -48.59
C GLU B 62 -3.64 -0.31 -47.42
N VAL B 63 -4.45 0.22 -46.50
CA VAL B 63 -4.81 -0.44 -45.25
C VAL B 63 -6.33 -0.56 -45.20
N GLU B 64 -6.84 -1.72 -44.77
CA GLU B 64 -8.27 -1.88 -44.60
C GLU B 64 -8.82 -0.73 -43.74
N GLU B 65 -9.91 -0.13 -44.19
CA GLU B 65 -10.53 0.95 -43.45
C GLU B 65 -11.79 0.42 -42.79
N GLY B 66 -11.72 0.20 -41.47
CA GLY B 66 -12.87 -0.29 -40.75
C GLY B 66 -13.88 0.81 -40.50
N ASP B 67 -15.06 0.39 -40.05
CA ASP B 67 -16.12 1.32 -39.70
C ASP B 67 -16.96 0.69 -38.60
N LYS B 68 -18.06 1.35 -38.23
CA LYS B 68 -18.99 0.82 -37.22
C LYS B 68 -19.25 -0.68 -37.37
N PRO B 69 -19.51 -1.22 -38.57
CA PRO B 69 -19.69 -2.68 -38.67
C PRO B 69 -18.50 -3.49 -38.18
N ASP B 70 -17.27 -3.07 -38.52
CA ASP B 70 -16.07 -3.79 -38.06
C ASP B 70 -15.87 -3.64 -36.56
N VAL B 71 -16.12 -2.44 -36.02
CA VAL B 71 -16.02 -2.25 -34.58
C VAL B 71 -16.93 -3.23 -33.87
N ASP B 72 -18.16 -3.34 -34.33
CA ASP B 72 -19.13 -4.22 -33.67
C ASP B 72 -18.58 -5.63 -33.55
N LYS B 73 -17.97 -6.14 -34.63
CA LYS B 73 -17.43 -7.50 -34.64
C LYS B 73 -16.31 -7.66 -33.61
N ALA B 74 -15.34 -6.74 -33.63
CA ALA B 74 -14.25 -6.78 -32.68
C ALA B 74 -14.77 -6.75 -31.25
N VAL B 75 -15.81 -5.96 -30.99
CA VAL B 75 -16.31 -5.85 -29.62
C VAL B 75 -16.99 -7.15 -29.19
N GLU B 76 -17.70 -7.79 -30.10
CA GLU B 76 -18.21 -9.13 -29.81
C GLU B 76 -17.07 -10.06 -29.37
N ALA B 77 -16.05 -10.17 -30.22
CA ALA B 77 -14.92 -11.05 -29.97
C ALA B 77 -14.35 -10.83 -28.58
N ALA B 78 -14.02 -9.58 -28.25
CA ALA B 78 -13.45 -9.27 -26.96
C ALA B 78 -14.45 -9.55 -25.84
N GLN B 79 -15.74 -9.53 -26.13
CA GLN B 79 -16.69 -9.92 -25.10
C GLN B 79 -16.64 -11.43 -24.88
N VAL B 80 -16.54 -12.22 -25.95
CA VAL B 80 -16.53 -13.65 -25.76
C VAL B 80 -15.25 -14.09 -25.06
N ALA B 81 -14.12 -13.48 -25.45
CA ALA B 81 -12.86 -13.78 -24.80
C ALA B 81 -12.88 -13.34 -23.34
N PHE B 82 -13.66 -12.33 -23.01
CA PHE B 82 -13.83 -11.96 -21.62
C PHE B 82 -14.92 -12.77 -20.92
N GLN B 83 -15.75 -13.51 -21.66
CA GLN B 83 -16.83 -14.28 -21.05
C GLN B 83 -16.27 -15.18 -19.95
N ARG B 84 -16.96 -15.21 -18.81
CA ARG B 84 -16.46 -16.00 -17.69
C ARG B 84 -16.48 -17.48 -18.06
N GLY B 85 -15.37 -18.15 -17.82
CA GLY B 85 -15.18 -19.49 -18.33
C GLY B 85 -14.33 -19.57 -19.57
N SER B 86 -14.10 -18.42 -20.23
CA SER B 86 -13.20 -18.36 -21.36
C SER B 86 -11.79 -18.68 -20.93
N PRO B 87 -10.96 -19.14 -21.86
CA PRO B 87 -9.56 -19.40 -21.54
C PRO B 87 -8.84 -18.24 -20.89
N TRP B 88 -8.94 -17.04 -21.47
CA TRP B 88 -8.28 -15.87 -20.88
C TRP B 88 -8.66 -15.67 -19.41
N ARG B 89 -9.95 -15.83 -19.08
CA ARG B 89 -10.35 -15.63 -17.70
C ARG B 89 -9.88 -16.75 -16.81
N ARG B 90 -9.76 -17.95 -17.36
CA ARG B 90 -9.35 -19.09 -16.55
C ARG B 90 -7.85 -19.08 -16.26
N LEU B 91 -7.06 -18.29 -16.99
CA LEU B 91 -5.63 -18.24 -16.72
C LEU B 91 -5.38 -17.82 -15.28
N ASP B 92 -4.34 -18.40 -14.69
CA ASP B 92 -3.84 -17.88 -13.45
C ASP B 92 -3.01 -16.63 -13.71
N ALA B 93 -3.02 -15.72 -12.73
CA ALA B 93 -2.42 -14.40 -12.92
C ALA B 93 -1.03 -14.50 -13.50
N LEU B 94 -0.16 -15.30 -12.87
CA LEU B 94 1.24 -15.31 -13.28
C LEU B 94 1.40 -15.66 -14.74
N SER B 95 0.44 -16.40 -15.31
CA SER B 95 0.53 -16.71 -16.73
C SER B 95 0.24 -15.49 -17.58
N ARG B 96 -0.60 -14.57 -17.09
CA ARG B 96 -0.78 -13.31 -17.80
C ARG B 96 0.54 -12.57 -17.94
N GLY B 97 1.32 -12.52 -16.86
CA GLY B 97 2.64 -11.96 -16.93
C GLY B 97 3.55 -12.71 -17.89
N ARG B 98 3.48 -14.04 -17.90
CA ARG B 98 4.34 -14.78 -18.81
C ARG B 98 4.05 -14.39 -20.27
N LEU B 99 2.76 -14.20 -20.60
CA LEU B 99 2.41 -13.90 -21.98
C LEU B 99 2.88 -12.51 -22.37
N LEU B 100 2.89 -11.59 -21.41
CA LEU B 100 3.40 -10.25 -21.70
C LEU B 100 4.92 -10.25 -21.81
N HIS B 101 5.59 -11.09 -21.02
CA HIS B 101 7.04 -11.21 -21.15
C HIS B 101 7.40 -11.85 -22.48
N GLN B 102 6.60 -12.82 -22.94
CA GLN B 102 6.86 -13.39 -24.25
C GLN B 102 6.64 -12.35 -25.35
N LEU B 103 5.52 -11.62 -25.29
CA LEU B 103 5.28 -10.53 -26.23
C LEU B 103 6.44 -9.54 -26.26
N ALA B 104 6.94 -9.16 -25.09
CA ALA B 104 8.11 -8.28 -25.04
C ALA B 104 9.33 -8.94 -25.67
N ASP B 105 9.49 -10.26 -25.47
CA ASP B 105 10.57 -10.97 -26.09
C ASP B 105 10.48 -10.88 -27.60
N LEU B 106 9.29 -11.13 -28.15
CA LEU B 106 9.13 -11.03 -29.59
C LEU B 106 9.42 -9.62 -30.07
N VAL B 107 9.01 -8.60 -29.31
CA VAL B 107 9.24 -7.25 -29.79
C VAL B 107 10.72 -6.95 -29.84
N GLU B 108 11.49 -7.46 -28.84
CA GLU B 108 12.94 -7.28 -28.90
C GLU B 108 13.55 -8.06 -30.06
N ARG B 109 13.01 -9.25 -30.37
CA ARG B 109 13.53 -10.01 -31.50
C ARG B 109 13.38 -9.22 -32.80
N ASP B 110 12.28 -8.47 -32.92
CA ASP B 110 11.94 -7.75 -34.16
C ASP B 110 12.06 -6.24 -33.98
N ARG B 111 12.92 -5.81 -33.07
CA ARG B 111 13.07 -4.39 -32.74
C ARG B 111 13.43 -3.55 -33.96
N ALA B 112 14.23 -4.12 -34.87
CA ALA B 112 14.70 -3.30 -35.99
C ALA B 112 13.59 -3.08 -37.00
N THR B 113 12.90 -4.15 -37.39
CA THR B 113 11.71 -4.03 -38.24
C THR B 113 10.75 -2.98 -37.71
N LEU B 114 10.36 -3.12 -36.43
CA LEU B 114 9.35 -2.23 -35.86
C LEU B 114 9.81 -0.78 -35.88
N ALA B 115 11.06 -0.54 -35.49
CA ALA B 115 11.62 0.80 -35.55
C ALA B 115 11.54 1.36 -36.96
N ALA B 116 11.68 0.48 -37.96
CA ALA B 116 11.72 0.93 -39.34
C ALA B 116 10.31 1.21 -39.88
N LEU B 117 9.36 0.31 -39.61
CA LEU B 117 7.98 0.62 -39.92
C LEU B 117 7.57 1.96 -39.30
N GLU B 118 7.98 2.17 -38.04
CA GLU B 118 7.61 3.41 -37.37
C GLU B 118 8.23 4.60 -38.07
N THR B 119 9.49 4.48 -38.50
CA THR B 119 10.15 5.61 -39.15
C THR B 119 9.54 5.92 -40.53
N MET B 120 9.13 4.89 -41.29
CA MET B 120 8.49 5.14 -42.58
C MET B 120 7.16 5.88 -42.43
N ASP B 121 6.50 5.74 -41.29
CA ASP B 121 5.16 6.23 -41.10
C ASP B 121 5.10 7.60 -40.43
N THR B 122 6.13 7.95 -39.65
CA THR B 122 6.13 9.20 -38.88
C THR B 122 7.27 10.14 -39.22
N GLY B 123 8.27 9.69 -39.98
CA GLY B 123 9.38 10.56 -40.31
C GLY B 123 10.39 10.72 -39.21
N LYS B 124 10.21 10.00 -38.13
CA LYS B 124 11.11 9.97 -37.00
C LYS B 124 12.47 9.39 -37.40
N PRO B 125 13.57 9.92 -36.86
CA PRO B 125 14.88 9.28 -37.07
C PRO B 125 14.88 7.80 -36.68
N PHE B 126 15.53 6.98 -37.51
CA PHE B 126 15.53 5.55 -37.24
C PHE B 126 16.17 5.25 -35.89
N LEU B 127 17.24 5.96 -35.54
CA LEU B 127 17.90 5.66 -34.29
C LEU B 127 17.02 6.04 -33.11
N HIS B 128 16.26 7.14 -33.23
CA HIS B 128 15.31 7.50 -32.19
C HIS B 128 14.20 6.46 -32.08
N ALA B 129 13.72 5.94 -33.20
CA ALA B 129 12.71 4.90 -33.13
C ALA B 129 13.28 3.68 -32.45
N PHE B 130 14.51 3.32 -32.80
CA PHE B 130 15.12 2.09 -32.32
C PHE B 130 15.52 2.17 -30.84
N PHE B 131 16.15 3.27 -30.42
CA PHE B 131 16.64 3.37 -29.05
C PHE B 131 15.67 4.03 -28.08
N ILE B 132 14.61 4.65 -28.56
CA ILE B 132 13.71 5.33 -27.64
C ILE B 132 12.36 4.66 -27.70
N ASP B 133 11.62 4.88 -28.79
CA ASP B 133 10.27 4.35 -28.90
C ASP B 133 10.23 2.87 -28.56
N LEU B 134 11.16 2.10 -29.15
CA LEU B 134 11.14 0.66 -28.93
C LEU B 134 11.65 0.30 -27.55
N GLU B 135 12.64 1.01 -27.04
CA GLU B 135 13.09 0.74 -25.68
C GLU B 135 11.96 0.93 -24.70
N GLY B 136 11.20 2.02 -24.87
CA GLY B 136 10.05 2.26 -24.02
C GLY B 136 9.00 1.18 -24.12
N CYS B 137 8.78 0.62 -25.33
CA CYS B 137 7.77 -0.44 -25.45
C CYS B 137 8.19 -1.71 -24.72
N ILE B 138 9.50 -2.02 -24.73
CA ILE B 138 9.94 -3.25 -24.11
C ILE B 138 9.95 -3.10 -22.59
N ARG B 139 10.45 -1.97 -22.10
CA ARG B 139 10.47 -1.77 -20.65
C ARG B 139 9.05 -1.72 -20.10
N THR B 140 8.14 -1.07 -20.82
CA THR B 140 6.76 -1.01 -20.39
C THR B 140 6.15 -2.40 -20.35
N LEU B 141 6.31 -3.16 -21.43
CA LEU B 141 5.74 -4.50 -21.48
C LEU B 141 6.30 -5.36 -20.35
N ARG B 142 7.61 -5.29 -20.12
CA ARG B 142 8.16 -6.10 -19.04
C ARG B 142 7.67 -5.62 -17.69
N TYR B 143 7.61 -4.30 -17.52
CA TYR B 143 7.24 -3.75 -16.22
C TYR B 143 5.86 -4.21 -15.79
N PHE B 144 4.93 -4.28 -16.72
CA PHE B 144 3.58 -4.64 -16.33
C PHE B 144 3.37 -6.14 -16.29
N ALA B 145 4.18 -6.92 -17.03
CA ALA B 145 4.18 -8.36 -16.78
C ALA B 145 4.51 -8.61 -15.31
N GLY B 146 5.32 -7.75 -14.72
CA GLY B 146 5.64 -7.88 -13.31
C GLY B 146 4.50 -7.58 -12.36
N TRP B 147 3.47 -6.86 -12.81
CA TRP B 147 2.39 -6.54 -11.89
C TRP B 147 1.31 -7.60 -11.88
N ALA B 148 1.33 -8.55 -12.84
CA ALA B 148 0.14 -9.33 -13.16
C ALA B 148 -0.33 -10.18 -11.98
N ASP B 149 0.61 -10.79 -11.25
CA ASP B 149 0.27 -11.49 -10.02
C ASP B 149 0.55 -10.64 -8.77
N LYS B 150 0.63 -9.31 -8.90
CA LYS B 150 0.83 -8.46 -7.73
C LYS B 150 -0.29 -7.45 -7.51
N ILE B 151 -1.37 -7.50 -8.30
CA ILE B 151 -2.57 -6.67 -8.17
C ILE B 151 -3.41 -7.04 -6.94
N GLN B 152 -3.22 -6.33 -5.83
CA GLN B 152 -3.75 -6.73 -4.54
C GLN B 152 -4.85 -5.77 -4.08
N GLY B 153 -5.95 -6.35 -3.62
CA GLY B 153 -7.02 -5.63 -2.96
C GLY B 153 -6.73 -5.65 -1.48
N LYS B 154 -7.74 -5.40 -0.68
CA LYS B 154 -7.50 -5.23 0.74
C LYS B 154 -8.42 -6.13 1.58
N THR B 155 -7.98 -6.39 2.81
CA THR B 155 -8.84 -6.98 3.82
C THR B 155 -9.06 -5.91 4.88
N ILE B 156 -10.30 -5.68 5.27
CA ILE B 156 -10.69 -4.47 5.99
C ILE B 156 -11.26 -4.85 7.34
N PRO B 157 -10.75 -4.28 8.43
CA PRO B 157 -11.31 -4.58 9.74
C PRO B 157 -12.56 -3.74 9.97
N THR B 158 -13.62 -4.40 10.40
CA THR B 158 -14.83 -3.68 10.76
C THR B 158 -15.31 -4.14 12.13
N ASP B 159 -16.20 -5.12 12.15
CA ASP B 159 -16.80 -5.64 13.37
C ASP B 159 -16.28 -7.05 13.64
N ASP B 160 -16.56 -7.50 14.86
CA ASP B 160 -16.02 -8.76 15.35
C ASP B 160 -16.41 -9.93 14.45
N ASN B 161 -17.67 -9.97 14.01
CA ASN B 161 -18.26 -11.10 13.31
C ASN B 161 -18.36 -10.88 11.81
N VAL B 162 -17.59 -9.94 11.27
CA VAL B 162 -17.69 -9.57 9.86
C VAL B 162 -16.35 -9.82 9.18
N VAL B 163 -16.42 -10.32 7.95
CA VAL B 163 -15.28 -10.42 7.05
C VAL B 163 -15.59 -9.51 5.87
N CYS B 164 -14.76 -8.50 5.68
CA CYS B 164 -14.97 -7.57 4.59
C CYS B 164 -13.65 -7.40 3.84
N PHE B 165 -13.67 -7.61 2.53
CA PHE B 165 -12.47 -7.47 1.73
C PHE B 165 -12.82 -6.86 0.38
N THR B 166 -11.78 -6.53 -0.39
CA THR B 166 -11.94 -5.88 -1.68
C THR B 166 -11.21 -6.62 -2.79
N ARG B 167 -11.87 -6.70 -3.94
CA ARG B 167 -11.31 -7.28 -5.16
C ARG B 167 -11.05 -6.18 -6.16
N HIS B 168 -9.86 -6.18 -6.76
CA HIS B 168 -9.56 -5.30 -7.88
C HIS B 168 -9.82 -6.13 -9.13
N GLU B 169 -11.08 -6.16 -9.58
CA GLU B 169 -11.48 -7.02 -10.68
C GLU B 169 -11.19 -6.35 -12.02
N PRO B 170 -11.02 -7.14 -13.09
CA PRO B 170 -10.83 -6.54 -14.41
C PRO B 170 -12.11 -5.84 -14.83
N ILE B 171 -11.95 -4.68 -15.48
CA ILE B 171 -13.10 -3.87 -15.91
C ILE B 171 -13.88 -4.56 -17.02
N GLY B 172 -13.18 -5.06 -18.03
CA GLY B 172 -13.85 -5.73 -19.11
C GLY B 172 -13.28 -5.41 -20.48
N VAL B 173 -14.14 -4.86 -21.33
CA VAL B 173 -13.77 -4.57 -22.70
C VAL B 173 -13.24 -3.15 -22.75
N CYS B 174 -11.99 -2.98 -23.17
CA CYS B 174 -11.30 -1.71 -23.15
C CYS B 174 -10.98 -1.27 -24.56
N GLY B 175 -11.43 -0.08 -24.94
CA GLY B 175 -11.05 0.53 -26.21
C GLY B 175 -9.89 1.50 -26.07
N ALA B 176 -9.00 1.49 -27.05
CA ALA B 176 -7.80 2.34 -27.02
C ALA B 176 -7.64 3.12 -28.33
N ILE B 177 -7.45 4.43 -28.22
CA ILE B 177 -7.36 5.31 -29.39
C ILE B 177 -6.08 6.15 -29.26
N THR B 178 -5.12 5.95 -30.15
CA THR B 178 -3.79 6.58 -30.02
C THR B 178 -3.47 7.58 -31.13
N PRO B 179 -2.50 8.49 -30.89
CA PRO B 179 -2.17 9.52 -31.89
C PRO B 179 -1.04 9.14 -32.84
N TRP B 180 -0.69 10.05 -33.74
CA TRP B 180 0.28 9.76 -34.80
C TRP B 180 1.73 10.04 -34.41
N ASN B 181 2.02 10.62 -33.25
CA ASN B 181 3.40 11.03 -33.01
C ASN B 181 4.24 10.02 -32.23
N PHE B 182 3.64 9.11 -31.47
CA PHE B 182 4.36 7.98 -30.87
C PHE B 182 3.49 6.73 -31.03
N PRO B 183 3.32 6.27 -32.29
CA PRO B 183 2.26 5.30 -32.58
C PRO B 183 2.33 4.04 -31.74
N LEU B 184 3.42 3.28 -31.87
CA LEU B 184 3.61 2.05 -31.10
C LEU B 184 3.60 2.32 -29.59
N LEU B 185 4.40 3.29 -29.15
CA LEU B 185 4.59 3.46 -27.72
C LEU B 185 3.28 3.81 -27.00
N MET B 186 2.45 4.68 -27.58
CA MET B 186 1.24 5.07 -26.88
C MET B 186 0.27 3.91 -26.77
N LEU B 187 0.22 3.08 -27.80
CA LEU B 187 -0.57 1.87 -27.76
C LEU B 187 -0.14 0.97 -26.60
N VAL B 188 1.18 0.75 -26.48
CA VAL B 188 1.75 -0.12 -25.45
C VAL B 188 1.48 0.41 -24.05
N TRP B 189 1.50 1.73 -23.87
CA TRP B 189 1.17 2.28 -22.55
C TRP B 189 -0.21 1.86 -22.04
N LYS B 190 -1.14 1.49 -22.91
CA LYS B 190 -2.49 1.06 -22.56
C LYS B 190 -2.64 -0.46 -22.54
N LEU B 191 -2.23 -1.11 -23.62
CA LEU B 191 -2.35 -2.56 -23.68
C LEU B 191 -1.61 -3.24 -22.54
N ALA B 192 -0.40 -2.76 -22.22
CA ALA B 192 0.41 -3.40 -21.19
C ALA B 192 -0.31 -3.47 -19.84
N PRO B 193 -0.77 -2.37 -19.24
CA PRO B 193 -1.57 -2.51 -18.02
C PRO B 193 -2.94 -3.16 -18.23
N ALA B 194 -3.57 -2.96 -19.38
CA ALA B 194 -4.90 -3.53 -19.59
C ALA B 194 -4.84 -5.05 -19.58
N LEU B 195 -3.87 -5.61 -20.28
CA LEU B 195 -3.83 -7.06 -20.39
C LEU B 195 -3.36 -7.67 -19.09
N CYS B 196 -2.37 -7.03 -18.47
CA CYS B 196 -1.88 -7.43 -17.16
C CYS B 196 -3.01 -7.64 -16.17
N CYS B 197 -3.98 -6.72 -16.18
CA CYS B 197 -5.11 -6.75 -15.25
C CYS B 197 -6.19 -7.77 -15.63
N GLY B 198 -6.14 -8.32 -16.84
CA GLY B 198 -7.11 -9.30 -17.27
C GLY B 198 -8.24 -8.80 -18.15
N ASN B 199 -8.10 -7.62 -18.76
CA ASN B 199 -9.12 -7.11 -19.65
C ASN B 199 -8.91 -7.65 -21.06
N THR B 200 -9.83 -7.29 -21.95
CA THR B 200 -9.64 -7.48 -23.39
C THR B 200 -9.86 -6.12 -24.06
N MET B 201 -9.47 -6.05 -25.34
CA MET B 201 -9.25 -4.75 -25.95
C MET B 201 -9.68 -4.73 -27.41
N VAL B 202 -10.16 -3.56 -27.84
CA VAL B 202 -10.31 -3.18 -29.24
C VAL B 202 -9.52 -1.88 -29.41
N LEU B 203 -8.52 -1.91 -30.29
CA LEU B 203 -7.55 -0.83 -30.42
C LEU B 203 -7.74 -0.11 -31.75
N LYS B 204 -7.49 1.19 -31.75
CA LYS B 204 -7.53 1.88 -33.03
C LYS B 204 -6.37 2.86 -33.23
N PRO B 205 -5.42 2.53 -34.10
CA PRO B 205 -4.33 3.48 -34.42
C PRO B 205 -4.85 4.73 -35.11
N ALA B 206 -4.04 5.78 -35.07
CA ALA B 206 -4.30 6.96 -35.90
C ALA B 206 -4.24 6.62 -37.39
N GLU B 207 -5.13 7.23 -38.16
CA GLU B 207 -5.19 6.98 -39.60
C GLU B 207 -3.86 7.27 -40.29
N GLN B 208 -3.11 8.25 -39.78
CA GLN B 208 -1.83 8.58 -40.38
C GLN B 208 -0.81 7.47 -40.23
N THR B 209 -0.92 6.64 -39.20
CA THR B 209 0.12 5.67 -38.85
C THR B 209 -0.46 4.37 -38.31
N PRO B 210 -1.01 3.52 -39.17
CA PRO B 210 -1.49 2.20 -38.73
C PRO B 210 -0.44 1.10 -38.70
N LEU B 211 0.79 1.36 -39.11
CA LEU B 211 1.63 0.28 -39.60
C LEU B 211 2.12 -0.63 -38.49
N THR B 212 2.69 -0.03 -37.44
CA THR B 212 3.26 -0.79 -36.33
C THR B 212 2.19 -1.53 -35.54
N ALA B 213 1.15 -0.82 -35.11
CA ALA B 213 0.05 -1.47 -34.42
C ALA B 213 -0.32 -2.78 -35.09
N LEU B 214 -0.42 -2.76 -36.43
CA LEU B 214 -0.82 -3.96 -37.14
C LEU B 214 0.27 -5.03 -37.04
N TYR B 215 1.53 -4.65 -37.27
CA TYR B 215 2.60 -5.60 -37.03
C TYR B 215 2.49 -6.18 -35.62
N LEU B 216 2.33 -5.33 -34.60
CA LEU B 216 2.26 -5.84 -33.23
C LEU B 216 1.25 -6.95 -33.10
N GLY B 217 0.10 -6.81 -33.77
CA GLY B 217 -0.92 -7.85 -33.70
C GLY B 217 -0.42 -9.19 -34.21
N SER B 218 0.53 -9.19 -35.14
CA SER B 218 1.11 -10.45 -35.55
C SER B 218 1.87 -11.12 -34.40
N LEU B 219 2.61 -10.32 -33.61
CA LEU B 219 3.32 -10.89 -32.47
C LEU B 219 2.37 -11.30 -31.35
N ILE B 220 1.22 -10.64 -31.26
CA ILE B 220 0.23 -11.02 -30.25
C ILE B 220 -0.30 -12.42 -30.54
N LYS B 221 -0.50 -12.75 -31.82
CA LYS B 221 -0.85 -14.12 -32.17
C LYS B 221 0.29 -15.07 -31.85
N GLU B 222 1.52 -14.71 -32.23
CA GLU B 222 2.71 -15.53 -32.08
C GLU B 222 3.15 -15.71 -30.63
N ALA B 223 2.62 -14.92 -29.69
CA ALA B 223 3.00 -15.10 -28.31
C ALA B 223 2.10 -16.07 -27.57
N GLY B 224 0.87 -16.24 -28.00
CA GLY B 224 0.00 -17.16 -27.31
C GLY B 224 -1.29 -16.55 -26.78
N PHE B 225 -1.58 -15.29 -27.11
CA PHE B 225 -2.75 -14.66 -26.50
C PHE B 225 -4.00 -15.28 -27.12
N PRO B 226 -4.95 -15.74 -26.29
CA PRO B 226 -6.14 -16.40 -26.84
C PRO B 226 -6.89 -15.47 -27.77
N PRO B 227 -7.52 -16.01 -28.82
CA PRO B 227 -8.21 -15.16 -29.78
C PRO B 227 -9.23 -14.30 -29.07
N GLY B 228 -9.34 -13.05 -29.53
CA GLY B 228 -10.29 -12.10 -28.99
C GLY B 228 -9.78 -11.24 -27.86
N VAL B 229 -8.63 -11.57 -27.26
CA VAL B 229 -8.15 -10.75 -26.16
C VAL B 229 -7.73 -9.38 -26.65
N VAL B 230 -7.04 -9.32 -27.81
CA VAL B 230 -6.68 -8.05 -28.42
C VAL B 230 -7.18 -8.06 -29.85
N ASN B 231 -7.90 -7.01 -30.24
CA ASN B 231 -8.40 -6.83 -31.60
C ASN B 231 -8.12 -5.40 -32.07
N ILE B 232 -8.04 -5.21 -33.39
CA ILE B 232 -7.47 -3.99 -33.98
C ILE B 232 -8.27 -3.58 -35.22
N VAL B 233 -8.87 -2.41 -35.17
CA VAL B 233 -9.62 -1.86 -36.29
C VAL B 233 -9.03 -0.51 -36.68
N PRO B 234 -8.20 -0.46 -37.69
CA PRO B 234 -7.75 0.83 -38.22
C PRO B 234 -8.89 1.57 -38.93
N GLY B 235 -8.70 2.87 -39.05
CA GLY B 235 -9.74 3.71 -39.60
C GLY B 235 -9.60 5.12 -39.09
N PHE B 236 -10.67 5.89 -39.27
CA PHE B 236 -10.64 7.31 -39.01
C PHE B 236 -11.33 7.64 -37.69
N GLY B 237 -11.01 8.83 -37.19
CA GLY B 237 -11.53 9.35 -35.96
C GLY B 237 -13.03 9.31 -35.88
N PRO B 238 -13.72 10.19 -36.64
CA PRO B 238 -15.19 10.30 -36.54
C PRO B 238 -15.94 9.07 -36.97
N THR B 239 -15.23 8.04 -37.41
CA THR B 239 -15.88 6.84 -37.90
C THR B 239 -15.55 5.65 -37.00
N VAL B 240 -14.33 5.15 -36.98
CA VAL B 240 -14.02 4.02 -36.13
C VAL B 240 -13.90 4.46 -34.68
N GLY B 241 -13.30 5.64 -34.45
CA GLY B 241 -13.05 6.07 -33.09
C GLY B 241 -14.34 6.45 -32.38
N ALA B 242 -15.17 7.23 -33.04
CA ALA B 242 -16.47 7.51 -32.47
C ALA B 242 -17.25 6.22 -32.18
N ALA B 243 -17.12 5.22 -33.05
CA ALA B 243 -17.87 3.97 -32.85
C ALA B 243 -17.47 3.30 -31.54
N ILE B 244 -16.17 3.30 -31.26
CA ILE B 244 -15.67 2.77 -29.99
C ILE B 244 -16.16 3.62 -28.82
N SER B 245 -15.89 4.92 -28.87
CA SER B 245 -16.23 5.78 -27.74
C SER B 245 -17.73 5.74 -27.40
N SER B 246 -18.59 5.47 -28.38
CA SER B 246 -20.04 5.45 -28.17
C SER B 246 -20.61 4.03 -28.02
N HIS B 247 -19.77 2.99 -27.97
CA HIS B 247 -20.26 1.60 -28.02
C HIS B 247 -20.95 1.19 -26.71
N PRO B 248 -22.13 0.56 -26.78
CA PRO B 248 -22.86 0.16 -25.55
C PRO B 248 -22.28 -1.05 -24.81
N GLN B 249 -21.31 -1.77 -25.38
CA GLN B 249 -20.75 -2.93 -24.69
C GLN B 249 -19.21 -2.86 -24.62
N ILE B 250 -18.64 -1.66 -24.80
CA ILE B 250 -17.28 -1.36 -24.37
C ILE B 250 -17.37 -0.74 -22.98
N ASN B 251 -16.53 -1.23 -22.04
CA ASN B 251 -16.58 -0.84 -20.63
C ASN B 251 -15.72 0.35 -20.28
N LYS B 252 -14.69 0.61 -21.07
CA LYS B 252 -13.63 1.49 -20.61
C LYS B 252 -12.88 1.94 -21.85
N ILE B 253 -12.54 3.22 -21.91
CA ILE B 253 -11.83 3.74 -23.06
C ILE B 253 -10.69 4.63 -22.59
N ALA B 254 -9.54 4.50 -23.26
CA ALA B 254 -8.33 5.26 -22.98
C ALA B 254 -7.92 5.96 -24.28
N PHE B 255 -7.80 7.29 -24.22
CA PHE B 255 -7.55 8.13 -25.39
C PHE B 255 -6.31 8.97 -25.17
N THR B 256 -5.42 8.99 -26.15
CA THR B 256 -4.30 9.93 -26.14
C THR B 256 -4.36 10.75 -27.42
N GLY B 257 -4.29 12.07 -27.29
CA GLY B 257 -4.42 12.91 -28.46
C GLY B 257 -4.67 14.35 -28.09
N SER B 258 -5.57 15.01 -28.81
CA SER B 258 -5.80 16.43 -28.65
C SER B 258 -6.89 16.71 -27.62
N THR B 259 -6.74 17.85 -26.92
CA THR B 259 -7.80 18.32 -26.04
C THR B 259 -9.15 18.36 -26.75
N GLU B 260 -9.16 18.87 -27.97
CA GLU B 260 -10.40 18.95 -28.75
C GLU B 260 -11.12 17.60 -28.76
N VAL B 261 -10.45 16.56 -29.24
CA VAL B 261 -11.09 15.26 -29.40
C VAL B 261 -11.33 14.60 -28.04
N GLY B 262 -10.37 14.72 -27.11
CA GLY B 262 -10.58 14.24 -25.76
C GLY B 262 -11.93 14.64 -25.18
N LYS B 263 -12.31 15.91 -25.36
CA LYS B 263 -13.60 16.40 -24.91
C LYS B 263 -14.75 15.59 -25.49
N LEU B 264 -14.75 15.37 -26.81
CA LEU B 264 -15.81 14.61 -27.46
C LEU B 264 -15.81 13.15 -26.98
N VAL B 265 -14.62 12.58 -26.77
CA VAL B 265 -14.58 11.17 -26.38
C VAL B 265 -15.18 10.98 -24.99
N LYS B 266 -14.83 11.85 -24.04
CA LYS B 266 -15.48 11.76 -22.73
C LYS B 266 -16.98 11.95 -22.86
N GLU B 267 -17.40 12.90 -23.70
CA GLU B 267 -18.82 13.22 -23.81
C GLU B 267 -19.61 12.10 -24.51
N ALA B 268 -19.06 11.48 -25.56
CA ALA B 268 -19.74 10.32 -26.13
C ALA B 268 -19.75 9.15 -25.17
N ALA B 269 -18.70 9.02 -24.36
CA ALA B 269 -18.63 7.93 -23.41
C ALA B 269 -19.76 8.06 -22.39
N SER B 270 -19.99 9.27 -21.92
CA SER B 270 -21.03 9.45 -20.93
C SER B 270 -22.42 9.42 -21.55
N ARG B 271 -22.53 9.84 -22.77
CA ARG B 271 -23.84 9.77 -23.41
C ARG B 271 -24.38 8.38 -23.50
N SER B 272 -23.49 7.45 -23.76
CA SER B 272 -23.88 6.15 -24.23
C SER B 272 -24.09 5.19 -23.07
N ASN B 273 -23.02 4.65 -22.50
CA ASN B 273 -23.15 3.68 -21.42
C ASN B 273 -22.38 4.07 -20.17
N LEU B 274 -21.89 5.31 -20.07
CA LEU B 274 -21.14 5.80 -18.90
C LEU B 274 -19.81 5.07 -18.70
N LYS B 275 -19.22 4.60 -19.78
CA LYS B 275 -17.97 3.86 -19.69
C LYS B 275 -16.86 4.73 -19.09
N ARG B 276 -15.92 4.07 -18.39
CA ARG B 276 -14.80 4.75 -17.74
C ARG B 276 -13.84 5.32 -18.77
N VAL B 277 -13.18 6.43 -18.40
CA VAL B 277 -12.37 7.20 -19.34
C VAL B 277 -11.04 7.58 -18.71
N THR B 278 -9.95 7.31 -19.43
CA THR B 278 -8.62 7.87 -19.20
C THR B 278 -8.27 8.76 -20.38
N LEU B 279 -7.74 9.94 -20.09
CA LEU B 279 -7.36 10.89 -21.13
C LEU B 279 -5.96 11.42 -20.89
N GLU B 280 -5.08 11.31 -21.89
CA GLU B 280 -3.88 12.12 -21.92
C GLU B 280 -3.88 13.01 -23.15
N LEU B 281 -3.77 14.30 -22.90
CA LEU B 281 -3.87 15.36 -23.91
C LEU B 281 -2.57 16.17 -23.97
N GLY B 282 -2.59 17.35 -24.58
CA GLY B 282 -1.39 18.14 -24.74
C GLY B 282 -1.13 19.07 -23.56
N GLY B 283 -0.18 19.98 -23.77
CA GLY B 283 0.13 20.98 -22.77
C GLY B 283 0.94 22.09 -23.38
N LYS B 284 1.10 23.16 -22.60
CA LYS B 284 2.07 24.21 -22.90
C LYS B 284 3.07 24.20 -21.76
N ASN B 285 4.01 23.30 -21.85
CA ASN B 285 4.71 22.91 -20.65
C ASN B 285 5.81 23.93 -20.34
N PRO B 286 5.93 24.39 -19.10
CA PRO B 286 6.97 25.34 -18.76
C PRO B 286 8.34 24.67 -18.59
N CYS B 287 9.35 25.52 -18.60
CA CYS B 287 10.74 25.10 -18.46
C CYS B 287 11.44 26.29 -17.82
N ILE B 288 11.82 26.16 -16.55
CA ILE B 288 12.19 27.31 -15.73
C ILE B 288 13.68 27.20 -15.45
N VAL B 289 14.44 28.22 -15.86
CA VAL B 289 15.88 28.26 -15.61
C VAL B 289 16.16 29.37 -14.61
N CYS B 290 16.68 28.99 -13.43
CA CYS B 290 17.17 29.93 -12.43
C CYS B 290 18.60 30.32 -12.73
N ALA B 291 18.99 31.47 -12.18
CA ALA B 291 20.37 31.96 -12.36
C ALA B 291 21.38 30.92 -11.90
N ASP B 292 21.12 30.29 -10.73
CA ASP B 292 22.04 29.32 -10.16
C ASP B 292 21.98 27.97 -10.82
N ALA B 293 21.26 27.83 -11.93
CA ALA B 293 21.32 26.58 -12.69
C ALA B 293 22.74 26.32 -13.21
N ASP B 294 23.00 25.06 -13.53
CA ASP B 294 24.10 24.66 -14.39
C ASP B 294 23.65 24.93 -15.83
N LEU B 295 24.12 26.06 -16.38
CA LEU B 295 23.48 26.64 -17.56
C LEU B 295 23.61 25.75 -18.79
N ASP B 296 24.67 24.94 -18.87
CA ASP B 296 24.79 24.13 -20.06
C ASP B 296 23.92 22.90 -19.99
N LEU B 297 23.77 22.31 -18.80
CA LEU B 297 22.77 21.29 -18.64
C LEU B 297 21.40 21.85 -19.03
N ALA B 298 21.08 23.04 -18.55
CA ALA B 298 19.80 23.66 -18.85
C ALA B 298 19.67 23.91 -20.34
N VAL B 299 20.65 24.59 -20.95
CA VAL B 299 20.63 24.81 -22.38
C VAL B 299 20.48 23.49 -23.11
N GLU B 300 21.22 22.48 -22.70
CA GLU B 300 21.17 21.22 -23.41
C GLU B 300 19.81 20.55 -23.29
N CYS B 301 19.14 20.65 -22.14
CA CYS B 301 17.90 19.91 -21.97
C CYS B 301 16.71 20.64 -22.55
N ALA B 302 16.70 21.98 -22.44
CA ALA B 302 15.61 22.71 -23.06
C ALA B 302 15.67 22.58 -24.57
N HIS B 303 16.86 22.41 -25.12
CA HIS B 303 16.96 22.18 -26.56
C HIS B 303 16.37 20.83 -26.91
N GLN B 304 16.85 19.77 -26.26
CA GLN B 304 16.29 18.45 -26.47
C GLN B 304 14.80 18.40 -26.17
N GLY B 305 14.35 19.14 -25.15
CA GLY B 305 12.94 19.15 -24.82
C GLY B 305 12.07 19.86 -25.86
N VAL B 306 12.62 20.87 -26.51
CA VAL B 306 11.86 21.56 -27.55
C VAL B 306 11.84 20.74 -28.82
N PHE B 307 13.00 20.20 -29.21
CA PHE B 307 13.24 19.75 -30.57
C PHE B 307 13.14 18.25 -30.74
N PHE B 308 12.85 17.51 -29.68
CA PHE B 308 12.73 16.06 -29.81
C PHE B 308 11.51 15.71 -30.63
N ASN B 309 11.66 14.69 -31.47
CA ASN B 309 10.59 14.20 -32.34
C ASN B 309 10.02 15.34 -33.18
N GLN B 310 10.92 16.12 -33.77
CA GLN B 310 10.55 17.24 -34.62
C GLN B 310 9.65 18.24 -33.88
N GLY B 311 9.75 18.26 -32.55
CA GLY B 311 8.90 19.06 -31.70
C GLY B 311 7.47 18.59 -31.61
N GLN B 312 7.12 17.47 -32.26
CA GLN B 312 5.75 16.96 -32.33
C GLN B 312 5.56 15.93 -31.21
N CYS B 313 5.47 16.45 -29.98
CA CYS B 313 5.46 15.60 -28.81
C CYS B 313 4.71 16.29 -27.68
N CYS B 314 3.86 15.53 -26.99
CA CYS B 314 3.02 16.10 -25.94
C CYS B 314 3.84 16.77 -24.84
N THR B 315 5.04 16.25 -24.55
CA THR B 315 5.87 16.77 -23.46
C THR B 315 6.76 17.94 -23.88
N ALA B 316 6.70 18.37 -25.14
CA ALA B 316 7.54 19.44 -25.66
C ALA B 316 7.66 20.62 -24.69
N ALA B 317 8.84 21.25 -24.66
CA ALA B 317 9.19 22.29 -23.68
C ALA B 317 8.97 23.67 -24.28
N SER B 318 7.69 23.99 -24.46
CA SER B 318 7.23 25.08 -25.30
C SER B 318 7.08 26.42 -24.59
N ARG B 319 7.51 26.55 -23.34
CA ARG B 319 7.57 27.86 -22.65
C ARG B 319 8.82 27.85 -21.77
N VAL B 320 9.93 28.41 -22.26
CA VAL B 320 11.21 28.36 -21.54
C VAL B 320 11.42 29.69 -20.81
N PHE B 321 11.19 29.71 -19.50
CA PHE B 321 11.41 30.90 -18.69
C PHE B 321 12.86 30.96 -18.18
N VAL B 322 13.55 32.07 -18.43
CA VAL B 322 14.93 32.24 -17.96
C VAL B 322 15.01 33.48 -17.08
N GLU B 323 15.80 33.38 -16.01
CA GLU B 323 16.03 34.52 -15.12
C GLU B 323 16.84 35.62 -15.81
N GLU B 324 16.50 36.87 -15.50
CA GLU B 324 17.01 38.00 -16.28
C GLU B 324 18.53 38.01 -16.36
N GLN B 325 19.20 37.53 -15.31
CA GLN B 325 20.65 37.67 -15.20
C GLN B 325 21.42 36.75 -16.16
N VAL B 326 20.83 35.62 -16.55
CA VAL B 326 21.47 34.70 -17.49
C VAL B 326 20.72 34.62 -18.80
N TYR B 327 19.80 35.56 -19.05
CA TYR B 327 18.90 35.49 -20.20
C TYR B 327 19.67 35.49 -21.52
N SER B 328 20.45 36.55 -21.76
CA SER B 328 21.14 36.67 -23.04
C SER B 328 22.10 35.52 -23.24
N GLU B 329 22.78 35.11 -22.19
CA GLU B 329 23.68 33.98 -22.32
C GLU B 329 22.91 32.70 -22.62
N PHE B 330 21.68 32.58 -22.10
CA PHE B 330 20.89 31.40 -22.46
C PHE B 330 20.48 31.44 -23.93
N VAL B 331 19.90 32.56 -24.37
CA VAL B 331 19.44 32.70 -25.75
C VAL B 331 20.58 32.40 -26.71
N ARG B 332 21.72 33.07 -26.53
CA ARG B 332 22.90 32.86 -27.35
C ARG B 332 23.22 31.36 -27.49
N ARG B 333 23.48 30.68 -26.37
CA ARG B 333 23.91 29.29 -26.44
C ARG B 333 22.87 28.40 -27.08
N SER B 334 21.59 28.70 -26.87
CA SER B 334 20.54 27.91 -27.51
C SER B 334 20.60 28.03 -29.01
N VAL B 335 20.84 29.25 -29.51
CA VAL B 335 20.88 29.46 -30.96
C VAL B 335 21.98 28.61 -31.59
N GLU B 336 23.13 28.50 -30.92
CA GLU B 336 24.17 27.60 -31.38
C GLU B 336 23.64 26.19 -31.56
N TYR B 337 22.98 25.65 -30.52
CA TYR B 337 22.43 24.31 -30.61
C TYR B 337 21.46 24.16 -31.77
N ALA B 338 20.63 25.17 -31.99
CA ALA B 338 19.59 25.09 -33.02
C ALA B 338 20.18 25.21 -34.42
N LYS B 339 21.16 26.12 -34.60
CA LYS B 339 21.84 26.28 -35.88
C LYS B 339 22.70 25.07 -36.26
N LYS B 340 23.01 24.18 -35.32
CA LYS B 340 23.88 23.03 -35.57
C LYS B 340 23.14 21.69 -35.57
N ARG B 341 21.82 21.70 -35.41
CA ARG B 341 21.08 20.44 -35.31
C ARG B 341 20.93 19.83 -36.71
N PRO B 342 21.47 18.65 -36.95
CA PRO B 342 21.42 18.07 -38.30
C PRO B 342 19.99 17.69 -38.70
N VAL B 343 19.56 18.18 -39.86
CA VAL B 343 18.27 17.86 -40.45
C VAL B 343 18.49 17.14 -41.77
N GLY B 344 17.78 16.01 -41.96
CA GLY B 344 17.91 15.23 -43.17
C GLY B 344 17.04 13.99 -43.29
N ASP B 345 17.57 12.95 -43.95
CA ASP B 345 16.87 11.67 -44.10
C ASP B 345 16.92 10.90 -42.79
N PRO B 346 15.76 10.49 -42.24
CA PRO B 346 15.76 9.83 -40.93
C PRO B 346 16.56 8.54 -40.88
N PHE B 347 16.80 7.89 -42.01
CA PHE B 347 17.62 6.69 -41.98
C PHE B 347 19.10 6.99 -41.94
N ASP B 348 19.52 8.22 -42.23
CA ASP B 348 20.92 8.56 -42.01
C ASP B 348 21.16 8.64 -40.50
N VAL B 349 22.26 8.02 -40.06
CA VAL B 349 22.53 7.90 -38.64
C VAL B 349 22.78 9.24 -37.96
N LYS B 350 23.20 10.25 -38.72
CA LYS B 350 23.45 11.56 -38.13
C LYS B 350 22.20 12.44 -38.10
N THR B 351 21.12 12.05 -38.78
CA THR B 351 19.86 12.78 -38.72
C THR B 351 19.32 12.80 -37.29
N GLU B 352 19.18 13.99 -36.74
CA GLU B 352 18.55 14.16 -35.44
C GLU B 352 17.12 14.69 -35.55
N GLN B 353 16.73 15.19 -36.72
CA GLN B 353 15.40 15.75 -36.95
C GLN B 353 14.95 15.39 -38.35
N GLY B 354 13.83 14.67 -38.46
CA GLY B 354 13.23 14.35 -39.74
C GLY B 354 12.20 15.37 -40.15
N PRO B 355 11.34 15.02 -41.10
CA PRO B 355 10.27 15.93 -41.51
C PRO B 355 9.09 15.88 -40.56
N GLN B 356 8.25 16.90 -40.64
CA GLN B 356 6.97 16.83 -39.95
C GLN B 356 6.11 15.73 -40.57
N ILE B 357 5.06 15.36 -39.84
CA ILE B 357 4.25 14.19 -40.20
C ILE B 357 3.60 14.37 -41.58
N ASP B 358 3.07 15.56 -41.87
CA ASP B 358 2.59 15.84 -43.21
C ASP B 358 2.44 17.35 -43.37
N GLN B 359 1.96 17.75 -44.56
CA GLN B 359 1.84 19.17 -44.91
C GLN B 359 0.84 19.89 -44.02
N LYS B 360 -0.13 19.17 -43.49
CA LYS B 360 -1.14 19.82 -42.66
C LYS B 360 -0.50 20.38 -41.38
N GLN B 361 0.42 19.64 -40.78
CA GLN B 361 1.16 20.13 -39.61
C GLN B 361 2.19 21.18 -40.02
N PHE B 362 2.94 20.89 -41.07
CA PHE B 362 3.88 21.82 -41.70
C PHE B 362 3.32 23.25 -41.78
N ASP B 363 2.17 23.42 -42.45
CA ASP B 363 1.57 24.75 -42.57
C ASP B 363 1.14 25.31 -41.22
N LYS B 364 0.58 24.46 -40.35
CA LYS B 364 0.18 24.86 -39.00
C LYS B 364 1.33 25.52 -38.26
N ILE B 365 2.50 24.89 -38.29
CA ILE B 365 3.67 25.39 -37.60
C ILE B 365 4.12 26.73 -38.18
N LEU B 366 4.33 26.78 -39.50
CA LEU B 366 4.82 28.02 -40.12
C LEU B 366 3.88 29.19 -39.91
N GLU B 367 2.57 28.93 -39.91
CA GLU B 367 1.63 29.99 -39.63
C GLU B 367 1.87 30.56 -38.23
N LEU B 368 2.13 29.68 -37.26
CA LEU B 368 2.37 30.13 -35.90
C LEU B 368 3.70 30.86 -35.76
N ILE B 369 4.65 30.58 -36.63
CA ILE B 369 5.87 31.38 -36.62
C ILE B 369 5.54 32.80 -37.04
N GLU B 370 4.76 32.94 -38.12
CA GLU B 370 4.24 34.25 -38.52
C GLU B 370 3.58 34.95 -37.33
N SER B 371 2.66 34.24 -36.64
CA SER B 371 2.11 34.68 -35.36
C SER B 371 3.08 35.53 -34.55
N GLY B 372 4.26 34.98 -34.24
CA GLY B 372 5.19 35.66 -33.35
C GLY B 372 5.94 36.79 -34.04
N LYS B 373 6.29 36.62 -35.31
CA LYS B 373 6.79 37.72 -36.12
C LYS B 373 5.80 38.89 -36.09
N LYS B 374 4.60 38.65 -36.64
CA LYS B 374 3.48 39.57 -36.60
C LYS B 374 3.27 40.20 -35.22
N GLU B 375 3.78 39.58 -34.14
CA GLU B 375 3.42 40.01 -32.78
C GLU B 375 4.58 40.62 -31.99
N GLY B 376 5.78 40.67 -32.56
CA GLY B 376 6.88 41.37 -31.93
C GLY B 376 7.99 40.52 -31.35
N ALA B 377 7.82 39.19 -31.32
CA ALA B 377 8.91 38.35 -30.86
C ALA B 377 10.12 38.47 -31.78
N LYS B 378 11.31 38.29 -31.20
CA LYS B 378 12.57 38.44 -31.93
C LYS B 378 13.04 37.08 -32.44
N LEU B 379 12.98 36.90 -33.76
CA LEU B 379 13.64 35.76 -34.38
C LEU B 379 15.14 35.80 -34.07
N GLU B 380 15.71 34.63 -33.82
CA GLU B 380 17.16 34.48 -33.71
C GLU B 380 17.72 33.47 -34.69
N CYS B 381 16.92 32.56 -35.21
CA CYS B 381 17.35 31.59 -36.22
C CYS B 381 16.12 30.90 -36.79
N GLY B 382 16.25 30.40 -38.02
CA GLY B 382 15.12 29.73 -38.66
C GLY B 382 14.00 30.68 -39.08
N GLY B 383 12.77 30.22 -38.93
CA GLY B 383 11.59 31.00 -39.29
C GLY B 383 11.04 30.72 -40.67
N SER B 384 11.52 29.68 -41.35
CA SER B 384 11.12 29.34 -42.71
C SER B 384 11.23 27.84 -42.90
N ALA B 385 10.80 27.36 -44.07
CA ALA B 385 10.98 25.95 -44.38
C ALA B 385 12.42 25.73 -44.83
N MET B 386 12.70 24.60 -45.46
CA MET B 386 14.05 24.28 -45.85
C MET B 386 14.14 23.75 -47.28
N GLY B 390 11.38 19.82 -49.18
CA GLY B 390 10.46 18.81 -48.68
C GLY B 390 9.53 19.26 -47.55
N LEU B 391 9.41 18.42 -46.51
CA LEU B 391 8.59 18.68 -45.34
C LEU B 391 9.42 18.97 -44.10
N PHE B 392 10.50 19.74 -44.25
CA PHE B 392 11.39 20.08 -43.16
C PHE B 392 11.22 21.56 -42.83
N ILE B 393 11.31 21.89 -41.54
CA ILE B 393 11.32 23.28 -41.06
C ILE B 393 12.59 23.51 -40.25
N LYS B 394 13.29 24.59 -40.55
CA LYS B 394 14.56 24.81 -39.90
C LYS B 394 14.35 25.15 -38.42
N PRO B 395 15.21 24.66 -37.54
CA PRO B 395 15.10 24.94 -36.10
C PRO B 395 14.98 26.43 -35.81
N THR B 396 13.95 26.80 -35.07
CA THR B 396 13.60 28.20 -34.91
C THR B 396 13.59 28.58 -33.43
N VAL B 397 14.29 29.66 -33.10
CA VAL B 397 14.33 30.20 -31.74
C VAL B 397 13.76 31.61 -31.78
N PHE B 398 12.79 31.87 -30.92
CA PHE B 398 12.29 33.21 -30.71
C PHE B 398 12.84 33.73 -29.39
N SER B 399 13.35 34.94 -29.44
CA SER B 399 13.79 35.59 -28.23
C SER B 399 12.71 36.52 -27.73
N GLU B 400 12.73 36.78 -26.42
CA GLU B 400 12.13 37.99 -25.92
C GLU B 400 10.59 37.94 -26.07
N VAL B 401 10.09 36.86 -25.55
CA VAL B 401 8.70 36.45 -25.69
C VAL B 401 7.96 36.82 -24.42
N THR B 402 6.70 37.20 -24.60
CA THR B 402 5.80 37.62 -23.54
C THR B 402 4.57 36.70 -23.50
N ASP B 403 3.93 36.67 -22.33
CA ASP B 403 2.85 35.70 -22.07
C ASP B 403 1.70 35.82 -23.03
N ASN B 404 1.37 37.03 -23.50
CA ASN B 404 0.21 37.25 -24.35
C ASN B 404 0.45 36.87 -25.81
N MET B 405 1.71 36.64 -26.20
CA MET B 405 2.00 36.21 -27.56
C MET B 405 1.32 34.87 -27.85
N ARG B 406 1.17 34.54 -29.14
CA ARG B 406 0.44 33.33 -29.44
C ARG B 406 1.31 32.10 -29.35
N ILE B 407 2.58 32.23 -29.74
CA ILE B 407 3.51 31.10 -29.63
C ILE B 407 3.83 30.86 -28.16
N ALA B 408 3.28 31.70 -27.28
CA ALA B 408 3.39 31.53 -25.84
C ALA B 408 2.15 30.92 -25.21
N LYS B 409 1.07 30.79 -25.96
CA LYS B 409 -0.15 30.26 -25.40
C LYS B 409 -0.67 29.07 -26.17
N GLU B 410 -0.36 28.97 -27.46
CA GLU B 410 -0.80 27.85 -28.30
C GLU B 410 0.32 26.84 -28.44
N GLU B 411 0.02 25.57 -28.15
CA GLU B 411 0.95 24.49 -28.42
C GLU B 411 1.29 24.45 -29.90
N ILE B 412 2.57 24.63 -30.20
CA ILE B 412 3.05 24.77 -31.58
C ILE B 412 3.29 23.40 -32.23
N PHE B 413 3.80 22.44 -31.46
CA PHE B 413 3.90 21.07 -31.95
C PHE B 413 4.82 20.98 -33.16
N GLY B 414 5.93 21.70 -33.12
CA GLY B 414 6.95 21.68 -34.15
C GLY B 414 8.20 22.42 -33.71
N PRO B 415 9.28 22.37 -34.50
CA PRO B 415 10.59 22.81 -33.97
C PRO B 415 10.72 24.30 -33.73
N VAL B 416 10.03 24.85 -32.73
CA VAL B 416 10.05 26.28 -32.42
C VAL B 416 10.32 26.46 -30.94
N GLN B 417 11.44 27.13 -30.59
CA GLN B 417 11.78 27.34 -29.17
C GLN B 417 11.51 28.78 -28.72
N PRO B 418 10.39 29.08 -28.09
CA PRO B 418 10.15 30.43 -27.59
C PRO B 418 10.72 30.66 -26.19
N ILE B 419 11.50 31.72 -25.97
CA ILE B 419 12.19 31.94 -24.71
C ILE B 419 11.68 33.21 -24.04
N LEU B 420 11.29 33.09 -22.78
CA LEU B 420 10.81 34.19 -21.97
C LEU B 420 11.78 34.48 -20.82
N LYS B 421 11.38 35.42 -19.98
CA LYS B 421 12.26 36.15 -19.08
C LYS B 421 11.48 36.39 -17.80
N PHE B 422 12.09 36.16 -16.65
CA PHE B 422 11.37 36.38 -15.41
C PHE B 422 12.34 36.95 -14.40
N LYS B 423 11.78 37.59 -13.37
CA LYS B 423 12.56 38.23 -12.31
C LYS B 423 12.47 37.52 -10.96
N SER B 424 11.28 37.10 -10.54
CA SER B 424 11.06 36.56 -9.21
C SER B 424 10.76 35.06 -9.25
N ILE B 425 11.01 34.39 -8.13
CA ILE B 425 10.56 33.00 -8.05
C ILE B 425 9.05 32.94 -8.05
N GLU B 426 8.39 33.74 -7.20
CA GLU B 426 6.93 33.64 -7.14
C GLU B 426 6.27 34.27 -8.35
N GLU B 427 6.98 35.17 -9.04
CA GLU B 427 6.47 35.64 -10.31
C GLU B 427 6.33 34.49 -11.29
N VAL B 428 7.43 33.78 -11.55
CA VAL B 428 7.41 32.73 -12.56
C VAL B 428 6.35 31.68 -12.23
N ILE B 429 6.08 31.43 -10.94
CA ILE B 429 5.09 30.42 -10.56
C ILE B 429 3.71 30.83 -11.05
N LYS B 430 3.29 32.06 -10.75
CA LYS B 430 1.97 32.47 -11.20
C LYS B 430 1.87 32.35 -12.71
N ARG B 431 2.95 32.70 -13.42
CA ARG B 431 2.94 32.72 -14.89
C ARG B 431 2.90 31.31 -15.48
N ALA B 432 3.68 30.38 -14.92
CA ALA B 432 3.66 29.02 -15.43
C ALA B 432 2.30 28.35 -15.18
N ASN B 433 1.66 28.67 -14.06
CA ASN B 433 0.41 28.02 -13.65
C ASN B 433 -0.83 28.61 -14.33
N SER B 434 -0.68 29.68 -15.12
CA SER B 434 -1.83 30.43 -15.61
C SER B 434 -2.46 29.85 -16.88
N THR B 435 -1.89 28.82 -17.48
CA THR B 435 -2.56 28.12 -18.55
C THR B 435 -3.68 27.23 -17.99
N ASP B 436 -4.52 26.72 -18.89
CA ASP B 436 -5.57 25.76 -18.52
C ASP B 436 -5.04 24.33 -18.43
N TYR B 437 -3.77 24.09 -18.74
CA TYR B 437 -3.25 22.74 -18.88
C TYR B 437 -2.12 22.54 -17.88
N GLY B 438 -1.75 21.28 -17.68
CA GLY B 438 -0.70 20.98 -16.70
C GLY B 438 -0.05 19.62 -16.84
N LEU B 439 0.50 19.32 -18.02
CA LEU B 439 1.09 18.02 -18.23
C LEU B 439 2.46 17.91 -17.60
N THR B 440 3.34 18.85 -17.90
CA THR B 440 4.75 18.68 -17.63
C THR B 440 5.38 20.01 -17.25
N ALA B 441 6.43 19.94 -16.44
CA ALA B 441 7.31 21.08 -16.15
C ALA B 441 8.71 20.59 -15.82
N ALA B 442 9.70 21.44 -16.09
CA ALA B 442 11.09 21.21 -15.69
C ALA B 442 11.65 22.48 -15.07
N VAL B 443 12.49 22.32 -14.04
CA VAL B 443 13.16 23.45 -13.40
C VAL B 443 14.64 23.12 -13.23
N PHE B 444 15.48 24.14 -13.38
CA PHE B 444 16.93 23.97 -13.37
C PHE B 444 17.55 24.87 -12.32
N THR B 445 18.16 24.26 -11.31
CA THR B 445 18.78 25.00 -10.21
C THR B 445 19.66 24.06 -9.41
N LYS B 446 20.68 24.64 -8.80
CA LYS B 446 21.46 23.92 -7.82
C LYS B 446 20.91 24.07 -6.41
N ASN B 447 19.91 24.94 -6.22
CA ASN B 447 19.49 25.35 -4.88
C ASN B 447 18.41 24.42 -4.36
N LEU B 448 18.71 23.74 -3.25
CA LEU B 448 17.78 22.74 -2.74
C LEU B 448 16.41 23.35 -2.46
N ASP B 449 16.40 24.49 -1.75
CA ASP B 449 15.14 25.12 -1.36
C ASP B 449 14.34 25.60 -2.56
N LYS B 450 15.01 26.02 -3.64
CA LYS B 450 14.33 26.51 -4.84
C LYS B 450 13.72 25.36 -5.65
N ALA B 451 14.53 24.37 -5.97
CA ALA B 451 14.05 23.18 -6.65
C ALA B 451 12.79 22.62 -5.99
N LEU B 452 12.79 22.43 -4.68
CA LEU B 452 11.65 21.77 -4.04
C LEU B 452 10.45 22.69 -3.96
N LYS B 453 10.67 23.96 -3.59
CA LYS B 453 9.56 24.91 -3.49
C LYS B 453 8.86 25.07 -4.83
N LEU B 454 9.64 25.03 -5.92
CA LEU B 454 9.05 25.06 -7.26
C LEU B 454 8.30 23.78 -7.56
N ALA B 455 8.93 22.63 -7.31
CA ALA B 455 8.28 21.35 -7.58
C ALA B 455 6.93 21.23 -6.86
N SER B 456 6.81 21.80 -5.65
CA SER B 456 5.51 21.72 -4.98
C SER B 456 4.48 22.65 -5.60
N ALA B 457 4.89 23.83 -6.10
CA ALA B 457 3.96 24.86 -6.51
C ALA B 457 3.51 24.74 -7.97
N LEU B 458 4.30 24.12 -8.83
CA LEU B 458 3.94 23.95 -10.23
C LEU B 458 2.79 22.98 -10.37
N GLU B 459 1.78 23.36 -11.14
CA GLU B 459 0.57 22.54 -11.28
C GLU B 459 0.71 21.65 -12.52
N SER B 460 1.41 20.54 -12.32
CA SER B 460 1.90 19.69 -13.40
C SER B 460 1.89 18.23 -13.01
N GLY B 461 1.61 17.37 -13.98
CA GLY B 461 1.56 15.94 -13.71
C GLY B 461 2.92 15.34 -13.43
N THR B 462 3.96 15.91 -14.04
CA THR B 462 5.36 15.54 -13.82
C THR B 462 6.17 16.82 -13.73
N VAL B 463 7.04 16.91 -12.74
CA VAL B 463 7.99 18.01 -12.62
C VAL B 463 9.38 17.40 -12.72
N TRP B 464 10.11 17.72 -13.79
CA TRP B 464 11.50 17.31 -13.91
C TRP B 464 12.41 18.35 -13.27
N ILE B 465 13.44 17.90 -12.57
CA ILE B 465 14.40 18.80 -11.94
C ILE B 465 15.77 18.47 -12.51
N ASN B 466 16.41 19.48 -13.11
CA ASN B 466 17.71 19.34 -13.76
C ASN B 466 17.73 18.15 -14.71
N CYS B 467 16.62 17.94 -15.42
CA CYS B 467 16.56 16.96 -16.48
C CYS B 467 15.29 17.20 -17.28
N TYR B 468 15.17 16.54 -18.43
CA TYR B 468 13.98 16.64 -19.26
C TYR B 468 13.73 15.32 -19.98
N ASN B 469 12.46 14.95 -20.12
CA ASN B 469 12.04 13.72 -20.80
C ASN B 469 12.57 12.47 -20.11
N ALA B 470 12.74 12.54 -18.79
CA ALA B 470 13.11 11.38 -17.99
C ALA B 470 11.86 10.59 -17.64
N LEU B 471 11.56 9.56 -18.44
CA LEU B 471 10.37 8.75 -18.25
C LEU B 471 10.76 7.34 -17.87
N TYR B 472 9.93 6.71 -17.03
CA TYR B 472 10.19 5.38 -16.52
C TYR B 472 8.91 4.56 -16.49
N ALA B 473 9.06 3.26 -16.77
CA ALA B 473 7.91 2.36 -16.78
C ALA B 473 7.17 2.37 -15.44
N GLN B 474 7.92 2.61 -14.35
CA GLN B 474 7.46 2.58 -12.97
C GLN B 474 6.99 3.93 -12.43
N ALA B 475 7.23 5.02 -13.18
CA ALA B 475 6.82 6.35 -12.75
C ALA B 475 5.56 6.72 -13.50
N PRO B 476 4.51 7.11 -12.81
CA PRO B 476 3.26 7.46 -13.50
C PRO B 476 3.38 8.76 -14.29
N PHE B 477 2.56 8.87 -15.33
CA PHE B 477 2.57 10.03 -16.22
C PHE B 477 1.14 10.46 -16.52
N GLY B 478 0.90 11.78 -16.54
CA GLY B 478 -0.45 12.27 -16.75
C GLY B 478 -0.55 13.76 -16.47
N GLY B 479 -1.76 14.28 -16.65
CA GLY B 479 -2.00 15.71 -16.62
C GLY B 479 -2.80 16.18 -15.43
N PHE B 480 -2.49 17.40 -14.99
CA PHE B 480 -3.41 18.25 -14.25
C PHE B 480 -4.35 18.98 -15.22
N LYS B 481 -5.49 19.41 -14.68
CA LYS B 481 -6.33 20.43 -15.32
C LYS B 481 -6.82 19.90 -16.67
N MET B 482 -6.70 20.65 -17.76
CA MET B 482 -7.14 20.17 -19.05
C MET B 482 -6.08 19.34 -19.77
N SER B 483 -4.98 19.03 -19.11
CA SER B 483 -4.05 18.12 -19.76
C SER B 483 -4.51 16.66 -19.70
N GLY B 484 -5.52 16.31 -18.92
CA GLY B 484 -6.08 14.97 -18.97
C GLY B 484 -6.58 14.48 -17.62
N ASN B 485 -7.00 13.21 -17.61
CA ASN B 485 -7.57 12.50 -16.47
C ASN B 485 -6.84 11.19 -16.28
N GLY B 486 -6.53 10.85 -15.03
CA GLY B 486 -5.98 9.54 -14.74
C GLY B 486 -4.52 9.49 -15.07
N ARG B 487 -3.92 8.31 -14.92
CA ARG B 487 -2.48 8.21 -15.10
C ARG B 487 -2.15 7.00 -15.97
N GLU B 488 -1.01 7.06 -16.63
CA GLU B 488 -0.44 5.90 -17.28
C GLU B 488 0.96 5.65 -16.73
N LEU B 489 1.42 4.41 -16.85
CA LEU B 489 2.69 3.95 -16.27
C LEU B 489 2.59 3.95 -14.75
N GLY B 490 3.56 3.33 -14.09
CA GLY B 490 3.53 3.22 -12.65
C GLY B 490 2.51 2.22 -12.13
N GLU B 491 2.52 2.05 -10.81
CA GLU B 491 1.44 1.28 -10.22
C GLU B 491 0.08 1.95 -10.46
N TYR B 492 0.09 3.28 -10.62
CA TYR B 492 -1.14 4.04 -10.74
C TYR B 492 -1.96 3.69 -11.99
N ALA B 493 -1.29 3.25 -13.07
CA ALA B 493 -2.02 2.74 -14.23
C ALA B 493 -3.02 1.64 -13.87
N LEU B 494 -2.69 0.78 -12.90
CA LEU B 494 -3.57 -0.33 -12.54
C LEU B 494 -4.92 0.14 -12.02
N ALA B 495 -4.98 1.34 -11.42
CA ALA B 495 -6.27 1.84 -10.97
C ALA B 495 -7.21 2.10 -12.17
N GLU B 496 -6.64 2.39 -13.33
CA GLU B 496 -7.43 2.71 -14.50
C GLU B 496 -7.97 1.48 -15.17
N TYR B 497 -7.40 0.32 -14.91
CA TYR B 497 -7.86 -0.87 -15.60
C TYR B 497 -8.54 -1.88 -14.69
N THR B 498 -9.02 -1.47 -13.52
CA THR B 498 -9.64 -2.40 -12.58
C THR B 498 -10.90 -1.78 -11.98
N GLU B 499 -11.82 -2.63 -11.54
CA GLU B 499 -13.02 -2.18 -10.87
C GLU B 499 -13.03 -2.77 -9.46
N VAL B 500 -13.33 -1.93 -8.48
CA VAL B 500 -13.18 -2.27 -7.08
C VAL B 500 -14.50 -2.85 -6.59
N LYS B 501 -14.43 -3.97 -5.88
CA LYS B 501 -15.60 -4.68 -5.38
C LYS B 501 -15.41 -4.99 -3.90
N THR B 502 -16.32 -4.49 -3.07
CA THR B 502 -16.41 -4.87 -1.66
C THR B 502 -17.24 -6.13 -1.54
N VAL B 503 -16.68 -7.16 -0.91
CA VAL B 503 -17.45 -8.31 -0.46
C VAL B 503 -17.51 -8.26 1.07
N THR B 504 -18.71 -8.36 1.61
CA THR B 504 -18.92 -8.24 3.04
C THR B 504 -19.75 -9.42 3.55
N ILE B 505 -19.17 -10.18 4.47
CA ILE B 505 -19.75 -11.42 4.97
C ILE B 505 -20.04 -11.28 6.45
N LYS B 506 -21.26 -11.59 6.86
CA LYS B 506 -21.64 -11.58 8.27
C LYS B 506 -21.76 -13.00 8.79
N LEU B 507 -21.29 -13.19 10.02
CA LEU B 507 -21.30 -14.47 10.71
C LEU B 507 -22.23 -14.41 11.91
N VAL C 29 28.73 -35.14 -11.02
CA VAL C 29 28.81 -34.04 -10.06
C VAL C 29 29.98 -33.12 -10.36
N LYS C 30 29.73 -32.08 -11.16
CA LYS C 30 30.77 -31.16 -11.60
C LYS C 30 31.18 -30.15 -10.53
N PHE C 31 30.35 -29.89 -9.53
CA PHE C 31 30.56 -28.74 -8.65
C PHE C 31 30.61 -29.19 -7.19
N THR C 32 31.81 -29.03 -6.57
CA THR C 32 32.08 -29.49 -5.22
C THR C 32 32.85 -28.49 -4.36
N LYS C 33 33.25 -27.35 -4.88
CA LYS C 33 34.16 -26.44 -4.21
C LYS C 33 33.40 -25.20 -3.71
N ILE C 34 34.14 -24.30 -3.07
CA ILE C 34 33.55 -23.13 -2.41
C ILE C 34 33.42 -22.03 -3.45
N PHE C 35 32.27 -21.37 -3.49
CA PHE C 35 31.94 -20.40 -4.54
C PHE C 35 32.05 -18.98 -3.96
N ILE C 36 33.09 -18.25 -4.38
CA ILE C 36 33.36 -16.91 -3.87
C ILE C 36 33.89 -16.05 -5.02
N ASN C 37 33.29 -14.89 -5.21
CA ASN C 37 33.64 -13.98 -6.32
C ASN C 37 33.50 -14.69 -7.67
N ASN C 38 32.37 -15.38 -7.84
CA ASN C 38 32.08 -16.16 -9.03
C ASN C 38 33.29 -16.99 -9.44
N GLU C 39 34.07 -17.45 -8.47
CA GLU C 39 35.17 -18.38 -8.71
C GLU C 39 35.03 -19.56 -7.76
N TRP C 40 35.81 -20.61 -8.01
CA TRP C 40 35.75 -21.82 -7.20
C TRP C 40 36.99 -21.95 -6.33
N HIS C 41 36.81 -22.48 -5.10
CA HIS C 41 37.87 -22.45 -4.09
C HIS C 41 37.87 -23.71 -3.26
N GLU C 42 39.04 -24.21 -2.93
CA GLU C 42 39.14 -25.28 -1.95
C GLU C 42 39.21 -24.71 -0.53
N SER C 43 38.74 -25.50 0.43
CA SER C 43 38.74 -25.09 1.82
C SER C 43 40.14 -24.68 2.26
N LYS C 44 40.20 -23.60 3.05
CA LYS C 44 41.50 -23.18 3.53
C LYS C 44 42.18 -24.30 4.32
N SER C 45 41.39 -25.07 5.06
CA SER C 45 41.92 -26.22 5.78
C SER C 45 42.32 -27.37 4.87
N GLY C 46 41.88 -27.36 3.61
CA GLY C 46 42.07 -28.48 2.72
C GLY C 46 41.16 -29.66 2.97
N LYS C 47 40.31 -29.60 4.00
CA LYS C 47 39.45 -30.70 4.38
C LYS C 47 38.22 -30.78 3.47
N LYS C 48 37.67 -32.00 3.39
CA LYS C 48 36.42 -32.26 2.67
C LYS C 48 35.57 -33.22 3.49
N PHE C 49 34.26 -33.25 3.19
CA PHE C 49 33.33 -34.16 3.83
C PHE C 49 32.53 -34.89 2.77
N ALA C 50 31.92 -36.01 3.15
CA ALA C 50 31.19 -36.83 2.17
C ALA C 50 29.71 -36.47 2.15
N THR C 51 29.12 -36.60 0.97
CA THR C 51 27.67 -36.58 0.77
C THR C 51 27.25 -37.92 0.18
N CYS C 52 26.15 -38.47 0.67
CA CYS C 52 25.77 -39.83 0.28
C CYS C 52 24.31 -39.91 -0.08
N ASN C 53 24.05 -40.69 -1.11
CA ASN C 53 22.72 -41.02 -1.60
C ASN C 53 21.99 -41.87 -0.57
N PRO C 54 20.85 -41.45 -0.03
CA PRO C 54 20.16 -42.28 0.98
C PRO C 54 19.50 -43.53 0.42
N SER C 55 19.51 -43.72 -0.90
CA SER C 55 18.89 -44.89 -1.50
C SER C 55 19.91 -45.99 -1.80
N THR C 56 20.97 -45.65 -2.53
CA THR C 56 22.10 -46.55 -2.67
C THR C 56 22.69 -46.88 -1.32
N ARG C 57 22.60 -45.94 -0.39
CA ARG C 57 23.34 -45.91 0.87
C ARG C 57 24.84 -45.77 0.62
N GLU C 58 25.20 -45.35 -0.58
CA GLU C 58 26.58 -45.13 -1.00
C GLU C 58 26.89 -43.63 -1.12
N GLN C 59 28.17 -43.33 -1.22
CA GLN C 59 28.66 -41.97 -1.20
C GLN C 59 28.66 -41.38 -2.61
N ILE C 60 28.17 -40.16 -2.73
CA ILE C 60 28.06 -39.53 -4.05
C ILE C 60 29.34 -38.82 -4.43
N CYS C 61 29.81 -37.93 -3.56
CA CYS C 61 31.07 -37.25 -3.84
C CYS C 61 31.63 -36.71 -2.53
N GLU C 62 32.64 -35.87 -2.65
CA GLU C 62 33.18 -35.10 -1.55
C GLU C 62 33.05 -33.62 -1.87
N VAL C 63 32.81 -32.84 -0.82
CA VAL C 63 32.64 -31.39 -0.92
C VAL C 63 33.58 -30.74 0.07
N GLU C 64 34.20 -29.64 -0.33
CA GLU C 64 35.06 -28.87 0.56
C GLU C 64 34.38 -28.59 1.90
N GLU C 65 35.14 -28.69 2.97
CA GLU C 65 34.59 -28.47 4.31
C GLU C 65 35.05 -27.10 4.76
N GLY C 66 34.13 -26.14 4.76
CA GLY C 66 34.49 -24.78 5.10
C GLY C 66 34.52 -24.56 6.58
N ASP C 67 35.22 -23.51 6.98
CA ASP C 67 35.21 -23.08 8.37
C ASP C 67 35.13 -21.55 8.37
N LYS C 68 35.21 -20.97 9.57
CA LYS C 68 35.17 -19.51 9.68
C LYS C 68 36.10 -18.82 8.70
N PRO C 69 37.37 -19.21 8.55
CA PRO C 69 38.25 -18.48 7.63
C PRO C 69 37.72 -18.44 6.20
N ASP C 70 37.00 -19.47 5.75
CA ASP C 70 36.36 -19.37 4.45
C ASP C 70 35.13 -18.46 4.49
N VAL C 71 34.37 -18.48 5.59
CA VAL C 71 33.23 -17.57 5.73
C VAL C 71 33.68 -16.12 5.78
N ASP C 72 34.83 -15.86 6.39
CA ASP C 72 35.39 -14.50 6.32
C ASP C 72 35.65 -14.08 4.87
N LYS C 73 36.27 -14.94 4.08
CA LYS C 73 36.56 -14.54 2.70
C LYS C 73 35.28 -14.27 1.93
N ALA C 74 34.26 -15.12 2.12
CA ALA C 74 33.00 -14.93 1.41
C ALA C 74 32.32 -13.64 1.86
N VAL C 75 32.30 -13.42 3.18
CA VAL C 75 31.68 -12.20 3.70
C VAL C 75 32.41 -10.99 3.17
N GLU C 76 33.74 -11.05 3.16
CA GLU C 76 34.52 -9.96 2.59
C GLU C 76 34.12 -9.70 1.17
N ALA C 77 34.04 -10.76 0.36
CA ALA C 77 33.66 -10.61 -1.04
C ALA C 77 32.25 -10.04 -1.20
N ALA C 78 31.36 -10.35 -0.26
CA ALA C 78 30.02 -9.79 -0.33
C ALA C 78 30.01 -8.32 0.02
N GLN C 79 30.94 -7.89 0.88
CA GLN C 79 31.03 -6.46 1.19
C GLN C 79 31.50 -5.65 0.00
N VAL C 80 32.66 -5.99 -0.56
CA VAL C 80 33.20 -5.24 -1.69
C VAL C 80 32.17 -5.15 -2.83
N ALA C 81 31.45 -6.24 -3.08
CA ALA C 81 30.40 -6.21 -4.08
C ALA C 81 29.24 -5.30 -3.68
N PHE C 82 29.07 -5.05 -2.38
CA PHE C 82 28.01 -4.20 -1.88
C PHE C 82 28.45 -2.75 -1.67
N GLN C 83 29.75 -2.44 -1.74
CA GLN C 83 30.20 -1.06 -1.56
C GLN C 83 29.50 -0.12 -2.53
N ARG C 84 29.14 1.06 -2.04
CA ARG C 84 28.66 2.08 -2.95
C ARG C 84 29.73 2.30 -4.02
N GLY C 85 29.28 2.47 -5.26
CA GLY C 85 30.17 2.48 -6.40
C GLY C 85 30.41 1.14 -7.03
N SER C 86 30.02 0.04 -6.39
CA SER C 86 30.23 -1.28 -6.96
C SER C 86 29.26 -1.52 -8.12
N PRO C 87 29.62 -2.39 -9.05
CA PRO C 87 28.70 -2.68 -10.16
C PRO C 87 27.30 -2.99 -9.66
N TRP C 88 27.15 -3.99 -8.79
CA TRP C 88 25.84 -4.38 -8.29
C TRP C 88 25.03 -3.19 -7.77
N ARG C 89 25.69 -2.29 -7.04
CA ARG C 89 25.00 -1.11 -6.51
C ARG C 89 24.62 -0.09 -7.60
N ARG C 90 25.27 -0.13 -8.74
CA ARG C 90 25.00 0.88 -9.75
C ARG C 90 23.99 0.43 -10.78
N LEU C 91 23.73 -0.88 -10.85
CA LEU C 91 22.63 -1.38 -11.67
C LEU C 91 21.35 -0.66 -11.33
N ASP C 92 20.51 -0.47 -12.35
CA ASP C 92 19.21 0.05 -12.05
C ASP C 92 18.34 -1.07 -11.53
N ALA C 93 17.18 -0.68 -10.98
CA ALA C 93 16.30 -1.66 -10.40
C ALA C 93 15.90 -2.71 -11.41
N LEU C 94 15.47 -2.27 -12.60
CA LEU C 94 14.91 -3.21 -13.59
C LEU C 94 15.93 -4.23 -14.03
N SER C 95 17.21 -3.85 -14.06
CA SER C 95 18.21 -4.81 -14.50
C SER C 95 18.48 -5.86 -13.45
N ARG C 96 18.35 -5.49 -12.17
CA ARG C 96 18.36 -6.51 -11.12
C ARG C 96 17.30 -7.56 -11.43
N GLY C 97 16.08 -7.10 -11.75
CA GLY C 97 15.03 -8.02 -12.12
C GLY C 97 15.35 -8.84 -13.36
N ARG C 98 15.95 -8.21 -14.37
CA ARG C 98 16.31 -8.94 -15.57
C ARG C 98 17.30 -10.05 -15.27
N LEU C 99 18.23 -9.80 -14.33
CA LEU C 99 19.18 -10.85 -13.90
C LEU C 99 18.45 -12.04 -13.30
N LEU C 100 17.48 -11.77 -12.41
CA LEU C 100 16.74 -12.85 -11.77
C LEU C 100 15.92 -13.63 -12.80
N HIS C 101 15.33 -12.94 -13.78
CA HIS C 101 14.65 -13.68 -14.83
C HIS C 101 15.64 -14.56 -15.57
N GLN C 102 16.82 -14.01 -15.81
CA GLN C 102 17.83 -14.72 -16.57
C GLN C 102 18.27 -15.99 -15.84
N LEU C 103 18.41 -15.91 -14.51
CA LEU C 103 18.77 -17.09 -13.75
C LEU C 103 17.63 -18.10 -13.71
N ALA C 104 16.38 -17.63 -13.68
CA ALA C 104 15.27 -18.56 -13.71
C ALA C 104 15.22 -19.26 -15.05
N ASP C 105 15.64 -18.57 -16.11
CA ASP C 105 15.75 -19.21 -17.42
C ASP C 105 16.77 -20.35 -17.41
N LEU C 106 17.87 -20.19 -16.66
CA LEU C 106 18.90 -21.22 -16.62
C LEU C 106 18.46 -22.39 -15.78
N VAL C 107 17.79 -22.11 -14.65
CA VAL C 107 17.24 -23.19 -13.84
C VAL C 107 16.29 -24.05 -14.66
N GLU C 108 15.49 -23.42 -15.53
CA GLU C 108 14.58 -24.20 -16.35
C GLU C 108 15.30 -24.96 -17.45
N ARG C 109 16.37 -24.37 -18.00
CA ARG C 109 17.17 -25.10 -18.99
C ARG C 109 17.82 -26.34 -18.40
N ASP C 110 18.31 -26.27 -17.15
CA ASP C 110 18.92 -27.42 -16.48
C ASP C 110 18.00 -28.05 -15.45
N ARG C 111 16.69 -27.95 -15.66
CA ARG C 111 15.72 -28.43 -14.68
C ARG C 111 15.93 -29.90 -14.33
N ALA C 112 16.17 -30.75 -15.33
CA ALA C 112 16.33 -32.19 -15.10
C ALA C 112 17.59 -32.48 -14.29
N THR C 113 18.71 -31.87 -14.68
CA THR C 113 19.95 -32.05 -13.94
C THR C 113 19.76 -31.66 -12.47
N LEU C 114 19.05 -30.55 -12.22
CA LEU C 114 18.94 -30.06 -10.85
C LEU C 114 18.02 -30.94 -10.04
N ALA C 115 16.86 -31.30 -10.60
CA ALA C 115 15.95 -32.21 -9.92
C ALA C 115 16.60 -33.57 -9.65
N ALA C 116 17.51 -34.01 -10.52
CA ALA C 116 18.15 -35.31 -10.35
C ALA C 116 19.08 -35.30 -9.13
N LEU C 117 19.99 -34.33 -9.08
CA LEU C 117 20.89 -34.19 -7.95
C LEU C 117 20.11 -34.12 -6.65
N GLU C 118 19.08 -33.28 -6.63
CA GLU C 118 18.21 -33.21 -5.46
C GLU C 118 17.73 -34.61 -5.07
N THR C 119 17.21 -35.38 -6.03
CA THR C 119 16.77 -36.74 -5.71
C THR C 119 17.94 -37.59 -5.21
N MET C 120 19.11 -37.44 -5.83
CA MET C 120 20.29 -38.16 -5.35
C MET C 120 20.62 -37.82 -3.89
N ASP C 121 20.63 -36.53 -3.56
CA ASP C 121 21.04 -36.11 -2.23
C ASP C 121 19.98 -36.36 -1.16
N THR C 122 18.70 -36.41 -1.53
CA THR C 122 17.62 -36.36 -0.54
C THR C 122 16.86 -37.66 -0.39
N GLY C 123 16.77 -38.45 -1.46
CA GLY C 123 15.89 -39.60 -1.51
C GLY C 123 14.51 -39.27 -2.05
N LYS C 124 14.33 -38.12 -2.58
CA LYS C 124 13.06 -37.58 -3.01
C LYS C 124 12.69 -38.20 -4.36
N PRO C 125 11.42 -38.58 -4.55
CA PRO C 125 11.00 -39.06 -5.88
C PRO C 125 11.47 -38.06 -6.92
N PHE C 126 12.07 -38.57 -7.99
CA PHE C 126 12.56 -37.67 -9.03
C PHE C 126 11.45 -36.76 -9.53
N LEU C 127 10.28 -37.34 -9.80
CA LEU C 127 9.17 -36.57 -10.38
C LEU C 127 8.64 -35.52 -9.42
N HIS C 128 8.69 -35.78 -8.11
CA HIS C 128 8.34 -34.74 -7.14
C HIS C 128 9.35 -33.58 -7.19
N ALA C 129 10.64 -33.87 -7.25
CA ALA C 129 11.60 -32.78 -7.29
C ALA C 129 11.53 -32.00 -8.60
N PHE C 130 11.03 -32.62 -9.67
CA PHE C 130 10.99 -31.99 -10.98
C PHE C 130 9.74 -31.12 -11.16
N PHE C 131 8.61 -31.60 -10.70
CA PHE C 131 7.35 -30.91 -10.87
C PHE C 131 6.94 -30.09 -9.65
N ILE C 132 7.54 -30.32 -8.49
CA ILE C 132 7.20 -29.53 -7.31
C ILE C 132 8.38 -28.63 -6.97
N ASP C 133 9.41 -29.19 -6.32
CA ASP C 133 10.59 -28.45 -5.89
C ASP C 133 11.08 -27.49 -6.97
N LEU C 134 11.46 -28.04 -8.12
CA LEU C 134 12.07 -27.20 -9.13
C LEU C 134 11.08 -26.19 -9.68
N GLU C 135 9.79 -26.54 -9.71
CA GLU C 135 8.79 -25.60 -10.20
C GLU C 135 8.63 -24.43 -9.25
N GLY C 136 8.68 -24.70 -7.93
CA GLY C 136 8.64 -23.62 -6.95
C GLY C 136 9.83 -22.68 -7.05
N CYS C 137 10.98 -23.19 -7.45
CA CYS C 137 12.13 -22.32 -7.60
C CYS C 137 11.93 -21.37 -8.78
N ILE C 138 11.42 -21.88 -9.90
CA ILE C 138 11.31 -21.03 -11.07
C ILE C 138 10.25 -19.94 -10.87
N ARG C 139 9.10 -20.30 -10.30
CA ARG C 139 8.09 -19.30 -10.00
C ARG C 139 8.56 -18.32 -8.94
N THR C 140 9.24 -18.80 -7.89
CA THR C 140 9.78 -17.88 -6.88
C THR C 140 10.74 -16.88 -7.52
N LEU C 141 11.71 -17.37 -8.30
CA LEU C 141 12.61 -16.47 -9.00
C LEU C 141 11.83 -15.48 -9.87
N ARG C 142 10.82 -15.97 -10.59
CA ARG C 142 10.15 -15.09 -11.53
C ARG C 142 9.24 -14.07 -10.83
N TYR C 143 8.59 -14.46 -9.72
CA TYR C 143 7.76 -13.53 -8.97
C TYR C 143 8.59 -12.40 -8.39
N PHE C 144 9.73 -12.72 -7.76
CA PHE C 144 10.53 -11.69 -7.13
C PHE C 144 11.35 -10.92 -8.15
N ALA C 145 11.58 -11.51 -9.34
CA ALA C 145 12.09 -10.73 -10.46
C ALA C 145 11.21 -9.54 -10.74
N GLY C 146 9.90 -9.73 -10.71
CA GLY C 146 9.02 -8.59 -10.96
C GLY C 146 8.97 -7.56 -9.86
N TRP C 147 9.47 -7.85 -8.66
CA TRP C 147 9.37 -6.88 -7.57
C TRP C 147 10.50 -5.85 -7.57
N ALA C 148 11.59 -6.09 -8.32
CA ALA C 148 12.81 -5.30 -8.15
C ALA C 148 12.58 -3.81 -8.43
N ASP C 149 11.82 -3.50 -9.47
CA ASP C 149 11.50 -2.11 -9.77
C ASP C 149 10.20 -1.67 -9.14
N LYS C 150 9.72 -2.38 -8.13
CA LYS C 150 8.48 -2.05 -7.43
C LYS C 150 8.63 -2.01 -5.91
N ILE C 151 9.86 -1.92 -5.39
CA ILE C 151 10.10 -1.75 -3.96
C ILE C 151 9.91 -0.27 -3.62
N GLN C 152 8.71 0.11 -3.17
CA GLN C 152 8.30 1.51 -3.11
C GLN C 152 8.18 1.99 -1.67
N GLY C 153 8.90 3.07 -1.35
CA GLY C 153 8.74 3.75 -0.07
C GLY C 153 7.59 4.73 -0.09
N LYS C 154 7.56 5.58 0.92
CA LYS C 154 6.44 6.51 1.04
C LYS C 154 6.92 7.96 1.07
N THR C 155 6.03 8.86 0.68
CA THR C 155 6.17 10.28 0.96
C THR C 155 5.13 10.64 2.00
N ILE C 156 5.51 11.41 3.01
CA ILE C 156 4.72 11.55 4.22
C ILE C 156 4.34 13.02 4.39
N PRO C 157 3.05 13.35 4.50
CA PRO C 157 2.66 14.76 4.63
C PRO C 157 2.88 15.20 6.08
N THR C 158 3.63 16.29 6.26
CA THR C 158 3.88 16.73 7.62
C THR C 158 3.52 18.21 7.76
N ASP C 159 4.46 19.10 7.46
CA ASP C 159 4.24 20.53 7.59
C ASP C 159 4.31 21.22 6.24
N ASP C 160 3.88 22.47 6.25
CA ASP C 160 3.81 23.26 5.03
C ASP C 160 5.17 23.42 4.39
N ASN C 161 6.23 23.46 5.21
CA ASN C 161 7.59 23.71 4.74
C ASN C 161 8.53 22.53 4.99
N VAL C 162 8.00 21.31 5.10
CA VAL C 162 8.82 20.13 5.27
C VAL C 162 8.52 19.13 4.16
N VAL C 163 9.57 18.54 3.60
CA VAL C 163 9.48 17.42 2.68
C VAL C 163 9.99 16.18 3.42
N CYS C 164 9.15 15.17 3.56
CA CYS C 164 9.49 14.02 4.36
C CYS C 164 9.14 12.74 3.61
N PHE C 165 10.10 11.82 3.51
CA PHE C 165 9.81 10.58 2.81
C PHE C 165 10.66 9.45 3.36
N THR C 166 10.31 8.23 2.98
CA THR C 166 10.99 7.04 3.40
C THR C 166 11.62 6.35 2.20
N ARG C 167 12.76 5.71 2.41
CA ARG C 167 13.39 4.89 1.39
C ARG C 167 13.48 3.45 1.91
N HIS C 168 13.26 2.48 1.02
CA HIS C 168 13.44 1.06 1.39
C HIS C 168 14.77 0.65 0.77
N GLU C 169 15.84 0.75 1.59
CA GLU C 169 17.20 0.50 1.18
C GLU C 169 17.53 -0.96 1.39
N PRO C 170 18.55 -1.46 0.70
CA PRO C 170 19.04 -2.81 0.97
C PRO C 170 19.66 -2.87 2.36
N ILE C 171 19.39 -3.96 3.09
CA ILE C 171 20.01 -4.09 4.41
C ILE C 171 21.52 -4.23 4.28
N GLY C 172 21.99 -4.95 3.26
CA GLY C 172 23.41 -5.15 3.08
C GLY C 172 23.75 -6.60 2.85
N VAL C 173 24.76 -7.08 3.54
CA VAL C 173 25.18 -8.47 3.37
C VAL C 173 24.21 -9.38 4.12
N CYS C 174 23.64 -10.37 3.41
CA CYS C 174 22.65 -11.29 3.96
C CYS C 174 23.19 -12.70 3.95
N GLY C 175 22.95 -13.44 5.04
CA GLY C 175 23.32 -14.84 5.11
C GLY C 175 22.08 -15.73 5.17
N ALA C 176 22.14 -16.87 4.49
CA ALA C 176 21.09 -17.87 4.54
C ALA C 176 21.65 -19.18 5.08
N ILE C 177 20.85 -19.90 5.84
CA ILE C 177 21.20 -21.22 6.34
C ILE C 177 19.95 -22.07 6.16
N THR C 178 20.05 -23.11 5.35
CA THR C 178 18.88 -23.86 4.90
C THR C 178 18.94 -25.33 5.34
N PRO C 179 17.81 -26.01 5.36
CA PRO C 179 17.82 -27.39 5.81
C PRO C 179 18.00 -28.37 4.65
N TRP C 180 17.83 -29.65 4.95
CA TRP C 180 18.12 -30.72 4.00
C TRP C 180 16.88 -31.30 3.36
N ASN C 181 15.69 -30.87 3.77
CA ASN C 181 14.46 -31.49 3.27
C ASN C 181 13.96 -30.89 1.97
N PHE C 182 14.14 -29.58 1.75
CA PHE C 182 13.87 -28.93 0.46
C PHE C 182 15.06 -28.07 0.11
N PRO C 183 16.20 -28.68 -0.13
CA PRO C 183 17.47 -27.93 -0.22
C PRO C 183 17.41 -26.73 -1.13
N LEU C 184 17.07 -26.94 -2.41
CA LEU C 184 17.15 -25.84 -3.36
C LEU C 184 16.05 -24.82 -3.12
N LEU C 185 14.85 -25.30 -2.81
CA LEU C 185 13.72 -24.39 -2.76
C LEU C 185 13.82 -23.46 -1.56
N MET C 186 14.30 -23.98 -0.42
CA MET C 186 14.46 -23.12 0.75
C MET C 186 15.55 -22.09 0.52
N LEU C 187 16.54 -22.45 -0.30
CA LEU C 187 17.55 -21.49 -0.69
C LEU C 187 16.95 -20.36 -1.52
N VAL C 188 16.12 -20.72 -2.50
CA VAL C 188 15.59 -19.74 -3.45
C VAL C 188 14.63 -18.78 -2.74
N TRP C 189 13.79 -19.30 -1.84
CA TRP C 189 12.92 -18.41 -1.06
C TRP C 189 13.70 -17.32 -0.34
N LYS C 190 14.99 -17.53 -0.11
CA LYS C 190 15.83 -16.53 0.51
C LYS C 190 16.58 -15.70 -0.51
N LEU C 191 17.32 -16.37 -1.41
CA LEU C 191 18.06 -15.67 -2.46
C LEU C 191 17.17 -14.72 -3.26
N ALA C 192 15.97 -15.16 -3.65
CA ALA C 192 15.17 -14.37 -4.59
C ALA C 192 14.80 -13.01 -4.04
N PRO C 193 14.11 -12.89 -2.89
CA PRO C 193 13.79 -11.54 -2.39
C PRO C 193 15.02 -10.72 -2.09
N ALA C 194 16.03 -11.35 -1.50
CA ALA C 194 17.24 -10.63 -1.14
C ALA C 194 17.87 -9.96 -2.37
N LEU C 195 17.99 -10.70 -3.47
CA LEU C 195 18.67 -10.16 -4.64
C LEU C 195 17.86 -9.02 -5.23
N CYS C 196 16.61 -9.30 -5.58
CA CYS C 196 15.54 -8.34 -5.86
C CYS C 196 15.75 -6.99 -5.20
N CYS C 197 16.07 -6.95 -3.91
CA CYS C 197 16.27 -5.72 -3.16
C CYS C 197 17.71 -5.22 -3.19
N GLY C 198 18.59 -5.89 -3.91
CA GLY C 198 19.95 -5.38 -4.06
C GLY C 198 20.89 -5.70 -2.92
N ASN C 199 20.67 -6.81 -2.20
CA ASN C 199 21.59 -7.22 -1.17
C ASN C 199 22.72 -8.07 -1.77
N THR C 200 23.66 -8.47 -0.94
CA THR C 200 24.55 -9.56 -1.29
C THR C 200 24.46 -10.62 -0.22
N MET C 201 24.93 -11.83 -0.57
CA MET C 201 24.61 -13.04 0.18
C MET C 201 25.83 -13.91 0.42
N VAL C 202 25.78 -14.60 1.55
CA VAL C 202 26.64 -15.72 1.86
C VAL C 202 25.70 -16.86 2.19
N LEU C 203 25.65 -17.88 1.33
CA LEU C 203 24.77 -19.01 1.59
C LEU C 203 25.52 -20.18 2.22
N LYS C 204 24.80 -20.96 3.05
CA LYS C 204 25.27 -22.22 3.63
C LYS C 204 24.21 -23.32 3.52
N PRO C 205 24.39 -24.29 2.64
CA PRO C 205 23.47 -25.42 2.59
C PRO C 205 23.77 -26.41 3.69
N ALA C 206 22.77 -27.21 4.03
CA ALA C 206 22.96 -28.24 5.04
C ALA C 206 24.00 -29.27 4.58
N GLU C 207 24.77 -29.80 5.54
CA GLU C 207 25.83 -30.75 5.18
C GLU C 207 25.27 -31.98 4.47
N GLN C 208 24.03 -32.36 4.73
CA GLN C 208 23.46 -33.53 4.07
C GLN C 208 23.16 -33.27 2.60
N THR C 209 22.91 -32.02 2.21
CA THR C 209 22.33 -31.73 0.89
C THR C 209 22.99 -30.51 0.27
N PRO C 210 24.27 -30.61 -0.06
CA PRO C 210 24.95 -29.45 -0.66
C PRO C 210 24.88 -29.34 -2.17
N LEU C 211 24.44 -30.37 -2.90
CA LEU C 211 24.77 -30.41 -4.31
C LEU C 211 24.05 -29.32 -5.11
N THR C 212 22.73 -29.17 -4.92
CA THR C 212 21.96 -28.23 -5.70
C THR C 212 22.47 -26.81 -5.51
N ALA C 213 22.83 -26.47 -4.27
CA ALA C 213 23.33 -25.13 -3.99
C ALA C 213 24.58 -24.85 -4.79
N LEU C 214 25.49 -25.82 -4.87
CA LEU C 214 26.72 -25.57 -5.61
C LEU C 214 26.42 -25.49 -7.10
N TYR C 215 25.49 -26.30 -7.58
CA TYR C 215 25.10 -26.17 -8.97
C TYR C 215 24.48 -24.81 -9.22
N LEU C 216 23.62 -24.35 -8.32
CA LEU C 216 23.03 -23.04 -8.47
C LEU C 216 24.12 -21.98 -8.63
N GLY C 217 25.21 -22.13 -7.87
CA GLY C 217 26.30 -21.16 -7.94
C GLY C 217 26.82 -20.96 -9.35
N SER C 218 27.00 -22.06 -10.08
CA SER C 218 27.38 -21.97 -11.49
C SER C 218 26.34 -21.18 -12.28
N LEU C 219 25.05 -21.45 -12.07
CA LEU C 219 24.04 -20.77 -12.87
C LEU C 219 23.98 -19.27 -12.56
N ILE C 220 24.27 -18.91 -11.30
CA ILE C 220 24.35 -17.49 -10.94
C ILE C 220 25.49 -16.83 -11.68
N LYS C 221 26.61 -17.56 -11.84
CA LYS C 221 27.76 -17.04 -12.57
C LYS C 221 27.46 -16.95 -14.06
N GLU C 222 26.88 -18.01 -14.64
CA GLU C 222 26.53 -18.00 -16.05
C GLU C 222 25.46 -16.97 -16.34
N ALA C 223 24.69 -16.57 -15.34
CA ALA C 223 23.67 -15.55 -15.56
C ALA C 223 24.24 -14.14 -15.53
N GLY C 224 25.51 -13.99 -15.23
CA GLY C 224 26.10 -12.67 -15.23
C GLY C 224 25.82 -11.83 -14.01
N PHE C 225 25.47 -12.44 -12.87
CA PHE C 225 25.49 -11.70 -11.61
C PHE C 225 26.93 -11.31 -11.29
N PRO C 226 27.19 -10.07 -10.85
CA PRO C 226 28.57 -9.65 -10.64
C PRO C 226 29.23 -10.49 -9.57
N PRO C 227 30.55 -10.71 -9.68
CA PRO C 227 31.23 -11.56 -8.69
C PRO C 227 31.10 -10.97 -7.30
N GLY C 228 30.79 -11.83 -6.34
CA GLY C 228 30.66 -11.44 -4.94
C GLY C 228 29.23 -11.22 -4.48
N VAL C 229 28.30 -11.01 -5.43
CA VAL C 229 26.90 -10.75 -5.08
C VAL C 229 26.32 -11.96 -4.38
N VAL C 230 26.73 -13.17 -4.79
CA VAL C 230 26.30 -14.40 -4.17
C VAL C 230 27.53 -15.26 -3.91
N ASN C 231 27.67 -15.72 -2.65
CA ASN C 231 28.78 -16.58 -2.20
C ASN C 231 28.24 -17.74 -1.41
N ILE C 232 28.81 -18.91 -1.65
CA ILE C 232 28.31 -20.18 -1.11
C ILE C 232 29.45 -20.91 -0.43
N VAL C 233 29.26 -21.24 0.84
CA VAL C 233 30.26 -21.93 1.63
C VAL C 233 29.61 -23.17 2.22
N PRO C 234 29.80 -24.35 1.63
CA PRO C 234 29.28 -25.58 2.25
C PRO C 234 30.08 -25.97 3.49
N GLY C 235 29.53 -26.90 4.27
CA GLY C 235 30.14 -27.21 5.55
C GLY C 235 29.11 -27.56 6.61
N PHE C 236 29.40 -27.33 7.89
CA PHE C 236 28.60 -27.85 8.98
C PHE C 236 28.05 -26.72 9.85
N GLY C 237 27.15 -27.11 10.77
CA GLY C 237 26.40 -26.20 11.62
C GLY C 237 27.19 -25.41 12.65
N PRO C 238 27.77 -26.07 13.66
CA PRO C 238 28.55 -25.34 14.67
C PRO C 238 29.81 -24.73 14.10
N THR C 239 30.04 -24.92 12.82
CA THR C 239 31.22 -24.46 12.10
C THR C 239 30.85 -23.28 11.23
N VAL C 240 30.37 -23.55 10.02
CA VAL C 240 30.09 -22.50 9.06
C VAL C 240 28.87 -21.72 9.50
N GLY C 241 27.85 -22.42 9.96
CA GLY C 241 26.61 -21.76 10.29
C GLY C 241 26.80 -20.81 11.46
N ALA C 242 27.44 -21.31 12.52
CA ALA C 242 27.78 -20.48 13.67
C ALA C 242 28.66 -19.31 13.25
N ALA C 243 29.64 -19.54 12.37
CA ALA C 243 30.47 -18.44 11.89
C ALA C 243 29.61 -17.36 11.25
N ILE C 244 28.64 -17.78 10.44
CA ILE C 244 27.73 -16.84 9.79
C ILE C 244 26.89 -16.10 10.82
N SER C 245 26.25 -16.83 11.73
CA SER C 245 25.28 -16.18 12.60
C SER C 245 25.94 -15.17 13.54
N SER C 246 27.22 -15.35 13.85
CA SER C 246 27.91 -14.42 14.75
C SER C 246 28.76 -13.38 14.03
N HIS C 247 28.64 -13.26 12.70
CA HIS C 247 29.61 -12.47 11.98
C HIS C 247 29.38 -10.98 12.22
N PRO C 248 30.44 -10.24 12.50
CA PRO C 248 30.29 -8.81 12.75
C PRO C 248 29.95 -7.99 11.50
N GLN C 249 30.13 -8.54 10.29
CA GLN C 249 29.79 -7.83 9.05
C GLN C 249 28.73 -8.55 8.21
N ILE C 250 27.92 -9.42 8.80
CA ILE C 250 26.70 -9.86 8.17
C ILE C 250 25.59 -9.05 8.78
N ASN C 251 24.77 -8.44 7.93
CA ASN C 251 23.74 -7.53 8.42
C ASN C 251 22.44 -8.23 8.74
N LYS C 252 22.18 -9.37 8.11
CA LYS C 252 20.86 -9.98 8.22
C LYS C 252 20.98 -11.44 7.90
N ILE C 253 20.18 -12.24 8.58
CA ILE C 253 20.26 -13.68 8.43
C ILE C 253 18.86 -14.24 8.36
N ALA C 254 18.69 -15.26 7.52
CA ALA C 254 17.43 -15.95 7.30
C ALA C 254 17.71 -17.43 7.54
N PHE C 255 16.96 -18.03 8.47
CA PHE C 255 17.26 -19.37 8.94
C PHE C 255 16.03 -20.24 8.80
N THR C 256 16.20 -21.40 8.15
CA THR C 256 15.16 -22.42 8.10
C THR C 256 15.76 -23.73 8.61
N GLY C 257 15.11 -24.33 9.59
CA GLY C 257 15.62 -25.54 10.16
C GLY C 257 14.84 -25.84 11.43
N SER C 258 15.50 -26.40 12.43
CA SER C 258 14.83 -26.80 13.65
C SER C 258 14.75 -25.64 14.62
N THR C 259 13.77 -25.73 15.53
CA THR C 259 13.60 -24.72 16.55
C THR C 259 14.83 -24.59 17.44
N GLU C 260 15.45 -25.71 17.82
CA GLU C 260 16.55 -25.60 18.77
C GLU C 260 17.72 -24.84 18.16
N VAL C 261 17.98 -25.04 16.86
CA VAL C 261 19.07 -24.30 16.25
C VAL C 261 18.63 -22.88 15.94
N GLY C 262 17.35 -22.68 15.62
CA GLY C 262 16.85 -21.34 15.42
C GLY C 262 17.04 -20.46 16.64
N LYS C 263 16.80 -21.02 17.83
CA LYS C 263 17.07 -20.27 19.04
C LYS C 263 18.53 -19.87 19.09
N LEU C 264 19.43 -20.81 18.79
CA LEU C 264 20.86 -20.56 18.84
C LEU C 264 21.27 -19.47 17.85
N VAL C 265 20.63 -19.45 16.68
CA VAL C 265 20.93 -18.46 15.65
C VAL C 265 20.56 -17.07 16.15
N LYS C 266 19.37 -16.94 16.70
CA LYS C 266 18.94 -15.63 17.17
C LYS C 266 19.82 -15.16 18.32
N GLU C 267 20.19 -16.06 19.23
CA GLU C 267 21.07 -15.71 20.34
C GLU C 267 22.41 -15.20 19.83
N ALA C 268 23.03 -15.95 18.91
CA ALA C 268 24.29 -15.52 18.33
C ALA C 268 24.13 -14.19 17.61
N ALA C 269 22.98 -13.96 16.98
CA ALA C 269 22.76 -12.67 16.36
C ALA C 269 22.73 -11.56 17.41
N SER C 270 22.07 -11.81 18.54
CA SER C 270 21.97 -10.80 19.57
C SER C 270 23.31 -10.51 20.24
N ARG C 271 24.14 -11.55 20.43
CA ARG C 271 25.41 -11.36 21.14
C ARG C 271 26.43 -10.61 20.28
N SER C 272 26.35 -10.75 18.96
CA SER C 272 27.35 -10.17 18.06
C SER C 272 27.02 -8.73 17.66
N ASN C 273 26.17 -8.56 16.65
CA ASN C 273 25.97 -7.22 16.11
C ASN C 273 24.50 -6.91 15.90
N LEU C 274 23.60 -7.67 16.52
CA LEU C 274 22.18 -7.38 16.45
C LEU C 274 21.67 -7.44 15.01
N LYS C 275 22.31 -8.27 14.17
CA LYS C 275 21.82 -8.51 12.83
C LYS C 275 20.36 -8.92 12.86
N ARG C 276 19.63 -8.49 11.83
CA ARG C 276 18.23 -8.83 11.68
C ARG C 276 18.08 -10.31 11.37
N VAL C 277 17.02 -10.93 11.88
CA VAL C 277 16.90 -12.38 11.80
C VAL C 277 15.51 -12.76 11.32
N THR C 278 15.45 -13.77 10.46
CA THR C 278 14.23 -14.41 9.99
C THR C 278 14.31 -15.87 10.34
N LEU C 279 13.24 -16.41 10.87
CA LEU C 279 13.23 -17.81 11.27
C LEU C 279 12.02 -18.48 10.67
N GLU C 280 12.26 -19.56 9.96
CA GLU C 280 11.20 -20.46 9.53
C GLU C 280 11.47 -21.78 10.23
N LEU C 281 10.66 -22.12 11.22
CA LEU C 281 10.91 -23.33 12.01
C LEU C 281 9.78 -24.34 11.76
N GLY C 282 9.68 -25.35 12.63
CA GLY C 282 8.74 -26.43 12.43
C GLY C 282 7.34 -26.10 12.91
N GLY C 283 6.47 -27.11 12.82
CA GLY C 283 5.15 -27.04 13.40
C GLY C 283 4.67 -28.43 13.73
N LYS C 284 3.57 -28.48 14.49
CA LYS C 284 2.80 -29.70 14.72
C LYS C 284 1.40 -29.37 14.24
N ASN C 285 1.20 -29.53 12.97
CA ASN C 285 0.14 -28.70 12.43
C ASN C 285 -1.17 -29.45 12.39
N PRO C 286 -2.24 -28.82 12.87
CA PRO C 286 -3.54 -29.49 12.93
C PRO C 286 -4.20 -29.53 11.57
N CYS C 287 -4.97 -30.60 11.36
CA CYS C 287 -5.75 -30.75 10.14
C CYS C 287 -7.13 -31.21 10.58
N ILE C 288 -8.12 -30.32 10.42
CA ILE C 288 -9.43 -30.41 11.08
C ILE C 288 -10.47 -30.82 10.06
N VAL C 289 -11.23 -31.88 10.39
CA VAL C 289 -12.21 -32.48 9.49
C VAL C 289 -13.58 -32.45 10.15
N CYS C 290 -14.48 -31.64 9.61
CA CYS C 290 -15.86 -31.60 10.05
C CYS C 290 -16.65 -32.74 9.40
N ALA C 291 -17.79 -33.07 10.03
CA ALA C 291 -18.66 -34.09 9.46
C ALA C 291 -19.23 -33.69 8.10
N ASP C 292 -19.50 -32.39 7.91
CA ASP C 292 -20.06 -31.93 6.65
C ASP C 292 -19.02 -31.79 5.55
N ALA C 293 -17.76 -32.14 5.79
CA ALA C 293 -16.73 -32.03 4.77
C ALA C 293 -16.96 -33.01 3.62
N ASP C 294 -16.46 -32.66 2.43
CA ASP C 294 -16.24 -33.65 1.38
C ASP C 294 -15.22 -34.67 1.86
N LEU C 295 -15.70 -35.81 2.35
CA LEU C 295 -14.81 -36.75 3.01
C LEU C 295 -13.74 -37.27 2.06
N ASP C 296 -14.14 -37.64 0.84
CA ASP C 296 -13.15 -38.10 -0.12
C ASP C 296 -12.06 -37.06 -0.30
N LEU C 297 -12.44 -35.79 -0.40
CA LEU C 297 -11.45 -34.74 -0.62
C LEU C 297 -10.55 -34.58 0.60
N ALA C 298 -11.15 -34.62 1.80
CA ALA C 298 -10.35 -34.51 3.02
C ALA C 298 -9.39 -35.69 3.17
N VAL C 299 -9.83 -36.89 2.80
CA VAL C 299 -8.98 -38.05 3.04
C VAL C 299 -7.68 -37.94 2.25
N GLU C 300 -7.80 -37.74 0.94
CA GLU C 300 -6.62 -37.66 0.10
C GLU C 300 -5.75 -36.47 0.50
N CYS C 301 -6.36 -35.31 0.68
CA CYS C 301 -5.63 -34.13 1.13
C CYS C 301 -4.88 -34.40 2.43
N ALA C 302 -5.57 -34.98 3.41
CA ALA C 302 -4.90 -35.31 4.67
C ALA C 302 -3.76 -36.28 4.43
N HIS C 303 -3.98 -37.26 3.56
CA HIS C 303 -2.96 -38.26 3.29
C HIS C 303 -1.75 -37.62 2.63
N GLN C 304 -1.97 -36.92 1.53
CA GLN C 304 -0.85 -36.29 0.84
C GLN C 304 -0.18 -35.24 1.71
N GLY C 305 -0.89 -34.69 2.70
CA GLY C 305 -0.30 -33.69 3.57
C GLY C 305 0.52 -34.27 4.70
N VAL C 306 0.33 -35.54 5.02
CA VAL C 306 1.17 -36.20 6.01
C VAL C 306 2.40 -36.79 5.35
N PHE C 307 2.25 -37.37 4.17
CA PHE C 307 3.25 -38.26 3.63
C PHE C 307 4.15 -37.61 2.60
N PHE C 308 3.85 -36.39 2.17
CA PHE C 308 4.65 -35.76 1.13
C PHE C 308 6.10 -35.65 1.58
N ASN C 309 7.02 -35.92 0.63
CA ASN C 309 8.44 -35.84 0.90
C ASN C 309 8.82 -36.78 2.05
N GLN C 310 8.21 -37.97 2.04
CA GLN C 310 8.46 -39.02 3.03
C GLN C 310 8.15 -38.52 4.44
N GLY C 311 7.16 -37.64 4.56
CA GLY C 311 6.76 -37.05 5.82
C GLY C 311 7.70 -36.01 6.38
N GLN C 312 8.76 -35.67 5.66
CA GLN C 312 9.84 -34.82 6.19
C GLN C 312 9.56 -33.36 5.80
N CYS C 313 8.48 -32.84 6.34
CA CYS C 313 7.98 -31.57 5.84
C CYS C 313 7.54 -30.67 6.98
N CYS C 314 7.97 -29.40 6.90
CA CYS C 314 7.55 -28.40 7.88
C CYS C 314 6.03 -28.24 7.91
N THR C 315 5.36 -28.53 6.79
CA THR C 315 3.93 -28.34 6.68
C THR C 315 3.14 -29.60 7.00
N ALA C 316 3.80 -30.64 7.50
CA ALA C 316 3.17 -31.97 7.62
C ALA C 316 1.94 -31.93 8.52
N ALA C 317 0.94 -32.73 8.17
CA ALA C 317 -0.34 -32.73 8.88
C ALA C 317 -0.30 -33.76 10.01
N SER C 318 0.52 -33.44 11.00
CA SER C 318 0.88 -34.37 12.06
C SER C 318 -0.16 -34.45 13.18
N ARG C 319 -1.37 -33.91 12.98
CA ARG C 319 -2.42 -34.03 14.00
C ARG C 319 -3.77 -33.91 13.29
N VAL C 320 -4.37 -35.04 12.94
CA VAL C 320 -5.59 -35.04 12.15
C VAL C 320 -6.78 -35.14 13.11
N PHE C 321 -7.42 -34.02 13.39
CA PHE C 321 -8.64 -33.99 14.19
C PHE C 321 -9.86 -34.31 13.31
N VAL C 322 -10.55 -35.40 13.61
CA VAL C 322 -11.75 -35.75 12.86
C VAL C 322 -12.95 -35.78 13.81
N GLU C 323 -14.11 -35.38 13.28
CA GLU C 323 -15.33 -35.40 14.06
C GLU C 323 -15.88 -36.81 14.12
N GLU C 324 -16.40 -37.17 15.30
CA GLU C 324 -16.63 -38.56 15.65
C GLU C 324 -17.34 -39.36 14.57
N GLN C 325 -18.14 -38.69 13.76
CA GLN C 325 -19.26 -39.32 13.09
C GLN C 325 -18.96 -39.59 11.65
N VAL C 326 -17.80 -39.08 11.18
CA VAL C 326 -17.05 -39.62 10.07
C VAL C 326 -15.74 -40.24 10.53
N TYR C 327 -15.52 -40.34 11.85
CA TYR C 327 -14.20 -40.72 12.35
C TYR C 327 -13.76 -42.08 11.81
N SER C 328 -14.55 -43.12 12.06
CA SER C 328 -14.01 -44.43 11.74
C SER C 328 -13.93 -44.63 10.24
N GLU C 329 -14.87 -44.03 9.49
CA GLU C 329 -14.83 -44.12 8.04
C GLU C 329 -13.62 -43.37 7.48
N PHE C 330 -13.23 -42.26 8.10
CA PHE C 330 -12.01 -41.58 7.70
C PHE C 330 -10.80 -42.50 7.90
N VAL C 331 -10.71 -43.13 9.08
CA VAL C 331 -9.58 -44.01 9.39
C VAL C 331 -9.51 -45.13 8.35
N ARG C 332 -10.65 -45.74 8.07
CA ARG C 332 -10.73 -46.80 7.06
C ARG C 332 -10.16 -46.32 5.72
N ARG C 333 -10.61 -45.16 5.24
CA ARG C 333 -10.20 -44.72 3.92
C ARG C 333 -8.74 -44.26 3.89
N SER C 334 -8.21 -43.80 5.03
CA SER C 334 -6.80 -43.42 5.07
C SER C 334 -5.90 -44.65 5.03
N VAL C 335 -6.18 -45.64 5.87
CA VAL C 335 -5.42 -46.90 5.82
C VAL C 335 -5.31 -47.39 4.39
N GLU C 336 -6.44 -47.49 3.69
CA GLU C 336 -6.40 -47.91 2.30
C GLU C 336 -5.46 -47.04 1.49
N TYR C 337 -5.54 -45.71 1.65
CA TYR C 337 -4.61 -44.83 0.94
C TYR C 337 -3.16 -45.14 1.32
N ALA C 338 -2.91 -45.45 2.60
CA ALA C 338 -1.56 -45.74 3.06
C ALA C 338 -1.03 -47.04 2.47
N LYS C 339 -1.80 -48.13 2.61
CA LYS C 339 -1.34 -49.45 2.19
C LYS C 339 -1.06 -49.51 0.69
N LYS C 340 -1.60 -48.57 -0.08
CA LYS C 340 -1.43 -48.53 -1.52
C LYS C 340 -0.44 -47.46 -1.97
N ARG C 341 0.35 -46.91 -1.05
CA ARG C 341 1.30 -45.85 -1.38
C ARG C 341 2.63 -46.44 -1.82
N PRO C 342 2.98 -46.40 -3.10
CA PRO C 342 4.21 -47.08 -3.55
C PRO C 342 5.52 -46.50 -3.02
N VAL C 343 6.22 -47.28 -2.17
CA VAL C 343 7.55 -46.96 -1.64
C VAL C 343 8.63 -47.64 -2.49
N GLY C 344 9.74 -46.94 -2.75
CA GLY C 344 10.79 -47.60 -3.52
C GLY C 344 11.83 -46.63 -4.07
N ASP C 345 12.41 -47.02 -5.21
CA ASP C 345 13.52 -46.28 -5.84
C ASP C 345 13.01 -44.94 -6.35
N PRO C 346 13.51 -43.81 -5.85
CA PRO C 346 12.94 -42.50 -6.27
C PRO C 346 12.94 -42.26 -7.76
N PHE C 347 13.81 -42.92 -8.52
CA PHE C 347 13.85 -42.75 -9.98
C PHE C 347 12.83 -43.60 -10.73
N ASP C 348 12.10 -44.48 -10.05
CA ASP C 348 11.03 -45.20 -10.72
C ASP C 348 9.81 -44.30 -10.79
N VAL C 349 9.26 -44.14 -12.00
CA VAL C 349 8.22 -43.18 -12.33
C VAL C 349 7.01 -43.31 -11.41
N LYS C 350 6.85 -44.47 -10.79
CA LYS C 350 5.67 -44.72 -9.99
C LYS C 350 5.97 -44.74 -8.49
N THR C 351 7.15 -44.32 -8.08
CA THR C 351 7.42 -44.21 -6.66
C THR C 351 6.74 -42.95 -6.13
N GLU C 352 6.03 -43.09 -5.00
CA GLU C 352 5.43 -41.96 -4.32
C GLU C 352 6.09 -41.62 -2.99
N GLN C 353 6.92 -42.53 -2.44
CA GLN C 353 7.62 -42.32 -1.17
C GLN C 353 8.98 -43.00 -1.25
N GLY C 354 10.05 -42.21 -1.14
CA GLY C 354 11.39 -42.75 -1.19
C GLY C 354 11.90 -43.10 0.19
N PRO C 355 13.22 -43.15 0.36
CA PRO C 355 13.78 -43.43 1.67
C PRO C 355 13.95 -42.17 2.49
N GLN C 356 13.92 -42.36 3.81
CA GLN C 356 14.30 -41.29 4.73
C GLN C 356 15.74 -40.85 4.48
N ILE C 357 16.08 -39.66 5.00
CA ILE C 357 17.27 -38.95 4.56
C ILE C 357 18.56 -39.62 5.03
N ASP C 358 18.55 -40.25 6.20
CA ASP C 358 19.74 -40.91 6.72
C ASP C 358 19.34 -41.77 7.91
N GLN C 359 20.33 -42.47 8.48
CA GLN C 359 20.04 -43.36 9.60
C GLN C 359 19.59 -42.59 10.84
N LYS C 360 20.10 -41.38 11.06
CA LYS C 360 19.71 -40.64 12.27
C LYS C 360 18.21 -40.36 12.31
N GLN C 361 17.67 -39.82 11.21
CA GLN C 361 16.22 -39.62 11.13
C GLN C 361 15.48 -40.94 11.26
N PHE C 362 15.96 -41.96 10.55
CA PHE C 362 15.35 -43.27 10.57
C PHE C 362 15.07 -43.75 11.99
N ASP C 363 16.06 -43.63 12.86
CA ASP C 363 15.90 -44.04 14.24
C ASP C 363 14.95 -43.13 15.00
N LYS C 364 15.00 -41.81 14.75
CA LYS C 364 14.02 -40.89 15.32
C LYS C 364 12.62 -41.45 15.16
N ILE C 365 12.30 -41.82 13.93
CA ILE C 365 10.94 -42.14 13.57
C ILE C 365 10.49 -43.41 14.27
N LEU C 366 11.24 -44.49 14.06
CA LEU C 366 10.91 -45.76 14.71
C LEU C 366 10.78 -45.59 16.23
N GLU C 367 11.63 -44.75 16.83
CA GLU C 367 11.53 -44.54 18.27
C GLU C 367 10.25 -43.78 18.64
N LEU C 368 9.75 -42.92 17.75
CA LEU C 368 8.47 -42.27 18.02
C LEU C 368 7.30 -43.20 17.76
N ILE C 369 7.44 -44.09 16.76
CA ILE C 369 6.40 -45.07 16.51
C ILE C 369 6.17 -45.93 17.76
N GLU C 370 7.24 -46.55 18.27
CA GLU C 370 7.09 -47.51 19.37
C GLU C 370 6.43 -46.86 20.58
N SER C 371 6.92 -45.68 20.98
CA SER C 371 6.26 -44.95 22.04
C SER C 371 4.77 -44.78 21.76
N GLY C 372 4.39 -44.72 20.48
CA GLY C 372 2.97 -44.69 20.16
C GLY C 372 2.24 -45.89 20.70
N LYS C 373 2.83 -47.08 20.55
CA LYS C 373 2.21 -48.27 21.13
C LYS C 373 2.31 -48.24 22.65
N LYS C 374 3.51 -47.95 23.16
CA LYS C 374 3.71 -47.85 24.61
C LYS C 374 2.65 -47.01 25.28
N GLU C 375 2.14 -45.98 24.62
CA GLU C 375 1.23 -45.06 25.25
C GLU C 375 -0.24 -45.35 24.95
N GLY C 376 -0.52 -46.33 24.10
CA GLY C 376 -1.85 -46.86 23.95
C GLY C 376 -2.58 -46.53 22.67
N ALA C 377 -1.90 -45.96 21.67
CA ALA C 377 -2.56 -45.71 20.40
C ALA C 377 -2.66 -47.00 19.58
N LYS C 378 -3.64 -47.01 18.68
CA LYS C 378 -4.02 -48.20 17.93
C LYS C 378 -3.35 -48.16 16.55
N LEU C 379 -2.27 -48.91 16.42
CA LEU C 379 -1.69 -49.12 15.10
C LEU C 379 -2.77 -49.65 14.16
N GLU C 380 -2.81 -49.10 12.93
CA GLU C 380 -3.71 -49.64 11.92
C GLU C 380 -3.00 -50.05 10.64
N CYS C 381 -1.78 -49.57 10.38
CA CYS C 381 -0.94 -50.13 9.33
C CYS C 381 0.48 -49.65 9.57
N GLY C 382 1.43 -50.38 8.98
CA GLY C 382 2.84 -50.04 9.13
C GLY C 382 3.37 -50.25 10.53
N GLY C 383 4.23 -49.34 10.98
CA GLY C 383 4.83 -49.44 12.29
C GLY C 383 6.17 -50.16 12.33
N SER C 384 6.92 -50.15 11.23
CA SER C 384 8.11 -50.97 11.07
C SER C 384 8.87 -50.46 9.85
N ALA C 385 10.12 -50.90 9.73
CA ALA C 385 10.86 -50.68 8.49
C ALA C 385 10.47 -51.77 7.50
N MET C 386 11.23 -51.90 6.41
CA MET C 386 10.92 -52.95 5.45
C MET C 386 12.12 -53.86 5.17
N GLU C 387 13.00 -53.44 4.26
CA GLU C 387 14.24 -54.16 4.08
C GLU C 387 15.07 -54.13 5.37
N ASP C 388 15.91 -55.14 5.51
CA ASP C 388 16.96 -55.07 6.53
C ASP C 388 17.95 -53.99 6.17
N LYS C 389 18.34 -53.92 4.90
CA LYS C 389 19.37 -52.99 4.46
C LYS C 389 18.82 -51.57 4.32
N GLY C 390 17.58 -51.43 3.85
CA GLY C 390 17.05 -50.15 3.43
C GLY C 390 16.80 -49.15 4.54
N LEU C 391 16.50 -47.93 4.10
CA LEU C 391 16.11 -46.82 4.95
C LEU C 391 14.64 -46.46 4.72
N PHE C 392 13.83 -47.43 4.33
CA PHE C 392 12.41 -47.22 4.07
C PHE C 392 11.59 -47.57 5.31
N ILE C 393 10.53 -46.80 5.54
CA ILE C 393 9.60 -47.02 6.64
C ILE C 393 8.20 -47.17 6.06
N LYS C 394 7.48 -48.22 6.50
CA LYS C 394 6.13 -48.45 6.02
C LYS C 394 5.22 -47.27 6.39
N PRO C 395 4.37 -46.80 5.47
CA PRO C 395 3.33 -45.84 5.84
C PRO C 395 2.53 -46.27 7.07
N THR C 396 2.54 -45.46 8.12
CA THR C 396 2.05 -45.87 9.43
C THR C 396 0.91 -44.95 9.89
N VAL C 397 -0.25 -45.55 10.18
CA VAL C 397 -1.42 -44.81 10.66
C VAL C 397 -1.70 -45.22 12.09
N PHE C 398 -1.96 -44.24 12.95
CA PHE C 398 -2.38 -44.45 14.32
C PHE C 398 -3.79 -43.90 14.47
N SER C 399 -4.69 -44.70 15.04
CA SER C 399 -6.00 -44.20 15.45
C SER C 399 -6.04 -44.11 16.96
N GLU C 400 -7.17 -43.65 17.48
CA GLU C 400 -7.38 -43.53 18.93
C GLU C 400 -6.26 -42.75 19.60
N VAL C 401 -5.76 -41.75 18.91
CA VAL C 401 -4.71 -40.89 19.45
C VAL C 401 -5.33 -39.84 20.36
N THR C 402 -4.55 -39.37 21.35
CA THR C 402 -5.01 -38.34 22.29
C THR C 402 -3.91 -37.30 22.48
N ASP C 403 -4.33 -36.11 22.95
CA ASP C 403 -3.45 -34.92 22.99
C ASP C 403 -2.21 -35.13 23.87
N ASN C 404 -2.30 -36.02 24.85
CA ASN C 404 -1.20 -36.24 25.80
C ASN C 404 -0.10 -37.12 25.24
N MET C 405 -0.39 -37.94 24.23
CA MET C 405 0.58 -38.84 23.64
C MET C 405 1.74 -38.05 23.00
N ARG C 406 2.85 -38.77 22.79
CA ARG C 406 4.04 -38.13 22.24
C ARG C 406 3.91 -37.93 20.74
N ILE C 407 3.32 -38.90 20.04
CA ILE C 407 3.05 -38.74 18.63
C ILE C 407 2.07 -37.62 18.36
N ALA C 408 1.46 -37.06 19.40
CA ALA C 408 0.59 -35.91 19.28
C ALA C 408 1.25 -34.60 19.69
N LYS C 409 2.44 -34.66 20.28
CA LYS C 409 3.13 -33.47 20.75
C LYS C 409 4.44 -33.21 20.03
N GLU C 410 5.22 -34.25 19.73
CA GLU C 410 6.55 -34.10 19.16
C GLU C 410 6.51 -34.25 17.65
N GLU C 411 7.30 -33.43 16.96
CA GLU C 411 7.32 -33.42 15.50
C GLU C 411 8.01 -34.67 14.95
N ILE C 412 7.26 -35.53 14.25
CA ILE C 412 7.79 -36.82 13.80
C ILE C 412 8.74 -36.66 12.60
N PHE C 413 8.37 -35.83 11.63
CA PHE C 413 9.15 -35.70 10.40
C PHE C 413 9.35 -37.06 9.71
N GLY C 414 8.30 -37.87 9.67
CA GLY C 414 8.34 -39.15 8.99
C GLY C 414 6.95 -39.68 8.68
N PRO C 415 6.86 -40.77 7.90
CA PRO C 415 5.56 -41.23 7.42
C PRO C 415 4.67 -41.83 8.51
N VAL C 416 4.06 -40.98 9.34
CA VAL C 416 3.27 -41.40 10.50
C VAL C 416 2.06 -40.47 10.63
N GLN C 417 0.86 -40.99 10.34
CA GLN C 417 -0.36 -40.18 10.42
C GLN C 417 -1.14 -40.50 11.69
N PRO C 418 -1.08 -39.66 12.73
CA PRO C 418 -1.91 -39.88 13.91
C PRO C 418 -3.27 -39.19 13.81
N ILE C 419 -4.35 -39.94 13.99
CA ILE C 419 -5.71 -39.43 13.82
C ILE C 419 -6.35 -39.28 15.19
N LEU C 420 -6.86 -38.09 15.46
CA LEU C 420 -7.54 -37.78 16.71
C LEU C 420 -9.03 -37.54 16.44
N LYS C 421 -9.77 -37.32 17.53
CA LYS C 421 -11.23 -37.35 17.53
C LYS C 421 -11.72 -36.15 18.33
N PHE C 422 -12.81 -35.54 17.88
CA PHE C 422 -13.34 -34.37 18.57
C PHE C 422 -14.84 -34.26 18.37
N LYS C 423 -15.46 -33.41 19.20
CA LYS C 423 -16.90 -33.17 19.24
C LYS C 423 -17.27 -31.77 18.79
N SER C 424 -16.67 -30.76 19.43
CA SER C 424 -17.09 -29.37 19.38
C SER C 424 -16.11 -28.54 18.55
N ILE C 425 -16.62 -27.45 18.00
CA ILE C 425 -15.71 -26.54 17.32
C ILE C 425 -14.89 -25.77 18.33
N GLU C 426 -15.53 -25.26 19.38
CA GLU C 426 -14.78 -24.59 20.42
C GLU C 426 -13.79 -25.52 21.09
N GLU C 427 -14.13 -26.81 21.17
CA GLU C 427 -13.19 -27.76 21.74
C GLU C 427 -12.01 -28.00 20.78
N VAL C 428 -12.28 -28.15 19.49
CA VAL C 428 -11.18 -28.40 18.57
C VAL C 428 -10.25 -27.20 18.48
N ILE C 429 -10.78 -25.98 18.67
CA ILE C 429 -9.94 -24.78 18.60
C ILE C 429 -8.92 -24.79 19.73
N LYS C 430 -9.38 -24.95 20.97
CA LYS C 430 -8.47 -24.98 22.12
C LYS C 430 -7.41 -26.06 21.96
N ARG C 431 -7.81 -27.25 21.48
CA ARG C 431 -6.84 -28.34 21.35
C ARG C 431 -5.79 -28.02 20.29
N ALA C 432 -6.22 -27.46 19.15
CA ALA C 432 -5.28 -27.18 18.08
C ALA C 432 -4.34 -26.03 18.45
N ASN C 433 -4.81 -25.06 19.22
CA ASN C 433 -3.93 -23.96 19.58
C ASN C 433 -3.01 -24.28 20.76
N SER C 434 -3.08 -25.49 21.31
CA SER C 434 -2.37 -25.83 22.53
C SER C 434 -0.87 -26.08 22.34
N THR C 435 -0.33 -26.03 21.12
CA THR C 435 1.12 -26.14 20.97
C THR C 435 1.79 -24.79 21.16
N ASP C 436 3.10 -24.84 21.33
CA ASP C 436 3.86 -23.63 21.13
C ASP C 436 4.15 -23.38 19.66
N TYR C 437 3.81 -24.34 18.81
CA TYR C 437 3.96 -24.22 17.37
C TYR C 437 2.73 -23.54 16.77
N GLY C 438 2.89 -23.04 15.53
CA GLY C 438 1.83 -22.33 14.85
C GLY C 438 2.13 -21.99 13.42
N LEU C 439 2.59 -22.97 12.66
CA LEU C 439 2.98 -22.68 11.28
C LEU C 439 1.80 -22.74 10.31
N THR C 440 1.03 -23.82 10.38
CA THR C 440 0.15 -24.22 9.30
C THR C 440 -1.08 -24.93 9.87
N ALA C 441 -2.22 -24.77 9.19
CA ALA C 441 -3.46 -25.42 9.63
C ALA C 441 -4.34 -25.65 8.43
N ALA C 442 -5.16 -26.70 8.49
CA ALA C 442 -6.07 -27.03 7.40
C ALA C 442 -7.45 -27.38 7.95
N VAL C 443 -8.49 -26.85 7.31
CA VAL C 443 -9.86 -27.10 7.71
C VAL C 443 -10.64 -27.65 6.52
N PHE C 444 -11.45 -28.67 6.77
CA PHE C 444 -12.29 -29.24 5.73
C PHE C 444 -13.73 -29.17 6.21
N THR C 445 -14.56 -28.44 5.47
CA THR C 445 -15.99 -28.26 5.75
C THR C 445 -16.62 -27.61 4.53
N LYS C 446 -17.93 -27.83 4.36
CA LYS C 446 -18.73 -27.10 3.37
C LYS C 446 -19.43 -25.88 3.95
N ASN C 447 -19.36 -25.68 5.27
CA ASN C 447 -20.14 -24.66 5.95
C ASN C 447 -19.37 -23.34 5.98
N LEU C 448 -19.98 -22.29 5.42
CA LEU C 448 -19.31 -21.00 5.29
C LEU C 448 -18.90 -20.44 6.64
N ASP C 449 -19.80 -20.49 7.62
CA ASP C 449 -19.49 -19.90 8.93
C ASP C 449 -18.42 -20.72 9.67
N LYS C 450 -18.54 -22.05 9.64
CA LYS C 450 -17.53 -22.90 10.26
C LYS C 450 -16.16 -22.63 9.68
N ALA C 451 -16.05 -22.63 8.36
CA ALA C 451 -14.79 -22.29 7.69
C ALA C 451 -14.19 -21.00 8.23
N LEU C 452 -14.96 -19.91 8.16
CA LEU C 452 -14.36 -18.61 8.46
C LEU C 452 -14.10 -18.43 9.96
N LYS C 453 -14.95 -19.00 10.83
CA LYS C 453 -14.73 -18.90 12.27
C LYS C 453 -13.43 -19.57 12.67
N LEU C 454 -13.20 -20.79 12.16
CA LEU C 454 -11.93 -21.46 12.42
C LEU C 454 -10.75 -20.69 11.83
N ALA C 455 -10.90 -20.12 10.63
CA ALA C 455 -9.77 -19.45 10.01
C ALA C 455 -9.30 -18.25 10.84
N SER C 456 -10.21 -17.63 11.59
CA SER C 456 -9.81 -16.55 12.47
C SER C 456 -9.23 -17.01 13.79
N ALA C 457 -9.74 -18.14 14.31
CA ALA C 457 -9.33 -18.61 15.63
C ALA C 457 -8.01 -19.36 15.60
N LEU C 458 -7.72 -20.10 14.54
CA LEU C 458 -6.52 -20.93 14.54
C LEU C 458 -5.28 -20.04 14.51
N GLU C 459 -4.40 -20.23 15.50
CA GLU C 459 -3.21 -19.40 15.66
C GLU C 459 -2.10 -20.03 14.81
N SER C 460 -2.18 -19.79 13.51
CA SER C 460 -1.28 -20.40 12.56
C SER C 460 -1.02 -19.44 11.42
N GLY C 461 0.22 -19.50 10.89
CA GLY C 461 0.61 -18.60 9.82
C GLY C 461 -0.18 -18.80 8.54
N THR C 462 -0.48 -20.05 8.20
CA THR C 462 -1.28 -20.36 7.02
C THR C 462 -2.42 -21.28 7.40
N VAL C 463 -3.65 -20.88 7.07
CA VAL C 463 -4.81 -21.75 7.22
C VAL C 463 -5.33 -22.06 5.83
N TRP C 464 -5.23 -23.33 5.45
CA TRP C 464 -5.86 -23.81 4.23
C TRP C 464 -7.29 -24.23 4.51
N ILE C 465 -8.18 -24.00 3.54
CA ILE C 465 -9.55 -24.49 3.59
C ILE C 465 -9.80 -25.37 2.38
N ASN C 466 -10.15 -26.65 2.64
CA ASN C 466 -10.49 -27.61 1.58
C ASN C 466 -9.36 -27.78 0.57
N CYS C 467 -8.13 -27.71 1.07
CA CYS C 467 -6.92 -27.94 0.28
C CYS C 467 -5.78 -28.17 1.28
N TYR C 468 -4.62 -28.55 0.77
CA TYR C 468 -3.45 -28.69 1.60
C TYR C 468 -2.21 -28.40 0.76
N ASN C 469 -1.19 -27.84 1.40
CA ASN C 469 0.07 -27.48 0.73
C ASN C 469 -0.16 -26.57 -0.48
N ALA C 470 -1.13 -25.68 -0.37
CA ALA C 470 -1.47 -24.77 -1.46
C ALA C 470 -0.57 -23.55 -1.30
N LEU C 471 0.63 -23.61 -1.88
CA LEU C 471 1.62 -22.56 -1.77
C LEU C 471 1.74 -21.81 -3.10
N TYR C 472 1.96 -20.50 -3.00
CA TYR C 472 2.15 -19.63 -4.15
C TYR C 472 3.28 -18.66 -3.84
N ALA C 473 4.06 -18.31 -4.85
CA ALA C 473 5.09 -17.29 -4.64
C ALA C 473 4.49 -15.99 -4.10
N GLN C 474 3.21 -15.72 -4.35
CA GLN C 474 2.61 -14.44 -4.00
C GLN C 474 2.01 -14.42 -2.59
N ALA C 475 1.96 -15.57 -1.90
CA ALA C 475 1.33 -15.63 -0.59
C ALA C 475 2.38 -15.83 0.49
N PRO C 476 2.41 -15.00 1.53
CA PRO C 476 3.46 -15.14 2.53
C PRO C 476 3.32 -16.43 3.31
N PHE C 477 4.43 -16.81 3.95
CA PHE C 477 4.50 -18.09 4.66
C PHE C 477 5.42 -17.96 5.88
N GLY C 478 4.97 -18.50 7.00
CA GLY C 478 5.79 -18.45 8.19
C GLY C 478 4.95 -18.64 9.43
N GLY C 479 5.65 -18.62 10.56
CA GLY C 479 5.07 -19.06 11.81
C GLY C 479 4.53 -18.00 12.74
N PHE C 480 3.45 -18.38 13.42
CA PHE C 480 3.08 -17.80 14.69
C PHE C 480 3.92 -18.44 15.79
N LYS C 481 4.08 -17.71 16.89
CA LYS C 481 4.61 -18.27 18.14
C LYS C 481 5.98 -18.89 17.86
N MET C 482 6.23 -20.14 18.22
CA MET C 482 7.58 -20.70 18.11
C MET C 482 7.84 -21.37 16.77
N SER C 483 6.96 -21.20 15.78
CA SER C 483 7.24 -21.74 14.46
C SER C 483 8.07 -20.80 13.61
N GLY C 484 8.31 -19.59 14.08
CA GLY C 484 9.19 -18.67 13.37
C GLY C 484 8.78 -17.23 13.61
N ASN C 485 9.54 -16.33 12.98
CA ASN C 485 9.35 -14.91 13.20
C ASN C 485 8.79 -14.18 11.97
N GLY C 486 9.51 -14.13 10.85
CA GLY C 486 9.13 -13.32 9.71
C GLY C 486 8.26 -14.05 8.71
N ARG C 487 8.22 -13.53 7.50
CA ARG C 487 7.50 -14.20 6.42
C ARG C 487 8.40 -14.34 5.20
N GLU C 488 8.15 -15.39 4.43
CA GLU C 488 8.75 -15.52 3.11
C GLU C 488 7.64 -15.63 2.06
N LEU C 489 8.01 -15.27 0.82
CA LEU C 489 7.08 -15.22 -0.31
C LEU C 489 6.11 -14.06 -0.14
N GLY C 490 5.44 -13.65 -1.23
CA GLY C 490 4.58 -12.49 -1.21
C GLY C 490 5.36 -11.19 -1.01
N GLU C 491 4.62 -10.08 -1.10
CA GLU C 491 5.23 -8.78 -0.85
C GLU C 491 5.84 -8.70 0.56
N TYR C 492 5.33 -9.49 1.52
CA TYR C 492 5.81 -9.39 2.89
C TYR C 492 7.27 -9.80 3.01
N ALA C 493 7.76 -10.64 2.10
CA ALA C 493 9.15 -11.06 2.13
C ALA C 493 10.11 -9.88 1.98
N LEU C 494 9.68 -8.82 1.27
CA LEU C 494 10.56 -7.69 1.03
C LEU C 494 10.85 -6.94 2.31
N ALA C 495 9.93 -7.02 3.28
CA ALA C 495 10.14 -6.35 4.55
C ALA C 495 11.37 -6.91 5.28
N GLU C 496 11.66 -8.21 5.12
CA GLU C 496 12.81 -8.79 5.81
C GLU C 496 14.13 -8.46 5.12
N TYR C 497 14.11 -7.93 3.90
CA TYR C 497 15.35 -7.70 3.15
C TYR C 497 15.58 -6.24 2.81
N THR C 498 14.96 -5.31 3.53
CA THR C 498 15.21 -3.89 3.34
C THR C 498 15.25 -3.20 4.71
N GLU C 499 15.84 -2.01 4.71
CA GLU C 499 15.97 -1.20 5.91
C GLU C 499 15.37 0.16 5.62
N VAL C 500 14.52 0.65 6.53
CA VAL C 500 13.70 1.84 6.32
C VAL C 500 14.46 3.07 6.79
N LYS C 501 14.62 4.05 5.91
CA LYS C 501 15.25 5.32 6.23
C LYS C 501 14.26 6.45 5.98
N THR C 502 14.11 7.33 6.97
CA THR C 502 13.34 8.57 6.85
C THR C 502 14.27 9.72 6.52
N VAL C 503 13.90 10.51 5.52
CA VAL C 503 14.62 11.71 5.13
C VAL C 503 13.66 12.89 5.28
N THR C 504 13.97 13.76 6.21
CA THR C 504 13.13 14.91 6.54
C THR C 504 13.89 16.18 6.22
N ILE C 505 13.32 17.02 5.34
CA ILE C 505 13.96 18.24 4.85
C ILE C 505 13.15 19.44 5.30
N LYS C 506 13.85 20.48 5.77
CA LYS C 506 13.21 21.74 6.14
C LYS C 506 13.50 22.84 5.13
N LEU C 507 12.46 23.59 4.80
CA LEU C 507 12.59 24.66 3.83
C LEU C 507 12.62 26.04 4.48
N VAL D 29 -36.48 26.44 12.53
CA VAL D 29 -35.57 26.46 11.39
C VAL D 29 -34.79 27.76 11.34
N LYS D 30 -33.50 27.69 11.67
CA LYS D 30 -32.66 28.86 11.87
C LYS D 30 -31.89 29.29 10.61
N PHE D 31 -31.54 28.35 9.74
CA PHE D 31 -30.58 28.59 8.67
C PHE D 31 -31.24 28.35 7.33
N THR D 32 -31.40 29.43 6.54
CA THR D 32 -32.13 29.41 5.28
C THR D 32 -31.37 30.08 4.13
N LYS D 33 -30.21 30.66 4.38
CA LYS D 33 -29.54 31.51 3.41
C LYS D 33 -28.33 30.83 2.78
N ILE D 34 -27.81 31.48 1.75
CA ILE D 34 -26.63 30.98 1.08
C ILE D 34 -25.43 31.19 1.99
N PHE D 35 -24.58 30.18 2.06
CA PHE D 35 -23.46 30.18 2.98
C PHE D 35 -22.19 30.37 2.16
N ILE D 36 -21.50 31.48 2.36
CA ILE D 36 -20.29 31.81 1.61
C ILE D 36 -19.35 32.58 2.52
N ASN D 37 -18.09 32.15 2.57
CA ASN D 37 -17.08 32.77 3.43
C ASN D 37 -17.59 32.83 4.87
N ASN D 38 -18.15 31.71 5.32
CA ASN D 38 -18.69 31.60 6.68
C ASN D 38 -19.67 32.71 6.98
N GLU D 39 -20.33 33.21 5.93
CA GLU D 39 -21.36 34.20 6.10
C GLU D 39 -22.62 33.80 5.33
N TRP D 40 -23.76 34.30 5.80
CA TRP D 40 -25.07 34.00 5.24
C TRP D 40 -25.51 35.08 4.27
N HIS D 41 -26.05 34.67 3.13
CA HIS D 41 -26.27 35.60 2.02
C HIS D 41 -27.67 35.42 1.43
N GLU D 42 -28.29 36.53 1.07
CA GLU D 42 -29.51 36.45 0.28
C GLU D 42 -29.13 36.19 -1.17
N SER D 43 -30.02 35.53 -1.90
CA SER D 43 -29.77 35.31 -3.31
C SER D 43 -29.54 36.64 -4.02
N LYS D 44 -28.68 36.62 -5.03
CA LYS D 44 -28.45 37.83 -5.78
C LYS D 44 -29.70 38.29 -6.50
N SER D 45 -30.62 37.39 -6.81
CA SER D 45 -31.90 37.75 -7.39
C SER D 45 -32.98 38.06 -6.36
N GLY D 46 -32.74 37.78 -5.08
CA GLY D 46 -33.77 37.90 -4.07
C GLY D 46 -34.81 36.82 -4.09
N LYS D 47 -34.69 35.82 -4.96
CA LYS D 47 -35.75 34.83 -5.11
C LYS D 47 -35.66 33.78 -4.01
N LYS D 48 -36.79 33.13 -3.75
CA LYS D 48 -36.87 32.14 -2.68
C LYS D 48 -37.77 30.99 -3.10
N PHE D 49 -37.37 29.76 -2.78
CA PHE D 49 -38.22 28.60 -3.00
C PHE D 49 -38.66 28.01 -1.65
N ALA D 50 -39.77 27.28 -1.69
CA ALA D 50 -40.36 26.73 -0.48
C ALA D 50 -39.95 25.28 -0.30
N THR D 51 -39.73 24.89 0.96
CA THR D 51 -39.48 23.51 1.35
C THR D 51 -40.69 23.01 2.14
N CYS D 52 -41.05 21.73 1.96
CA CYS D 52 -42.31 21.23 2.47
C CYS D 52 -42.15 19.92 3.22
N ASN D 53 -42.97 19.78 4.28
CA ASN D 53 -42.99 18.59 5.13
C ASN D 53 -43.92 17.54 4.55
N PRO D 54 -43.40 16.44 4.00
CA PRO D 54 -44.29 15.45 3.35
C PRO D 54 -45.24 14.76 4.30
N SER D 55 -45.05 14.89 5.62
CA SER D 55 -45.96 14.27 6.57
C SER D 55 -47.20 15.13 6.76
N THR D 56 -47.00 16.42 7.04
CA THR D 56 -48.06 17.39 7.20
C THR D 56 -48.53 17.98 5.89
N ARG D 57 -47.72 17.83 4.84
CA ARG D 57 -47.95 18.50 3.56
C ARG D 57 -48.06 20.02 3.75
N GLU D 58 -47.59 20.51 4.89
CA GLU D 58 -47.44 21.93 5.12
C GLU D 58 -46.02 22.37 4.81
N GLN D 59 -45.87 23.66 4.59
CA GLN D 59 -44.61 24.23 4.16
C GLN D 59 -43.76 24.59 5.38
N ILE D 60 -42.53 24.12 5.40
CA ILE D 60 -41.69 24.36 6.56
C ILE D 60 -41.19 25.79 6.57
N CYS D 61 -40.60 26.24 5.46
CA CYS D 61 -40.10 27.61 5.40
C CYS D 61 -39.74 27.95 3.95
N GLU D 62 -39.08 29.09 3.78
CA GLU D 62 -38.54 29.52 2.51
C GLU D 62 -37.02 29.54 2.58
N VAL D 63 -36.39 29.20 1.44
CA VAL D 63 -34.93 29.14 1.33
C VAL D 63 -34.49 29.95 0.12
N GLU D 64 -33.40 30.69 0.29
CA GLU D 64 -32.84 31.48 -0.80
C GLU D 64 -32.64 30.59 -2.04
N GLU D 65 -33.06 31.11 -3.19
CA GLU D 65 -32.92 30.37 -4.45
C GLU D 65 -31.68 30.91 -5.15
N GLY D 66 -30.66 30.10 -5.23
CA GLY D 66 -29.44 30.53 -5.87
C GLY D 66 -29.49 30.32 -7.35
N ASP D 67 -28.56 30.98 -8.04
CA ASP D 67 -28.38 30.75 -9.45
C ASP D 67 -26.90 30.91 -9.75
N LYS D 68 -26.57 30.85 -11.04
CA LYS D 68 -25.18 30.94 -11.45
C LYS D 68 -24.45 32.12 -10.81
N PRO D 69 -25.03 33.32 -10.73
CA PRO D 69 -24.28 34.41 -10.10
C PRO D 69 -23.91 34.09 -8.66
N ASP D 70 -24.81 33.44 -7.91
CA ASP D 70 -24.44 32.96 -6.58
C ASP D 70 -23.31 31.93 -6.64
N VAL D 71 -23.36 31.00 -7.60
CA VAL D 71 -22.33 29.97 -7.68
C VAL D 71 -20.96 30.62 -7.93
N ASP D 72 -20.90 31.57 -8.87
CA ASP D 72 -19.66 32.31 -9.08
C ASP D 72 -19.08 32.85 -7.77
N LYS D 73 -19.90 33.51 -6.96
CA LYS D 73 -19.42 34.03 -5.68
C LYS D 73 -18.83 32.93 -4.82
N ALA D 74 -19.50 31.78 -4.74
CA ALA D 74 -19.02 30.67 -3.91
C ALA D 74 -17.73 30.09 -4.47
N VAL D 75 -17.68 29.84 -5.78
CA VAL D 75 -16.47 29.30 -6.38
C VAL D 75 -15.30 30.24 -6.12
N GLU D 76 -15.51 31.54 -6.30
CA GLU D 76 -14.43 32.48 -6.02
C GLU D 76 -13.98 32.38 -4.57
N ALA D 77 -14.93 32.32 -3.63
CA ALA D 77 -14.56 32.13 -2.24
C ALA D 77 -13.71 30.87 -2.06
N ALA D 78 -14.08 29.79 -2.72
CA ALA D 78 -13.32 28.57 -2.57
C ALA D 78 -11.97 28.65 -3.26
N GLN D 79 -11.89 29.36 -4.38
CA GLN D 79 -10.58 29.58 -4.97
C GLN D 79 -9.66 30.32 -4.01
N VAL D 80 -10.10 31.48 -3.52
CA VAL D 80 -9.26 32.28 -2.65
C VAL D 80 -8.82 31.47 -1.45
N ALA D 81 -9.76 30.73 -0.84
CA ALA D 81 -9.44 29.88 0.30
C ALA D 81 -8.40 28.81 -0.02
N PHE D 82 -8.18 28.55 -1.32
CA PHE D 82 -7.29 27.49 -1.77
C PHE D 82 -5.97 27.99 -2.35
N GLN D 83 -5.79 29.30 -2.53
CA GLN D 83 -4.51 29.80 -3.03
C GLN D 83 -3.36 29.43 -2.10
N ARG D 84 -2.16 29.31 -2.66
CA ARG D 84 -1.00 29.09 -1.81
C ARG D 84 -0.85 30.24 -0.83
N GLY D 85 -0.33 29.93 0.35
CA GLY D 85 -0.23 30.89 1.42
C GLY D 85 -1.51 31.08 2.23
N SER D 86 -2.62 30.51 1.78
CA SER D 86 -3.91 30.60 2.45
C SER D 86 -3.88 29.95 3.83
N PRO D 87 -4.68 30.44 4.78
CA PRO D 87 -4.76 29.75 6.09
C PRO D 87 -4.98 28.26 5.95
N TRP D 88 -5.98 27.84 5.16
CA TRP D 88 -6.29 26.43 4.99
C TRP D 88 -5.12 25.65 4.38
N ARG D 89 -4.38 26.25 3.45
CA ARG D 89 -3.26 25.52 2.86
C ARG D 89 -2.09 25.37 3.84
N ARG D 90 -1.84 26.39 4.66
CA ARG D 90 -0.71 26.40 5.56
C ARG D 90 -0.95 25.55 6.81
N LEU D 91 -2.16 25.02 6.99
CA LEU D 91 -2.42 24.18 8.14
C LEU D 91 -1.62 22.88 8.05
N ASP D 92 -1.24 22.34 9.22
CA ASP D 92 -0.71 20.99 9.32
C ASP D 92 -1.69 20.01 8.70
N ALA D 93 -1.17 18.89 8.20
CA ALA D 93 -2.07 17.81 7.82
C ALA D 93 -2.90 17.42 9.03
N LEU D 94 -2.24 17.12 10.15
CA LEU D 94 -2.96 16.69 11.35
C LEU D 94 -3.95 17.75 11.82
N SER D 95 -3.62 19.02 11.57
CA SER D 95 -4.59 20.07 11.90
C SER D 95 -5.89 19.91 11.10
N ARG D 96 -5.79 19.58 9.81
CA ARG D 96 -7.00 19.31 9.05
C ARG D 96 -7.82 18.24 9.73
N GLY D 97 -7.16 17.18 10.23
CA GLY D 97 -7.86 16.13 10.92
C GLY D 97 -8.54 16.60 12.19
N ARG D 98 -7.84 17.38 13.02
CA ARG D 98 -8.48 17.90 14.23
C ARG D 98 -9.70 18.73 13.88
N LEU D 99 -9.67 19.46 12.76
CA LEU D 99 -10.84 20.23 12.33
C LEU D 99 -12.01 19.31 12.03
N LEU D 100 -11.75 18.19 11.36
CA LEU D 100 -12.82 17.24 11.07
C LEU D 100 -13.38 16.61 12.36
N HIS D 101 -12.54 16.38 13.37
CA HIS D 101 -13.02 15.73 14.60
C HIS D 101 -13.88 16.69 15.42
N GLN D 102 -13.50 17.97 15.43
CA GLN D 102 -14.31 18.97 16.11
C GLN D 102 -15.68 19.10 15.45
N LEU D 103 -15.75 19.09 14.11
CA LEU D 103 -17.04 19.08 13.42
C LEU D 103 -17.87 17.88 13.83
N ALA D 104 -17.29 16.69 13.77
CA ALA D 104 -18.02 15.50 14.18
C ALA D 104 -18.40 15.56 15.64
N ASP D 105 -17.60 16.25 16.45
CA ASP D 105 -18.00 16.55 17.81
C ASP D 105 -19.27 17.40 17.84
N LEU D 106 -19.35 18.40 16.95
CA LEU D 106 -20.50 19.29 16.94
C LEU D 106 -21.74 18.59 16.44
N VAL D 107 -21.61 17.72 15.43
CA VAL D 107 -22.79 17.03 14.91
C VAL D 107 -23.38 16.12 15.98
N GLU D 108 -22.51 15.41 16.71
CA GLU D 108 -22.99 14.60 17.83
C GLU D 108 -23.67 15.46 18.88
N ARG D 109 -23.26 16.72 19.03
CA ARG D 109 -23.89 17.61 20.00
C ARG D 109 -25.30 17.98 19.56
N ASP D 110 -25.46 18.42 18.31
CA ASP D 110 -26.76 18.79 17.77
C ASP D 110 -27.42 17.63 17.03
N ARG D 111 -27.14 16.41 17.48
CA ARG D 111 -27.58 15.22 16.76
C ARG D 111 -29.09 15.15 16.65
N ALA D 112 -29.81 15.47 17.73
CA ALA D 112 -31.27 15.38 17.72
C ALA D 112 -31.90 16.46 16.85
N THR D 113 -31.38 17.68 16.95
CA THR D 113 -31.85 18.76 16.11
C THR D 113 -31.71 18.42 14.63
N LEU D 114 -30.56 17.82 14.26
CA LEU D 114 -30.29 17.56 12.86
C LEU D 114 -31.17 16.43 12.34
N ALA D 115 -31.18 15.31 13.07
CA ALA D 115 -32.09 14.23 12.72
C ALA D 115 -33.52 14.73 12.64
N ALA D 116 -33.89 15.71 13.48
CA ALA D 116 -35.26 16.24 13.45
C ALA D 116 -35.55 16.98 12.14
N LEU D 117 -34.66 17.91 11.77
CA LEU D 117 -34.84 18.59 10.49
C LEU D 117 -34.93 17.59 9.35
N GLU D 118 -34.04 16.61 9.34
CA GLU D 118 -34.03 15.61 8.27
C GLU D 118 -35.38 14.88 8.18
N THR D 119 -35.96 14.52 9.33
CA THR D 119 -37.27 13.88 9.32
C THR D 119 -38.34 14.83 8.81
N MET D 120 -38.30 16.10 9.21
CA MET D 120 -39.25 17.07 8.68
C MET D 120 -39.17 17.18 7.15
N ASP D 121 -37.95 17.21 6.61
CA ASP D 121 -37.75 17.43 5.19
C ASP D 121 -38.05 16.21 4.33
N THR D 122 -37.85 15.02 4.87
CA THR D 122 -37.90 13.82 4.04
C THR D 122 -39.04 12.90 4.38
N GLY D 123 -39.62 13.02 5.58
CA GLY D 123 -40.61 12.08 6.07
C GLY D 123 -40.01 10.87 6.73
N LYS D 124 -38.76 10.89 6.99
CA LYS D 124 -38.02 9.72 7.46
C LYS D 124 -38.29 9.49 8.94
N PRO D 125 -38.46 8.25 9.37
CA PRO D 125 -38.73 7.99 10.78
C PRO D 125 -37.64 8.59 11.65
N PHE D 126 -38.05 9.40 12.63
CA PHE D 126 -37.07 10.15 13.41
C PHE D 126 -36.00 9.24 13.98
N LEU D 127 -36.38 8.04 14.42
CA LEU D 127 -35.41 7.13 15.00
C LEU D 127 -34.43 6.61 13.96
N HIS D 128 -34.86 6.50 12.70
CA HIS D 128 -33.95 6.14 11.62
C HIS D 128 -32.94 7.25 11.37
N ALA D 129 -33.38 8.50 11.29
CA ALA D 129 -32.44 9.56 11.01
C ALA D 129 -31.46 9.73 12.17
N PHE D 130 -31.90 9.41 13.39
CA PHE D 130 -31.07 9.61 14.57
C PHE D 130 -30.07 8.49 14.75
N PHE D 131 -30.50 7.25 14.55
CA PHE D 131 -29.60 6.12 14.75
C PHE D 131 -28.93 5.65 13.48
N ILE D 132 -29.36 6.13 12.30
CA ILE D 132 -28.75 5.65 11.07
C ILE D 132 -28.16 6.81 10.27
N ASP D 133 -29.01 7.68 9.73
CA ASP D 133 -28.51 8.76 8.89
C ASP D 133 -27.49 9.59 9.62
N LEU D 134 -27.78 9.97 10.87
CA LEU D 134 -26.87 10.79 11.65
C LEU D 134 -25.66 10.01 12.10
N GLU D 135 -25.84 8.74 12.44
CA GLU D 135 -24.74 7.91 12.89
C GLU D 135 -23.72 7.72 11.76
N GLY D 136 -24.18 7.62 10.52
CA GLY D 136 -23.26 7.52 9.41
C GLY D 136 -22.37 8.76 9.29
N CYS D 137 -22.96 9.93 9.51
CA CYS D 137 -22.20 11.17 9.34
C CYS D 137 -21.08 11.28 10.36
N ILE D 138 -21.35 10.91 11.61
CA ILE D 138 -20.34 11.10 12.65
C ILE D 138 -19.16 10.14 12.44
N ARG D 139 -19.44 8.89 12.09
CA ARG D 139 -18.37 7.91 11.84
C ARG D 139 -17.64 8.21 10.53
N THR D 140 -18.37 8.66 9.51
CA THR D 140 -17.71 9.07 8.27
C THR D 140 -16.75 10.22 8.53
N LEU D 141 -17.21 11.24 9.24
CA LEU D 141 -16.30 12.32 9.60
C LEU D 141 -15.13 11.81 10.43
N ARG D 142 -15.41 10.96 11.41
CA ARG D 142 -14.32 10.51 12.26
C ARG D 142 -13.30 9.68 11.50
N TYR D 143 -13.78 8.76 10.63
CA TYR D 143 -12.89 7.91 9.86
C TYR D 143 -11.96 8.74 8.98
N PHE D 144 -12.48 9.76 8.32
CA PHE D 144 -11.66 10.55 7.42
C PHE D 144 -10.85 11.57 8.17
N ALA D 145 -11.26 11.88 9.41
CA ALA D 145 -10.38 12.65 10.27
C ALA D 145 -9.05 11.93 10.45
N GLY D 146 -9.09 10.63 10.61
CA GLY D 146 -7.85 9.90 10.82
C GLY D 146 -6.99 9.72 9.59
N TRP D 147 -7.48 10.07 8.39
CA TRP D 147 -6.71 9.87 7.16
C TRP D 147 -5.87 11.08 6.78
N ALA D 148 -6.09 12.23 7.41
CA ALA D 148 -5.45 13.47 7.00
C ALA D 148 -3.94 13.33 6.95
N ASP D 149 -3.32 12.97 8.08
CA ASP D 149 -1.87 12.75 8.11
C ASP D 149 -1.45 11.37 7.60
N LYS D 150 -2.30 10.65 6.86
CA LYS D 150 -1.93 9.34 6.34
C LYS D 150 -2.15 9.25 4.83
N ILE D 151 -2.28 10.38 4.14
CA ILE D 151 -2.37 10.44 2.68
C ILE D 151 -0.95 10.38 2.13
N GLN D 152 -0.53 9.22 1.63
CA GLN D 152 0.89 8.98 1.40
C GLN D 152 1.17 8.70 -0.07
N GLY D 153 2.16 9.39 -0.62
CA GLY D 153 2.64 9.11 -1.95
C GLY D 153 3.66 8.00 -1.91
N LYS D 154 4.45 7.91 -2.98
CA LYS D 154 5.42 6.85 -3.14
C LYS D 154 6.80 7.41 -3.46
N THR D 155 7.84 6.69 -3.06
CA THR D 155 9.19 6.89 -3.58
C THR D 155 9.52 5.68 -4.45
N ILE D 156 10.07 5.94 -5.63
CA ILE D 156 10.05 5.00 -6.75
C ILE D 156 11.47 4.70 -7.18
N PRO D 157 11.89 3.44 -7.22
CA PRO D 157 13.26 3.13 -7.62
C PRO D 157 13.39 3.23 -9.14
N THR D 158 14.40 3.97 -9.59
CA THR D 158 14.66 4.10 -11.01
C THR D 158 16.13 3.80 -11.31
N ASP D 159 16.93 4.87 -11.43
CA ASP D 159 18.34 4.78 -11.72
C ASP D 159 19.17 5.24 -10.53
N ASP D 160 20.46 4.92 -10.61
CA ASP D 160 21.34 5.09 -9.48
C ASP D 160 21.51 6.57 -9.12
N ASN D 161 21.37 7.46 -10.09
CA ASN D 161 21.54 8.90 -9.88
C ASN D 161 20.22 9.67 -10.00
N VAL D 162 19.08 9.03 -9.72
CA VAL D 162 17.79 9.69 -9.85
C VAL D 162 16.98 9.47 -8.60
N VAL D 163 16.40 10.55 -8.08
CA VAL D 163 15.41 10.52 -7.01
C VAL D 163 14.04 10.77 -7.64
N CYS D 164 13.12 9.81 -7.53
CA CYS D 164 11.82 9.93 -8.17
C CYS D 164 10.73 9.58 -7.17
N PHE D 165 9.77 10.48 -6.97
CA PHE D 165 8.71 10.19 -6.02
C PHE D 165 7.43 10.87 -6.48
N THR D 166 6.30 10.43 -5.90
CA THR D 166 4.98 10.93 -6.24
C THR D 166 4.34 11.65 -5.06
N ARG D 167 3.63 12.73 -5.33
CA ARG D 167 2.94 13.47 -4.28
C ARG D 167 1.43 13.37 -4.52
N HIS D 168 0.65 13.21 -3.45
CA HIS D 168 -0.82 13.14 -3.58
C HIS D 168 -1.37 14.51 -3.17
N GLU D 169 -1.55 15.36 -4.14
CA GLU D 169 -1.95 16.72 -3.89
C GLU D 169 -3.45 16.85 -3.95
N PRO D 170 -4.00 17.88 -3.32
CA PRO D 170 -5.45 18.12 -3.43
C PRO D 170 -5.80 18.48 -4.86
N ILE D 171 -6.98 18.03 -5.32
CA ILE D 171 -7.38 18.44 -6.67
C ILE D 171 -7.67 19.93 -6.73
N GLY D 172 -8.15 20.52 -5.63
CA GLY D 172 -8.50 21.93 -5.65
C GLY D 172 -9.94 22.15 -5.25
N VAL D 173 -10.69 22.92 -6.05
CA VAL D 173 -12.06 23.25 -5.70
C VAL D 173 -12.99 22.16 -6.19
N CYS D 174 -13.81 21.65 -5.26
CA CYS D 174 -14.57 20.41 -5.43
C CYS D 174 -16.05 20.69 -5.27
N GLY D 175 -16.85 20.22 -6.22
CA GLY D 175 -18.29 20.41 -6.17
C GLY D 175 -19.02 19.14 -5.78
N ALA D 176 -20.01 19.28 -4.92
CA ALA D 176 -20.88 18.16 -4.58
C ALA D 176 -22.31 18.51 -4.94
N ILE D 177 -23.00 17.52 -5.49
CA ILE D 177 -24.43 17.60 -5.81
C ILE D 177 -25.06 16.32 -5.27
N THR D 178 -26.04 16.45 -4.37
CA THR D 178 -26.59 15.34 -3.62
C THR D 178 -28.10 15.24 -3.75
N PRO D 179 -28.66 14.06 -3.47
CA PRO D 179 -30.11 13.89 -3.66
C PRO D 179 -30.92 14.16 -2.40
N TRP D 180 -32.21 13.85 -2.47
CA TRP D 180 -33.13 14.11 -1.36
C TRP D 180 -33.32 12.91 -0.44
N ASN D 181 -32.85 11.72 -0.82
CA ASN D 181 -33.18 10.53 -0.02
C ASN D 181 -32.31 10.40 1.23
N PHE D 182 -31.04 10.81 1.17
CA PHE D 182 -30.17 10.86 2.34
C PHE D 182 -29.40 12.17 2.30
N PRO D 183 -30.08 13.27 2.54
CA PRO D 183 -29.46 14.58 2.32
C PRO D 183 -28.16 14.80 3.08
N LEU D 184 -28.16 14.62 4.40
CA LEU D 184 -26.96 14.95 5.16
C LEU D 184 -25.85 13.93 4.96
N LEU D 185 -26.20 12.65 4.76
CA LEU D 185 -25.17 11.62 4.72
C LEU D 185 -24.47 11.57 3.37
N MET D 186 -25.24 11.71 2.28
CA MET D 186 -24.63 11.79 0.96
C MET D 186 -23.76 13.03 0.84
N LEU D 187 -24.16 14.10 1.53
CA LEU D 187 -23.29 15.25 1.70
C LEU D 187 -21.97 14.84 2.37
N VAL D 188 -22.05 14.19 3.54
CA VAL D 188 -20.86 13.94 4.35
C VAL D 188 -19.90 12.99 3.64
N TRP D 189 -20.42 11.98 2.95
CA TRP D 189 -19.56 11.08 2.17
C TRP D 189 -18.67 11.84 1.18
N LYS D 190 -19.06 13.05 0.79
CA LYS D 190 -18.27 13.88 -0.11
C LYS D 190 -17.43 14.89 0.65
N LEU D 191 -18.07 15.68 1.53
CA LEU D 191 -17.33 16.64 2.35
C LEU D 191 -16.16 16.01 3.08
N ALA D 192 -16.34 14.78 3.62
CA ALA D 192 -15.37 14.23 4.57
C ALA D 192 -14.03 13.88 3.93
N PRO D 193 -13.97 13.02 2.89
CA PRO D 193 -12.66 12.82 2.23
C PRO D 193 -12.09 14.10 1.64
N ALA D 194 -12.95 14.91 1.01
CA ALA D 194 -12.49 16.12 0.34
C ALA D 194 -11.63 16.97 1.28
N LEU D 195 -12.15 17.24 2.47
CA LEU D 195 -11.48 18.19 3.37
C LEU D 195 -10.21 17.60 3.92
N CYS D 196 -10.28 16.37 4.40
CA CYS D 196 -9.16 15.55 4.84
C CYS D 196 -7.95 15.67 3.89
N CYS D 197 -8.24 15.78 2.60
CA CYS D 197 -7.23 15.88 1.55
C CYS D 197 -6.84 17.32 1.28
N GLY D 198 -7.40 18.29 1.98
CA GLY D 198 -7.05 19.68 1.76
C GLY D 198 -7.73 20.40 0.60
N ASN D 199 -8.92 19.96 0.18
CA ASN D 199 -9.63 20.70 -0.85
C ASN D 199 -10.53 21.78 -0.24
N THR D 200 -11.15 22.57 -1.11
CA THR D 200 -12.29 23.39 -0.75
C THR D 200 -13.47 23.01 -1.63
N MET D 201 -14.67 23.40 -1.19
CA MET D 201 -15.90 22.90 -1.79
C MET D 201 -16.94 24.00 -2.06
N VAL D 202 -17.77 23.71 -3.06
CA VAL D 202 -19.07 24.34 -3.27
C VAL D 202 -20.13 23.23 -3.28
N LEU D 203 -21.05 23.26 -2.31
CA LEU D 203 -22.07 22.23 -2.13
C LEU D 203 -23.44 22.72 -2.59
N LYS D 204 -24.17 21.86 -3.31
CA LYS D 204 -25.57 22.09 -3.67
C LYS D 204 -26.45 20.93 -3.21
N PRO D 205 -27.23 21.11 -2.15
CA PRO D 205 -28.23 20.10 -1.77
C PRO D 205 -29.39 20.04 -2.76
N ALA D 206 -30.17 18.97 -2.65
CA ALA D 206 -31.38 18.82 -3.46
C ALA D 206 -32.46 19.83 -3.05
N GLU D 207 -33.19 20.37 -4.04
CA GLU D 207 -34.19 21.40 -3.75
C GLU D 207 -35.22 20.92 -2.72
N GLN D 208 -35.51 19.62 -2.68
CA GLN D 208 -36.46 19.09 -1.72
C GLN D 208 -35.92 19.06 -0.29
N THR D 209 -34.61 18.99 -0.10
CA THR D 209 -34.03 18.67 1.21
C THR D 209 -32.82 19.54 1.48
N PRO D 210 -33.01 20.85 1.61
CA PRO D 210 -31.87 21.74 1.84
C PRO D 210 -31.46 21.93 3.29
N LEU D 211 -32.33 21.58 4.24
CA LEU D 211 -32.19 22.17 5.56
C LEU D 211 -30.92 21.71 6.28
N THR D 212 -30.67 20.41 6.26
CA THR D 212 -29.56 19.83 6.99
C THR D 212 -28.23 20.41 6.51
N ALA D 213 -28.09 20.55 5.20
CA ALA D 213 -26.88 21.12 4.65
C ALA D 213 -26.68 22.54 5.18
N LEU D 214 -27.74 23.33 5.18
CA LEU D 214 -27.62 24.70 5.65
C LEU D 214 -27.26 24.72 7.13
N TYR D 215 -27.84 23.81 7.90
CA TYR D 215 -27.43 23.70 9.29
C TYR D 215 -25.96 23.26 9.41
N LEU D 216 -25.54 22.27 8.59
CA LEU D 216 -24.16 21.81 8.67
C LEU D 216 -23.16 22.93 8.46
N GLY D 217 -23.54 23.95 7.68
CA GLY D 217 -22.64 25.07 7.49
C GLY D 217 -22.37 25.80 8.79
N SER D 218 -23.41 26.07 9.56
CA SER D 218 -23.19 26.74 10.84
C SER D 218 -22.23 25.95 11.71
N LEU D 219 -22.36 24.61 11.72
CA LEU D 219 -21.43 23.81 12.50
C LEU D 219 -20.00 23.91 11.94
N ILE D 220 -19.87 24.04 10.63
CA ILE D 220 -18.56 24.20 10.01
C ILE D 220 -17.91 25.54 10.43
N LYS D 221 -18.72 26.58 10.56
CA LYS D 221 -18.18 27.86 11.03
C LYS D 221 -17.78 27.77 12.49
N GLU D 222 -18.65 27.17 13.33
CA GLU D 222 -18.34 26.96 14.73
C GLU D 222 -17.14 26.05 14.93
N ALA D 223 -16.90 25.15 13.97
CA ALA D 223 -15.77 24.24 14.08
C ALA D 223 -14.44 24.92 13.81
N GLY D 224 -14.41 26.13 13.29
CA GLY D 224 -13.15 26.78 12.99
C GLY D 224 -12.62 26.60 11.59
N PHE D 225 -13.39 26.00 10.68
CA PHE D 225 -12.95 25.92 9.29
C PHE D 225 -12.80 27.34 8.74
N PRO D 226 -11.65 27.68 8.14
CA PRO D 226 -11.48 29.03 7.63
C PRO D 226 -12.55 29.34 6.61
N PRO D 227 -12.92 30.60 6.46
CA PRO D 227 -14.06 30.93 5.60
C PRO D 227 -13.70 30.70 4.13
N GLY D 228 -14.62 30.03 3.42
CA GLY D 228 -14.46 29.73 2.01
C GLY D 228 -14.05 28.29 1.72
N VAL D 229 -13.63 27.55 2.75
CA VAL D 229 -13.28 26.13 2.59
C VAL D 229 -14.52 25.34 2.21
N VAL D 230 -15.67 25.67 2.79
CA VAL D 230 -16.97 25.11 2.40
C VAL D 230 -17.93 26.25 2.11
N ASN D 231 -18.56 26.20 0.94
CA ASN D 231 -19.63 27.13 0.57
C ASN D 231 -20.82 26.31 0.05
N ILE D 232 -22.03 26.78 0.37
CA ILE D 232 -23.24 26.03 0.11
C ILE D 232 -24.20 26.94 -0.60
N VAL D 233 -24.67 26.51 -1.78
CA VAL D 233 -25.62 27.26 -2.58
C VAL D 233 -26.84 26.39 -2.80
N PRO D 234 -27.96 26.67 -2.15
CA PRO D 234 -29.19 25.91 -2.44
C PRO D 234 -29.94 26.45 -3.65
N GLY D 235 -30.72 25.57 -4.24
CA GLY D 235 -31.37 25.90 -5.47
C GLY D 235 -31.59 24.62 -6.26
N PHE D 236 -31.56 24.76 -7.57
CA PHE D 236 -32.07 23.70 -8.40
C PHE D 236 -31.03 23.13 -9.37
N GLY D 237 -31.52 22.13 -10.07
CA GLY D 237 -30.76 21.31 -10.98
C GLY D 237 -30.31 22.09 -12.18
N PRO D 238 -31.23 22.36 -13.11
CA PRO D 238 -30.80 22.97 -14.39
C PRO D 238 -30.23 24.36 -14.18
N THR D 239 -30.26 24.81 -12.94
CA THR D 239 -29.82 26.15 -12.57
C THR D 239 -28.51 26.10 -11.78
N VAL D 240 -28.56 25.72 -10.51
CA VAL D 240 -27.35 25.78 -9.69
C VAL D 240 -26.44 24.60 -10.00
N GLY D 241 -27.04 23.41 -10.10
CA GLY D 241 -26.22 22.25 -10.40
C GLY D 241 -25.52 22.37 -11.73
N ALA D 242 -26.28 22.71 -12.77
CA ALA D 242 -25.71 22.94 -14.10
C ALA D 242 -24.64 24.02 -14.07
N ALA D 243 -24.83 25.07 -13.27
CA ALA D 243 -23.76 26.04 -13.06
C ALA D 243 -22.54 25.36 -12.47
N ILE D 244 -22.74 24.49 -11.48
CA ILE D 244 -21.60 23.84 -10.84
C ILE D 244 -20.90 22.92 -11.83
N SER D 245 -21.67 22.13 -12.57
CA SER D 245 -21.04 21.09 -13.37
C SER D 245 -20.18 21.67 -14.51
N SER D 246 -20.49 22.86 -14.99
CA SER D 246 -19.76 23.37 -16.15
C SER D 246 -18.83 24.52 -15.79
N HIS D 247 -18.64 24.81 -14.50
CA HIS D 247 -17.82 25.94 -14.13
C HIS D 247 -16.37 25.72 -14.54
N PRO D 248 -15.69 26.78 -14.99
CA PRO D 248 -14.30 26.64 -15.43
C PRO D 248 -13.29 26.62 -14.30
N GLN D 249 -13.70 26.96 -13.07
CA GLN D 249 -12.77 26.89 -11.95
C GLN D 249 -13.24 25.96 -10.85
N ILE D 250 -14.14 25.02 -11.15
CA ILE D 250 -14.31 23.83 -10.34
C ILE D 250 -13.46 22.74 -10.99
N ASN D 251 -12.65 22.07 -10.16
CA ASN D 251 -11.71 21.06 -10.63
C ASN D 251 -12.29 19.66 -10.61
N LYS D 252 -13.23 19.37 -9.72
CA LYS D 252 -13.72 18.02 -9.51
C LYS D 252 -15.12 18.08 -8.95
N ILE D 253 -16.01 17.27 -9.52
CA ILE D 253 -17.41 17.26 -9.12
C ILE D 253 -17.80 15.85 -8.74
N ALA D 254 -18.57 15.73 -7.66
CA ALA D 254 -19.03 14.46 -7.11
C ALA D 254 -20.55 14.50 -7.06
N PHE D 255 -21.19 13.51 -7.66
CA PHE D 255 -22.62 13.53 -7.89
C PHE D 255 -23.23 12.24 -7.37
N THR D 256 -24.29 12.37 -6.59
CA THR D 256 -25.18 11.26 -6.26
C THR D 256 -26.60 11.68 -6.69
N GLY D 257 -27.28 10.81 -7.42
CA GLY D 257 -28.61 11.12 -7.87
C GLY D 257 -29.02 10.12 -8.91
N SER D 258 -29.71 10.59 -9.96
CA SER D 258 -30.30 9.68 -10.93
C SER D 258 -29.32 9.45 -12.07
N THR D 259 -29.53 8.34 -12.79
CA THR D 259 -28.65 8.03 -13.91
C THR D 259 -28.79 9.07 -15.02
N GLU D 260 -30.03 9.42 -15.35
CA GLU D 260 -30.28 10.41 -16.40
C GLU D 260 -29.49 11.69 -16.14
N VAL D 261 -29.51 12.18 -14.91
CA VAL D 261 -28.84 13.44 -14.65
C VAL D 261 -27.35 13.23 -14.50
N GLY D 262 -26.92 12.08 -13.96
CA GLY D 262 -25.50 11.79 -13.92
C GLY D 262 -24.84 11.92 -15.28
N LYS D 263 -25.47 11.35 -16.31
CA LYS D 263 -24.97 11.54 -17.67
C LYS D 263 -24.78 13.02 -17.97
N LEU D 264 -25.81 13.83 -17.72
CA LEU D 264 -25.73 15.27 -17.98
C LEU D 264 -24.57 15.93 -17.25
N VAL D 265 -24.37 15.57 -15.98
CA VAL D 265 -23.24 16.11 -15.20
C VAL D 265 -21.92 15.82 -15.89
N LYS D 266 -21.70 14.56 -16.27
CA LYS D 266 -20.42 14.20 -16.89
C LYS D 266 -20.26 14.88 -18.25
N GLU D 267 -21.35 14.98 -19.01
CA GLU D 267 -21.29 15.72 -20.26
C GLU D 267 -20.89 17.17 -20.00
N ALA D 268 -21.54 17.83 -19.06
CA ALA D 268 -21.16 19.20 -18.73
C ALA D 268 -19.69 19.30 -18.31
N ALA D 269 -19.22 18.34 -17.51
CA ALA D 269 -17.81 18.36 -17.11
C ALA D 269 -16.92 18.18 -18.31
N SER D 270 -17.18 17.15 -19.11
CA SER D 270 -16.39 16.90 -20.30
C SER D 270 -16.33 18.13 -21.21
N ARG D 271 -17.43 18.87 -21.32
CA ARG D 271 -17.42 19.94 -22.31
C ARG D 271 -16.91 21.26 -21.76
N SER D 272 -16.82 21.43 -20.45
CA SER D 272 -16.28 22.67 -19.91
C SER D 272 -14.75 22.62 -19.73
N ASN D 273 -14.28 22.16 -18.58
CA ASN D 273 -12.86 22.18 -18.29
C ASN D 273 -12.30 20.81 -17.97
N LEU D 274 -13.04 19.76 -18.31
CA LEU D 274 -12.58 18.39 -18.12
C LEU D 274 -12.42 18.06 -16.63
N LYS D 275 -13.25 18.62 -15.77
CA LYS D 275 -13.12 18.39 -14.35
C LYS D 275 -13.31 16.92 -14.06
N ARG D 276 -12.62 16.44 -13.03
CA ARG D 276 -12.74 15.04 -12.61
C ARG D 276 -14.15 14.77 -12.08
N VAL D 277 -14.63 13.53 -12.26
CA VAL D 277 -16.03 13.25 -11.99
C VAL D 277 -16.17 11.94 -11.22
N THR D 278 -16.89 12.00 -10.09
CA THR D 278 -17.40 10.83 -9.39
C THR D 278 -18.92 10.77 -9.50
N LEU D 279 -19.44 9.58 -9.75
CA LEU D 279 -20.87 9.36 -9.87
C LEU D 279 -21.27 8.19 -8.99
N GLU D 280 -22.19 8.43 -8.07
CA GLU D 280 -22.94 7.39 -7.41
C GLU D 280 -24.37 7.45 -7.91
N LEU D 281 -24.80 6.43 -8.64
CA LEU D 281 -26.15 6.43 -9.22
C LEU D 281 -26.93 5.23 -8.67
N GLY D 282 -28.08 4.93 -9.28
CA GLY D 282 -28.99 3.94 -8.74
C GLY D 282 -28.61 2.52 -9.08
N GLY D 283 -29.54 1.61 -8.81
CA GLY D 283 -29.35 0.22 -9.16
C GLY D 283 -30.66 -0.53 -9.18
N LYS D 284 -30.60 -1.73 -9.74
CA LYS D 284 -31.67 -2.73 -9.69
C LYS D 284 -31.04 -3.93 -9.00
N ASN D 285 -30.90 -3.80 -7.72
CA ASN D 285 -29.99 -4.67 -6.99
C ASN D 285 -30.63 -6.01 -6.72
N PRO D 286 -29.99 -7.11 -7.11
CA PRO D 286 -30.53 -8.43 -6.85
C PRO D 286 -30.33 -8.85 -5.40
N CYS D 287 -31.23 -9.70 -4.94
CA CYS D 287 -31.12 -10.30 -3.62
C CYS D 287 -31.41 -11.78 -3.78
N ILE D 288 -30.36 -12.60 -3.69
CA ILE D 288 -30.40 -14.00 -4.09
C ILE D 288 -30.55 -14.88 -2.85
N VAL D 289 -31.46 -15.85 -2.92
CA VAL D 289 -31.81 -16.69 -1.76
C VAL D 289 -31.78 -18.15 -2.19
N CYS D 290 -30.84 -18.91 -1.64
CA CYS D 290 -30.76 -20.36 -1.82
C CYS D 290 -31.54 -21.10 -0.75
N ALA D 291 -32.06 -22.28 -1.13
CA ALA D 291 -32.78 -23.14 -0.18
C ALA D 291 -31.92 -23.45 1.02
N ASP D 292 -30.60 -23.47 0.81
CA ASP D 292 -29.56 -23.63 1.81
C ASP D 292 -29.63 -22.60 2.94
N ALA D 293 -30.20 -21.43 2.68
CA ALA D 293 -30.02 -20.26 3.55
C ALA D 293 -30.89 -20.33 4.80
N ASP D 294 -30.45 -19.61 5.84
CA ASP D 294 -31.28 -19.33 7.01
C ASP D 294 -32.47 -18.48 6.57
N LEU D 295 -33.63 -19.12 6.40
CA LEU D 295 -34.76 -18.41 5.83
C LEU D 295 -35.20 -17.25 6.69
N ASP D 296 -35.21 -17.43 8.00
CA ASP D 296 -35.61 -16.32 8.86
C ASP D 296 -34.69 -15.13 8.66
N LEU D 297 -33.39 -15.40 8.53
CA LEU D 297 -32.43 -14.33 8.26
C LEU D 297 -32.71 -13.67 6.91
N ALA D 298 -32.91 -14.48 5.86
CA ALA D 298 -33.11 -13.94 4.52
C ALA D 298 -34.36 -13.08 4.45
N VAL D 299 -35.47 -13.58 5.01
CA VAL D 299 -36.74 -12.87 4.85
C VAL D 299 -36.68 -11.50 5.50
N GLU D 300 -36.14 -11.40 6.72
CA GLU D 300 -36.07 -10.09 7.35
C GLU D 300 -35.11 -9.17 6.59
N CYS D 301 -33.89 -9.66 6.29
CA CYS D 301 -32.93 -8.84 5.56
C CYS D 301 -33.50 -8.36 4.25
N ALA D 302 -34.07 -9.27 3.47
CA ALA D 302 -34.71 -8.86 2.24
C ALA D 302 -35.81 -7.85 2.50
N HIS D 303 -36.56 -8.05 3.59
CA HIS D 303 -37.68 -7.15 3.87
C HIS D 303 -37.17 -5.78 4.21
N GLN D 304 -36.20 -5.70 5.11
CA GLN D 304 -35.61 -4.43 5.46
C GLN D 304 -34.87 -3.82 4.29
N GLY D 305 -34.39 -4.67 3.37
CA GLY D 305 -33.64 -4.19 2.22
C GLY D 305 -34.49 -3.65 1.09
N VAL D 306 -35.78 -3.94 1.09
CA VAL D 306 -36.68 -3.34 0.12
C VAL D 306 -37.36 -2.11 0.70
N PHE D 307 -37.67 -2.14 1.99
CA PHE D 307 -38.57 -1.16 2.53
C PHE D 307 -37.88 -0.03 3.29
N PHE D 308 -36.60 -0.19 3.63
CA PHE D 308 -35.90 0.85 4.38
C PHE D 308 -35.98 2.19 3.65
N ASN D 309 -36.20 3.25 4.43
CA ASN D 309 -36.29 4.61 3.90
C ASN D 309 -37.47 4.77 2.96
N GLN D 310 -38.54 4.03 3.25
CA GLN D 310 -39.75 4.01 2.42
C GLN D 310 -39.44 3.49 1.02
N GLY D 311 -38.47 2.59 0.90
CA GLY D 311 -38.05 2.06 -0.38
C GLY D 311 -37.25 3.02 -1.23
N GLN D 312 -36.93 4.21 -0.72
CA GLN D 312 -36.33 5.27 -1.51
C GLN D 312 -34.81 5.29 -1.30
N CYS D 313 -34.17 4.21 -1.69
CA CYS D 313 -32.77 4.05 -1.32
C CYS D 313 -32.01 3.41 -2.46
N CYS D 314 -30.81 3.94 -2.73
CA CYS D 314 -29.98 3.46 -3.84
C CYS D 314 -29.74 1.95 -3.78
N THR D 315 -29.66 1.41 -2.56
CA THR D 315 -29.31 0.02 -2.32
C THR D 315 -30.53 -0.89 -2.27
N ALA D 316 -31.69 -0.42 -2.74
CA ALA D 316 -32.95 -1.14 -2.52
C ALA D 316 -32.97 -2.48 -3.26
N ALA D 317 -33.43 -3.51 -2.56
CA ALA D 317 -33.36 -4.91 -3.02
C ALA D 317 -34.53 -5.26 -3.93
N SER D 318 -34.62 -4.55 -5.06
CA SER D 318 -35.76 -4.51 -5.95
C SER D 318 -35.87 -5.73 -6.88
N ARG D 319 -35.12 -6.81 -6.63
CA ARG D 319 -35.19 -8.01 -7.47
C ARG D 319 -34.78 -9.19 -6.61
N VAL D 320 -35.75 -9.77 -5.91
CA VAL D 320 -35.46 -10.85 -4.97
C VAL D 320 -35.61 -12.15 -5.73
N PHE D 321 -34.47 -12.78 -6.05
CA PHE D 321 -34.40 -14.12 -6.65
C PHE D 321 -34.41 -15.21 -5.57
N VAL D 322 -35.43 -16.06 -5.55
CA VAL D 322 -35.53 -17.13 -4.57
C VAL D 322 -35.53 -18.48 -5.28
N GLU D 323 -34.87 -19.46 -4.66
CA GLU D 323 -34.83 -20.83 -5.21
C GLU D 323 -36.17 -21.51 -4.95
N GLU D 324 -36.69 -22.18 -5.99
CA GLU D 324 -38.10 -22.56 -5.97
C GLU D 324 -38.44 -23.45 -4.80
N GLN D 325 -37.49 -24.29 -4.35
CA GLN D 325 -37.71 -25.18 -3.21
C GLN D 325 -38.19 -24.43 -1.97
N VAL D 326 -37.70 -23.21 -1.75
CA VAL D 326 -38.16 -22.39 -0.64
C VAL D 326 -38.96 -21.17 -1.13
N TYR D 327 -39.45 -21.20 -2.37
CA TYR D 327 -40.08 -20.02 -2.93
C TYR D 327 -41.33 -19.62 -2.15
N SER D 328 -42.29 -20.52 -2.05
CA SER D 328 -43.59 -20.13 -1.55
C SER D 328 -43.53 -19.75 -0.09
N GLU D 329 -42.71 -20.46 0.66
CA GLU D 329 -42.56 -20.11 2.06
C GLU D 329 -41.94 -18.74 2.21
N PHE D 330 -40.99 -18.40 1.34
CA PHE D 330 -40.45 -17.06 1.38
C PHE D 330 -41.56 -16.02 1.17
N VAL D 331 -42.38 -16.20 0.14
CA VAL D 331 -43.43 -15.23 -0.13
C VAL D 331 -44.37 -15.10 1.06
N ARG D 332 -44.72 -16.24 1.66
CA ARG D 332 -45.59 -16.22 2.83
C ARG D 332 -45.02 -15.36 3.95
N ARG D 333 -43.76 -15.56 4.31
CA ARG D 333 -43.25 -14.83 5.47
C ARG D 333 -42.94 -13.39 5.13
N SER D 334 -42.64 -13.10 3.86
CA SER D 334 -42.44 -11.71 3.47
C SER D 334 -43.76 -10.95 3.53
N VAL D 335 -44.83 -11.57 3.04
CA VAL D 335 -46.15 -10.96 3.13
C VAL D 335 -46.50 -10.64 4.57
N GLU D 336 -46.18 -11.55 5.49
CA GLU D 336 -46.49 -11.26 6.89
C GLU D 336 -45.71 -10.05 7.38
N TYR D 337 -44.41 -10.02 7.07
CA TYR D 337 -43.57 -8.89 7.46
C TYR D 337 -44.16 -7.57 6.96
N ALA D 338 -44.65 -7.57 5.73
CA ALA D 338 -45.16 -6.33 5.14
C ALA D 338 -46.49 -5.91 5.79
N LYS D 339 -47.42 -6.86 5.95
CA LYS D 339 -48.71 -6.58 6.56
C LYS D 339 -48.57 -5.99 7.95
N LYS D 340 -47.47 -6.26 8.64
CA LYS D 340 -47.28 -5.85 10.03
C LYS D 340 -46.33 -4.68 10.17
N ARG D 341 -46.02 -3.98 9.07
CA ARG D 341 -45.08 -2.87 9.10
C ARG D 341 -45.79 -1.58 9.52
N PRO D 342 -45.45 -1.00 10.67
CA PRO D 342 -46.13 0.22 11.08
C PRO D 342 -45.82 1.43 10.20
N VAL D 343 -46.83 1.93 9.50
CA VAL D 343 -46.74 3.13 8.67
C VAL D 343 -47.50 4.25 9.36
N GLY D 344 -46.86 5.43 9.47
CA GLY D 344 -47.54 6.57 10.09
C GLY D 344 -46.64 7.77 10.28
N ASP D 345 -46.96 8.56 11.32
CA ASP D 345 -46.20 9.77 11.65
C ASP D 345 -44.74 9.41 11.94
N PRO D 346 -43.78 9.93 11.16
CA PRO D 346 -42.37 9.59 11.39
C PRO D 346 -41.90 9.83 12.81
N PHE D 347 -42.47 10.83 13.49
CA PHE D 347 -42.03 11.19 14.83
C PHE D 347 -42.57 10.29 15.92
N ASP D 348 -43.56 9.45 15.62
CA ASP D 348 -44.03 8.50 16.62
C ASP D 348 -43.01 7.36 16.75
N VAL D 349 -42.77 6.96 18.00
CA VAL D 349 -41.77 5.95 18.37
C VAL D 349 -41.81 4.71 17.48
N LYS D 350 -43.00 4.26 17.07
CA LYS D 350 -43.16 2.95 16.45
C LYS D 350 -43.33 3.01 14.94
N THR D 351 -43.10 4.15 14.30
CA THR D 351 -43.25 4.20 12.86
C THR D 351 -42.00 3.64 12.20
N GLU D 352 -42.20 2.65 11.34
CA GLU D 352 -41.10 2.08 10.56
C GLU D 352 -41.05 2.63 9.14
N GLN D 353 -42.15 3.20 8.66
CA GLN D 353 -42.27 3.68 7.29
C GLN D 353 -43.07 4.97 7.31
N GLY D 354 -42.47 6.06 6.83
CA GLY D 354 -43.16 7.33 6.76
C GLY D 354 -43.80 7.53 5.42
N PRO D 355 -44.04 8.78 5.04
CA PRO D 355 -44.58 9.07 3.71
C PRO D 355 -43.50 9.21 2.67
N GLN D 356 -43.88 8.95 1.43
CA GLN D 356 -42.96 9.20 0.32
C GLN D 356 -42.65 10.69 0.22
N ILE D 357 -41.61 11.02 -0.56
CA ILE D 357 -41.02 12.35 -0.48
C ILE D 357 -41.98 13.42 -0.99
N ASP D 358 -42.77 13.13 -2.03
CA ASP D 358 -43.62 14.16 -2.62
C ASP D 358 -44.62 13.50 -3.57
N GLN D 359 -45.46 14.35 -4.17
CA GLN D 359 -46.52 13.85 -5.05
C GLN D 359 -45.95 13.29 -6.35
N LYS D 360 -44.86 13.87 -6.86
CA LYS D 360 -44.25 13.34 -8.08
C LYS D 360 -43.81 11.89 -7.90
N GLN D 361 -43.08 11.61 -6.82
CA GLN D 361 -42.66 10.24 -6.53
C GLN D 361 -43.86 9.34 -6.30
N PHE D 362 -44.75 9.76 -5.40
CA PHE D 362 -45.97 9.03 -5.07
C PHE D 362 -46.66 8.48 -6.30
N ASP D 363 -46.89 9.32 -7.31
CA ASP D 363 -47.55 8.88 -8.52
C ASP D 363 -46.69 7.91 -9.31
N LYS D 364 -45.38 8.19 -9.39
CA LYS D 364 -44.45 7.25 -10.02
C LYS D 364 -44.63 5.85 -9.46
N ILE D 365 -44.75 5.75 -8.14
CA ILE D 365 -44.79 4.45 -7.48
C ILE D 365 -46.08 3.72 -7.80
N LEU D 366 -47.22 4.37 -7.60
CA LEU D 366 -48.49 3.73 -7.92
C LEU D 366 -48.58 3.35 -9.39
N GLU D 367 -47.99 4.16 -10.26
CA GLU D 367 -48.07 3.85 -11.68
C GLU D 367 -47.28 2.59 -12.02
N LEU D 368 -46.11 2.42 -11.38
CA LEU D 368 -45.35 1.19 -11.58
C LEU D 368 -46.02 -0.01 -10.92
N ILE D 369 -46.66 0.20 -9.76
CA ILE D 369 -47.45 -0.86 -9.14
C ILE D 369 -48.46 -1.41 -10.14
N GLU D 370 -49.26 -0.49 -10.71
CA GLU D 370 -50.34 -0.89 -11.62
C GLU D 370 -49.81 -1.66 -12.81
N SER D 371 -48.72 -1.16 -13.41
CA SER D 371 -48.15 -1.87 -14.55
C SER D 371 -47.86 -3.32 -14.22
N GLY D 372 -47.43 -3.57 -12.96
CA GLY D 372 -47.18 -4.94 -12.54
C GLY D 372 -48.42 -5.80 -12.60
N LYS D 373 -49.56 -5.26 -12.16
CA LYS D 373 -50.82 -6.00 -12.25
C LYS D 373 -51.20 -6.22 -13.71
N LYS D 374 -51.27 -5.12 -14.47
CA LYS D 374 -51.55 -5.18 -15.90
C LYS D 374 -50.65 -6.17 -16.64
N GLU D 375 -49.46 -6.46 -16.13
CA GLU D 375 -48.55 -7.35 -16.84
C GLU D 375 -48.53 -8.79 -16.31
N GLY D 376 -49.24 -9.09 -15.23
CA GLY D 376 -49.43 -10.46 -14.80
C GLY D 376 -48.77 -10.88 -13.51
N ALA D 377 -48.06 -10.00 -12.82
CA ALA D 377 -47.55 -10.37 -11.51
C ALA D 377 -48.73 -10.48 -10.52
N LYS D 378 -48.48 -11.25 -9.46
CA LYS D 378 -49.51 -11.61 -8.49
C LYS D 378 -49.36 -10.71 -7.27
N LEU D 379 -50.31 -9.80 -7.08
CA LEU D 379 -50.34 -9.01 -5.86
C LEU D 379 -50.56 -9.94 -4.67
N GLU D 380 -49.87 -9.68 -3.57
CA GLU D 380 -50.07 -10.44 -2.35
C GLU D 380 -50.37 -9.56 -1.15
N CYS D 381 -50.13 -8.26 -1.23
CA CYS D 381 -50.52 -7.30 -0.21
C CYS D 381 -50.25 -5.93 -0.80
N GLY D 382 -50.92 -4.92 -0.24
CA GLY D 382 -50.76 -3.55 -0.71
C GLY D 382 -51.34 -3.33 -2.10
N GLY D 383 -50.61 -2.55 -2.91
CA GLY D 383 -51.08 -2.15 -4.22
C GLY D 383 -51.92 -0.90 -4.26
N SER D 384 -51.88 -0.08 -3.21
CA SER D 384 -52.86 0.96 -2.99
C SER D 384 -52.21 2.09 -2.19
N ALA D 385 -52.88 3.22 -2.15
CA ALA D 385 -52.54 4.27 -1.18
C ALA D 385 -53.25 3.95 0.13
N MET D 386 -53.39 4.94 1.02
CA MET D 386 -54.13 4.73 2.25
C MET D 386 -55.08 5.89 2.53
N GLU D 387 -54.61 6.91 3.22
CA GLU D 387 -55.44 8.05 3.61
C GLU D 387 -55.07 9.25 2.72
N ASP D 388 -55.94 9.60 1.79
CA ASP D 388 -55.66 10.79 1.00
C ASP D 388 -56.42 11.98 1.55
N GLY D 390 -52.93 12.73 1.91
CA GLY D 390 -51.94 11.83 2.47
C GLY D 390 -51.07 11.15 1.41
N LEU D 391 -49.77 11.01 1.72
CA LEU D 391 -48.76 10.56 0.79
C LEU D 391 -48.23 9.16 1.10
N PHE D 392 -49.02 8.33 1.77
CA PHE D 392 -48.57 7.02 2.22
C PHE D 392 -48.99 5.93 1.25
N ILE D 393 -48.16 4.91 1.14
CA ILE D 393 -48.40 3.78 0.25
C ILE D 393 -48.30 2.48 1.05
N LYS D 394 -49.29 1.61 0.91
CA LYS D 394 -49.29 0.35 1.64
C LYS D 394 -48.10 -0.51 1.22
N PRO D 395 -47.41 -1.13 2.17
CA PRO D 395 -46.35 -2.09 1.81
C PRO D 395 -46.84 -3.13 0.81
N THR D 396 -46.16 -3.22 -0.33
CA THR D 396 -46.67 -3.98 -1.45
C THR D 396 -45.68 -5.08 -1.82
N VAL D 397 -46.18 -6.32 -1.91
CA VAL D 397 -45.40 -7.46 -2.37
C VAL D 397 -46.03 -7.99 -3.65
N PHE D 398 -45.19 -8.27 -4.64
CA PHE D 398 -45.59 -8.96 -5.86
C PHE D 398 -44.90 -10.31 -5.88
N SER D 399 -45.64 -11.37 -6.16
CA SER D 399 -45.04 -12.66 -6.46
C SER D 399 -45.15 -12.95 -7.95
N GLU D 400 -44.62 -14.10 -8.35
CA GLU D 400 -44.70 -14.58 -9.73
C GLU D 400 -44.19 -13.53 -10.72
N VAL D 401 -43.05 -12.95 -10.40
CA VAL D 401 -42.44 -11.90 -11.21
C VAL D 401 -41.45 -12.51 -12.19
N THR D 402 -41.40 -11.94 -13.41
CA THR D 402 -40.49 -12.37 -14.45
C THR D 402 -39.65 -11.18 -14.95
N ASP D 403 -38.57 -11.53 -15.68
CA ASP D 403 -37.50 -10.58 -16.00
C ASP D 403 -37.94 -9.51 -17.00
N ASN D 404 -38.88 -9.83 -17.89
CA ASN D 404 -39.39 -8.90 -18.88
C ASN D 404 -40.27 -7.80 -18.26
N MET D 405 -40.83 -8.06 -17.07
CA MET D 405 -41.76 -7.14 -16.45
C MET D 405 -41.09 -5.82 -16.09
N ARG D 406 -41.90 -4.77 -16.01
CA ARG D 406 -41.36 -3.46 -15.67
C ARG D 406 -40.95 -3.38 -14.22
N ILE D 407 -41.69 -4.02 -13.31
CA ILE D 407 -41.35 -3.97 -11.89
C ILE D 407 -40.07 -4.74 -11.64
N ALA D 408 -39.51 -5.32 -12.70
CA ALA D 408 -38.26 -6.06 -12.62
C ALA D 408 -37.12 -5.41 -13.40
N LYS D 409 -37.34 -4.26 -14.03
CA LYS D 409 -36.28 -3.61 -14.78
C LYS D 409 -36.12 -2.13 -14.41
N GLU D 410 -37.23 -1.46 -14.08
CA GLU D 410 -37.16 -0.06 -13.72
C GLU D 410 -37.04 0.10 -12.21
N GLU D 411 -36.18 1.03 -11.79
CA GLU D 411 -35.98 1.29 -10.36
C GLU D 411 -37.20 2.01 -9.79
N ILE D 412 -37.86 1.39 -8.81
CA ILE D 412 -39.13 1.89 -8.30
C ILE D 412 -38.93 3.00 -7.28
N PHE D 413 -37.92 2.89 -6.42
CA PHE D 413 -37.72 3.84 -5.32
C PHE D 413 -38.96 3.94 -4.42
N GLY D 414 -39.59 2.81 -4.17
CA GLY D 414 -40.80 2.78 -3.36
C GLY D 414 -40.99 1.47 -2.60
N PRO D 415 -41.97 1.43 -1.70
CA PRO D 415 -42.17 0.21 -0.89
C PRO D 415 -42.85 -0.90 -1.69
N VAL D 416 -42.10 -1.49 -2.62
CA VAL D 416 -42.62 -2.56 -3.48
C VAL D 416 -41.57 -3.66 -3.59
N GLN D 417 -41.92 -4.88 -3.16
CA GLN D 417 -40.96 -5.98 -3.17
C GLN D 417 -41.34 -7.03 -4.20
N PRO D 418 -40.67 -7.07 -5.34
CA PRO D 418 -40.99 -8.09 -6.35
C PRO D 418 -40.14 -9.34 -6.23
N ILE D 419 -40.78 -10.50 -6.10
CA ILE D 419 -40.07 -11.75 -5.86
C ILE D 419 -40.05 -12.58 -7.14
N LEU D 420 -38.86 -12.99 -7.56
CA LEU D 420 -38.62 -13.86 -8.70
C LEU D 420 -38.15 -15.23 -8.23
N LYS D 421 -38.03 -16.14 -9.19
CA LYS D 421 -37.88 -17.58 -8.97
C LYS D 421 -36.74 -18.10 -9.83
N PHE D 422 -35.98 -19.08 -9.33
CA PHE D 422 -34.86 -19.58 -10.09
C PHE D 422 -34.49 -20.97 -9.61
N LYS D 423 -33.66 -21.65 -10.40
CA LYS D 423 -33.32 -23.04 -10.14
C LYS D 423 -31.82 -23.27 -9.99
N SER D 424 -31.01 -22.83 -10.95
CA SER D 424 -29.60 -23.15 -10.92
C SER D 424 -28.76 -21.90 -10.70
N ILE D 425 -27.57 -22.11 -10.17
CA ILE D 425 -26.69 -21.00 -9.83
C ILE D 425 -26.23 -20.31 -11.10
N GLU D 426 -25.80 -21.07 -12.11
CA GLU D 426 -25.34 -20.40 -13.33
C GLU D 426 -26.51 -19.71 -14.03
N GLU D 427 -27.73 -20.17 -13.82
CA GLU D 427 -28.88 -19.43 -14.31
C GLU D 427 -29.04 -18.11 -13.56
N VAL D 428 -28.91 -18.13 -12.24
CA VAL D 428 -29.13 -16.91 -11.47
C VAL D 428 -28.10 -15.85 -11.81
N ILE D 429 -26.83 -16.23 -12.03
CA ILE D 429 -25.79 -15.27 -12.32
C ILE D 429 -26.13 -14.45 -13.56
N LYS D 430 -26.49 -15.13 -14.66
CA LYS D 430 -26.78 -14.43 -15.91
C LYS D 430 -28.00 -13.53 -15.75
N ARG D 431 -29.04 -14.01 -15.09
CA ARG D 431 -30.22 -13.17 -14.92
C ARG D 431 -29.90 -11.93 -14.08
N ALA D 432 -29.08 -12.07 -13.05
CA ALA D 432 -28.78 -10.92 -12.18
C ALA D 432 -27.89 -9.91 -12.88
N ASN D 433 -26.93 -10.37 -13.66
CA ASN D 433 -26.07 -9.42 -14.36
C ASN D 433 -26.73 -8.80 -15.60
N SER D 434 -28.01 -9.09 -15.85
CA SER D 434 -28.67 -8.68 -17.08
C SER D 434 -29.07 -7.21 -17.14
N THR D 435 -28.87 -6.45 -16.08
CA THR D 435 -29.16 -5.02 -16.16
C THR D 435 -27.94 -4.26 -16.66
N ASP D 436 -28.16 -2.99 -16.96
CA ASP D 436 -27.06 -2.05 -17.12
C ASP D 436 -26.60 -1.48 -15.78
N TYR D 437 -27.23 -1.88 -14.69
CA TYR D 437 -26.89 -1.41 -13.36
C TYR D 437 -25.92 -2.40 -12.69
N GLY D 438 -25.43 -2.02 -11.51
CA GLY D 438 -24.43 -2.82 -10.82
C GLY D 438 -23.96 -2.21 -9.53
N LEU D 439 -24.89 -1.67 -8.74
CA LEU D 439 -24.51 -1.04 -7.47
C LEU D 439 -24.28 -2.07 -6.39
N THR D 440 -25.23 -2.98 -6.20
CA THR D 440 -25.36 -3.73 -4.97
C THR D 440 -25.92 -5.12 -5.28
N ALA D 441 -25.49 -6.10 -4.48
CA ALA D 441 -26.03 -7.46 -4.53
C ALA D 441 -25.94 -8.08 -3.14
N ALA D 442 -26.80 -9.06 -2.89
CA ALA D 442 -26.83 -9.78 -1.62
C ALA D 442 -27.10 -11.25 -1.87
N VAL D 443 -26.38 -12.13 -1.19
CA VAL D 443 -26.53 -13.58 -1.38
C VAL D 443 -26.73 -14.22 -0.02
N PHE D 444 -27.69 -15.14 0.08
CA PHE D 444 -27.97 -15.85 1.33
C PHE D 444 -27.81 -17.34 1.10
N THR D 445 -26.88 -17.95 1.83
CA THR D 445 -26.60 -19.38 1.77
C THR D 445 -25.64 -19.70 2.91
N LYS D 446 -25.59 -20.97 3.28
CA LYS D 446 -24.58 -21.43 4.21
C LYS D 446 -23.45 -22.18 3.53
N ASN D 447 -23.51 -22.31 2.21
CA ASN D 447 -22.59 -23.14 1.46
C ASN D 447 -21.35 -22.32 1.10
N LEU D 448 -20.19 -22.79 1.54
CA LEU D 448 -18.98 -21.99 1.39
C LEU D 448 -18.71 -21.70 -0.09
N ASP D 449 -18.75 -22.74 -0.92
CA ASP D 449 -18.38 -22.56 -2.32
C ASP D 449 -19.42 -21.74 -3.06
N LYS D 450 -20.71 -22.02 -2.82
CA LYS D 450 -21.80 -21.27 -3.45
C LYS D 450 -21.67 -19.78 -3.14
N ALA D 451 -21.41 -19.44 -1.88
CA ALA D 451 -21.23 -18.04 -1.50
C ALA D 451 -20.13 -17.38 -2.31
N LEU D 452 -18.95 -18.00 -2.33
CA LEU D 452 -17.80 -17.36 -2.94
C LEU D 452 -17.92 -17.32 -4.47
N LYS D 453 -18.45 -18.39 -5.07
CA LYS D 453 -18.66 -18.37 -6.51
C LYS D 453 -19.51 -17.17 -6.90
N LEU D 454 -20.60 -16.94 -6.18
CA LEU D 454 -21.50 -15.83 -6.51
C LEU D 454 -20.84 -14.48 -6.27
N ALA D 455 -20.13 -14.31 -5.15
CA ALA D 455 -19.44 -13.05 -4.89
C ALA D 455 -18.53 -12.67 -6.05
N SER D 456 -17.91 -13.67 -6.69
CA SER D 456 -17.00 -13.36 -7.79
C SER D 456 -17.73 -13.05 -9.09
N ALA D 457 -18.90 -13.65 -9.30
CA ALA D 457 -19.54 -13.55 -10.60
C ALA D 457 -20.51 -12.39 -10.70
N LEU D 458 -21.05 -11.92 -9.57
CA LEU D 458 -22.01 -10.83 -9.62
C LEU D 458 -21.28 -9.55 -9.95
N GLU D 459 -21.70 -8.91 -11.05
CA GLU D 459 -21.13 -7.64 -11.50
C GLU D 459 -21.81 -6.52 -10.71
N SER D 460 -21.35 -6.38 -9.46
CA SER D 460 -21.88 -5.42 -8.51
C SER D 460 -20.75 -4.87 -7.65
N GLY D 461 -20.92 -3.60 -7.26
CA GLY D 461 -19.91 -2.93 -6.45
C GLY D 461 -19.81 -3.44 -5.03
N THR D 462 -20.91 -3.98 -4.49
CA THR D 462 -20.93 -4.50 -3.14
C THR D 462 -21.77 -5.77 -3.16
N VAL D 463 -21.18 -6.86 -2.68
CA VAL D 463 -21.87 -8.12 -2.52
C VAL D 463 -21.94 -8.38 -1.03
N TRP D 464 -23.14 -8.37 -0.48
CA TRP D 464 -23.36 -8.78 0.89
C TRP D 464 -23.67 -10.26 0.94
N ILE D 465 -23.17 -10.94 1.98
CA ILE D 465 -23.44 -12.35 2.21
C ILE D 465 -24.04 -12.50 3.59
N ASN D 466 -25.28 -13.01 3.64
CA ASN D 466 -26.02 -13.19 4.89
C ASN D 466 -26.20 -11.88 5.66
N CYS D 467 -26.37 -10.79 4.93
CA CYS D 467 -26.68 -9.47 5.49
C CYS D 467 -27.11 -8.57 4.35
N TYR D 468 -27.63 -7.40 4.72
CA TYR D 468 -28.02 -6.39 3.76
C TYR D 468 -27.78 -5.02 4.40
N ASN D 469 -27.47 -4.04 3.56
CA ASN D 469 -27.29 -2.65 4.03
C ASN D 469 -26.22 -2.57 5.10
N ALA D 470 -25.16 -3.36 4.94
CA ALA D 470 -24.08 -3.45 5.91
C ALA D 470 -22.96 -2.51 5.43
N LEU D 471 -22.98 -1.27 5.92
CA LEU D 471 -22.13 -0.22 5.39
C LEU D 471 -21.16 0.24 6.46
N TYR D 472 -19.93 0.54 6.06
CA TYR D 472 -18.90 0.97 6.99
C TYR D 472 -18.12 2.10 6.34
N ALA D 473 -17.76 3.09 7.14
CA ALA D 473 -16.95 4.17 6.59
C ALA D 473 -15.67 3.67 5.94
N GLN D 474 -15.21 2.45 6.27
CA GLN D 474 -13.92 1.96 5.83
C GLN D 474 -14.02 0.99 4.66
N ALA D 475 -15.23 0.63 4.24
CA ALA D 475 -15.43 -0.19 3.07
C ALA D 475 -15.96 0.66 1.94
N PRO D 476 -15.33 0.64 0.76
CA PRO D 476 -15.74 1.56 -0.31
C PRO D 476 -17.07 1.15 -0.90
N PHE D 477 -17.63 2.08 -1.66
CA PHE D 477 -19.00 1.96 -2.15
C PHE D 477 -19.15 2.74 -3.45
N GLY D 478 -19.84 2.14 -4.40
CA GLY D 478 -19.95 2.67 -5.74
C GLY D 478 -20.33 1.58 -6.70
N GLY D 479 -20.60 1.99 -7.94
CA GLY D 479 -21.21 1.10 -8.91
C GLY D 479 -20.26 0.53 -9.94
N PHE D 480 -20.53 -0.72 -10.33
CA PHE D 480 -20.13 -1.24 -11.63
C PHE D 480 -21.05 -0.68 -12.70
N LYS D 481 -20.52 -0.60 -13.92
CA LYS D 481 -21.30 -0.37 -15.14
C LYS D 481 -22.03 0.98 -15.02
N MET D 482 -23.34 1.05 -15.26
CA MET D 482 -24.02 2.33 -15.27
C MET D 482 -24.48 2.77 -13.88
N SER D 483 -24.14 2.02 -12.84
CA SER D 483 -24.49 2.49 -11.51
C SER D 483 -23.55 3.56 -10.98
N GLY D 484 -22.40 3.75 -11.60
CA GLY D 484 -21.58 4.87 -11.22
C GLY D 484 -20.15 4.67 -11.66
N ASN D 485 -19.29 5.55 -11.17
CA ASN D 485 -17.90 5.59 -11.63
C ASN D 485 -16.92 5.33 -10.51
N GLY D 486 -16.69 6.26 -9.58
CA GLY D 486 -15.64 6.07 -8.58
C GLY D 486 -16.08 5.30 -7.36
N ARG D 487 -15.50 5.63 -6.22
CA ARG D 487 -15.86 4.98 -4.97
C ARG D 487 -15.96 6.04 -3.87
N GLU D 488 -16.91 5.87 -2.97
CA GLU D 488 -16.93 6.65 -1.75
C GLU D 488 -16.73 5.72 -0.56
N LEU D 489 -16.11 6.26 0.48
CA LEU D 489 -15.77 5.59 1.74
C LEU D 489 -14.53 4.72 1.59
N GLY D 490 -13.95 4.29 2.72
CA GLY D 490 -12.73 3.52 2.73
C GLY D 490 -11.55 4.33 2.21
N GLU D 491 -10.42 3.64 2.06
CA GLU D 491 -9.24 4.31 1.51
C GLU D 491 -9.44 4.72 0.06
N TYR D 492 -10.25 3.97 -0.71
CA TYR D 492 -10.40 4.29 -2.13
C TYR D 492 -11.01 5.66 -2.36
N ALA D 493 -11.74 6.19 -1.38
CA ALA D 493 -12.35 7.51 -1.56
C ALA D 493 -11.28 8.60 -1.72
N LEU D 494 -10.07 8.38 -1.22
CA LEU D 494 -9.07 9.42 -1.32
C LEU D 494 -8.57 9.57 -2.76
N ALA D 495 -8.56 8.47 -3.51
CA ALA D 495 -8.20 8.53 -4.92
C ALA D 495 -8.91 9.67 -5.63
N GLU D 496 -10.21 9.86 -5.33
CA GLU D 496 -11.07 10.75 -6.10
C GLU D 496 -10.90 12.22 -5.72
N TYR D 497 -10.19 12.51 -4.63
CA TYR D 497 -10.01 13.88 -4.17
C TYR D 497 -8.54 14.30 -4.13
N THR D 498 -7.68 13.62 -4.89
CA THR D 498 -6.29 13.99 -4.96
C THR D 498 -5.79 13.89 -6.40
N GLU D 499 -4.70 14.60 -6.67
CA GLU D 499 -4.00 14.50 -7.95
C GLU D 499 -2.57 14.00 -7.75
N VAL D 500 -2.17 13.05 -8.61
CA VAL D 500 -0.85 12.40 -8.56
C VAL D 500 0.14 13.22 -9.37
N LYS D 501 1.16 13.74 -8.71
CA LYS D 501 2.28 14.41 -9.36
C LYS D 501 3.54 13.59 -9.18
N THR D 502 4.30 13.43 -10.27
CA THR D 502 5.62 12.83 -10.22
C THR D 502 6.72 13.89 -10.24
N VAL D 503 7.64 13.77 -9.30
CA VAL D 503 8.80 14.63 -9.21
C VAL D 503 10.04 13.77 -9.43
N THR D 504 10.70 14.00 -10.55
CA THR D 504 11.87 13.23 -10.93
C THR D 504 13.09 14.15 -10.92
N ILE D 505 14.11 13.77 -10.15
CA ILE D 505 15.32 14.57 -10.00
C ILE D 505 16.51 13.79 -10.53
N LYS D 506 17.29 14.41 -11.42
CA LYS D 506 18.57 13.86 -11.86
C LYS D 506 19.71 14.39 -10.99
N LEU D 507 20.65 13.51 -10.67
CA LEU D 507 21.85 13.91 -9.96
C LEU D 507 23.11 13.85 -10.84
#